data_7V02
#
_entry.id   7V02
#
loop_
_entity.id
_entity.type
_entity.pdbx_description
1 polymer 'CRISPR system Cms endoribonuclease Csm3'
2 polymer 'CRISPR system Cms protein Csm5'
3 polymer 'CRISPR system single-strand-specific deoxyribonuclease Cas10/Csm1 (subtype III-A)'
4 polymer 'RNA (37-MER)'
5 polymer 'CRISPR system Cms protein Csm4'
6 polymer 'CRISPR system Cms protein Csm2'
#
loop_
_entity_poly.entity_id
_entity_poly.type
_entity_poly.pdbx_seq_one_letter_code
_entity_poly.pdbx_strand_id
1 'polypeptide(L)'
;MYSKIKISGTIEVVTGLHIGGGGESSMIGAIDSPVVRDLQTKLPIIPGSSIKGKMRNLLAKHFGLKMKQESHNQDDERVL
RLFGSSEKGNIQRARLQISDAFFSEKTKEHFAQNDIAYTETKFENTINRLTAVANPRQIERVTRGSEFDFVFIYNVDEES
QVEDDFENIEKAIHLLENDYLGGGGTRGNGRIQFKDTNIETVVGEYDSTNLKIK
;
A,B,C
2 'polypeptide(L)'
;MTIKNYEVVIKTLGPIHIGSGQVMKKQDYIYDFYNSKVYMINGNKLVKFLKRKNLLYTYQNFLRYPPKNPRENGLKDYLD
AQNVKQSEWEAFVSYSEKVNQGKKYGNTRPKPLNDLHLMVRDGQNKVYLPGSSIKGAIKTTLVSKYNNEKNKDIYSKIKV
SDSKPIDESNLAIYQKIDINKSEKSMPLYRECIDVNTEIKFKLTIEDEIYSINEIEQSIQDFYKNYYDKWLVGFKETKGG
RRFALEGGIPDVLNQNILFLGAGTGFVSKTTHYQLKNRKQAKQDSFEILTKKFRGTYGKMKEIPSNVPVALKGTTNQSRH
TSYQQGMCKVSFQELNNEVL
;
E
3 'polypeptide(L)'
;MNKKNILMYGSLLHDIGKIIYRSGDHTFSRGTHSKLGHQFLSQFSEFKDNEVLDNVAYHHYKELAKANLDNDNTAYITYI
ADNIASGIDRRDIIEEGDEEYEKQLFNFDKYTPLYSVFNIVNSEKLKQTNGKFKFSNESNIEYPKTENIQYSSGNYTTLM
KDMSHDLEHKLSIKEGTFPSLLQWTESLWQYVPSSTNKNQLIDISLYDHSRITCAIASCIFDYLNENNIHNYKDELFSKY
ENTKSFYQKEAFLLLSMDMSGIQDFIYNISGSKALKSLRSRSFYLELMLEVIVDQLLERLELARANLLYTGGGHAYLLVS
NTDKVKKKITQFNNELKKWFMSEFTTDLSLSMAFEKCSGDDLMNTSGNYRTIWRNVSSKLSDIKAHKYSAEDILKLNHFH
SYGDRECKECLRSDIDINDDGLCSICEGIINISNDLRDKSFFVLSETGKLKMPFNKFISVIDYEEAEMLVQNNNQVRIYS
KNKPYIGIGISTNLWMCDYDYASQNQDMREKGIGSYVDREEGVKRLGVVRADIDNLGATFISGIPEKYNSISRTATLSRQ
LSLFFKYELNHLLENYQITAIYSGGDDLFLIGAWDDIIEASIYINDKFKEFTLDKLTLSAGVGMFSGKYPVSKMAFETGR
LEEAAKTGEKNQISLWLQEKVYNWDEFKKNILEEKLLVLQQGFSQTDEHGKAFIYKMLALLRNNEAINIARLAYLLARSK
MNEDFTSKIFNWAQNDKDKNQLITALEYYIYQIREAD
;
F
4 'polyribonucleotide' ACGAGAACACGUAUGCCGAAGUAUAUAAAUCAUCAGU G
5 'polypeptide(L)'
;MTLATKVFKLSFKTPVHFGKKRLSDGEMTITADTLFSALFIETLQLGKDTDWLLNDLIISDTFPYENELYYLPKPLIKID
SKEEDNHKAFKKLKYVPVHHYNQYLNGELSAEDATDLNDIFNIGYFSLQTKVSLIAQETDSSADSEPYSVGTFTFEPEAG
LYFIAKGSEETLDHLNNIMTALQYSGLGGKRNAGYGQFEYEIINNQQLSKLLNQNGKHSILLSTAMAKKEEIESALKEAR
YILTKRSGFVQSTNYSEMLVKKSDFYSFSSGSVFKNIFNGDIFNVGHNGKHPVYRYAKPLWLEV
;
H
6 'polypeptide(L)'
;MTFAHEVVKSNVKNVKDRKGKEKQVLFNGLTTSKLRNLMEQVNRLYTIAFNSNEDQLNEEFIDELEYLKIKFYYEAGREK
SVDEFLKKTLMFPIIDRVIKKESKKFFLDYCKYFEALVAYAKYYQKED
;
I,K
#
loop_
_chem_comp.id
_chem_comp.type
_chem_comp.name
_chem_comp.formula
A RNA linking ADENOSINE-5'-MONOPHOSPHATE 'C10 H14 N5 O7 P'
C RNA linking CYTIDINE-5'-MONOPHOSPHATE 'C9 H14 N3 O8 P'
G RNA linking GUANOSINE-5'-MONOPHOSPHATE 'C10 H14 N5 O8 P'
U RNA linking URIDINE-5'-MONOPHOSPHATE 'C9 H13 N2 O9 P'
#
# COMPACT_ATOMS: atom_id res chain seq x y z
N TYR A 2 -33.11 -14.36 18.65
CA TYR A 2 -32.06 -13.57 18.04
C TYR A 2 -32.63 -12.24 17.58
N SER A 3 -32.25 -11.16 18.23
CA SER A 3 -32.67 -9.82 17.85
C SER A 3 -31.48 -8.89 17.85
N LYS A 4 -31.60 -7.81 17.07
CA LYS A 4 -30.55 -6.80 16.98
C LYS A 4 -31.15 -5.44 17.26
N ILE A 5 -30.46 -4.64 18.05
CA ILE A 5 -30.94 -3.33 18.49
C ILE A 5 -30.01 -2.27 17.94
N LYS A 6 -30.60 -1.27 17.28
CA LYS A 6 -29.86 -0.22 16.61
C LYS A 6 -29.84 1.00 17.52
N ILE A 7 -28.68 1.65 17.61
CA ILE A 7 -28.53 2.85 18.42
C ILE A 7 -28.11 3.97 17.49
N SER A 8 -28.85 5.07 17.51
CA SER A 8 -28.65 6.13 16.55
C SER A 8 -28.56 7.46 17.28
N GLY A 9 -27.89 8.41 16.64
CA GLY A 9 -27.78 9.74 17.21
C GLY A 9 -26.84 10.59 16.39
N THR A 10 -26.39 11.69 16.99
CA THR A 10 -25.43 12.57 16.35
C THR A 10 -24.33 12.94 17.34
N ILE A 11 -23.13 13.13 16.82
CA ILE A 11 -21.99 13.60 17.59
C ILE A 11 -21.74 15.06 17.23
N GLU A 12 -21.70 15.92 18.24
CA GLU A 12 -21.48 17.34 18.04
C GLU A 12 -20.09 17.70 18.55
N VAL A 13 -19.28 18.29 17.69
CA VAL A 13 -17.91 18.63 18.03
C VAL A 13 -17.90 19.88 18.89
N VAL A 14 -17.29 19.78 20.07
CA VAL A 14 -17.24 20.88 21.01
C VAL A 14 -16.05 21.74 20.65
N THR A 15 -14.88 21.13 20.68
CA THR A 15 -13.64 21.76 20.25
C THR A 15 -13.06 20.94 19.11
N GLY A 16 -12.30 21.62 18.25
CA GLY A 16 -11.77 21.02 17.05
C GLY A 16 -11.21 19.62 17.22
N LEU A 17 -11.49 18.75 16.26
CA LEU A 17 -11.12 17.34 16.34
C LEU A 17 -10.10 17.03 15.25
N HIS A 18 -9.09 16.25 15.61
CA HIS A 18 -8.07 15.79 14.67
C HIS A 18 -7.91 14.28 14.81
N ILE A 19 -8.70 13.53 14.06
CA ILE A 19 -8.35 12.14 13.84
C ILE A 19 -7.12 12.06 12.96
N GLY A 20 -7.25 12.46 11.70
CA GLY A 20 -6.08 12.66 10.86
C GLY A 20 -5.20 11.46 10.61
N GLY A 21 -5.77 10.36 10.14
CA GLY A 21 -4.98 9.17 9.85
C GLY A 21 -4.08 9.28 8.65
N GLY A 22 -4.17 10.35 7.88
CA GLY A 22 -3.39 10.46 6.66
C GLY A 22 -1.91 10.61 6.92
N GLY A 23 -1.53 11.14 8.09
CA GLY A 23 -0.14 11.31 8.44
C GLY A 23 0.13 11.17 9.92
N ASP A 32 -0.32 20.00 5.35
CA ASP A 32 0.22 18.85 6.05
C ASP A 32 -0.62 18.52 7.27
N SER A 33 -0.40 17.34 7.84
CA SER A 33 -1.18 16.82 8.96
C SER A 33 -2.68 16.93 8.68
N PRO A 34 -3.19 16.27 7.64
CA PRO A 34 -4.60 16.42 7.29
C PRO A 34 -5.47 15.44 8.05
N VAL A 35 -6.79 15.57 7.91
CA VAL A 35 -7.73 14.74 8.63
C VAL A 35 -8.26 13.69 7.66
N VAL A 36 -8.74 12.57 8.22
CA VAL A 36 -9.36 11.55 7.39
C VAL A 36 -10.56 12.12 6.67
N ARG A 37 -10.69 11.77 5.40
CA ARG A 37 -11.76 12.29 4.57
C ARG A 37 -12.30 11.18 3.68
N ASP A 38 -13.62 11.14 3.52
CA ASP A 38 -14.21 10.23 2.55
C ASP A 38 -13.79 10.63 1.15
N LEU A 39 -13.62 9.63 0.29
CA LEU A 39 -13.17 9.90 -1.06
C LEU A 39 -14.31 10.09 -2.04
N GLN A 40 -15.55 10.06 -1.55
CA GLN A 40 -16.71 10.33 -2.38
C GLN A 40 -17.31 11.69 -2.10
N THR A 41 -17.11 12.23 -0.90
CA THR A 41 -17.64 13.52 -0.53
C THR A 41 -16.56 14.54 -0.16
N LYS A 42 -15.35 14.09 0.10
CA LYS A 42 -14.24 14.96 0.50
C LYS A 42 -14.54 15.69 1.80
N LEU A 43 -15.13 14.97 2.75
CA LEU A 43 -15.50 15.54 4.02
C LEU A 43 -14.91 14.70 5.15
N PRO A 44 -14.68 15.29 6.31
CA PRO A 44 -14.03 14.55 7.39
C PRO A 44 -14.92 13.45 7.92
N ILE A 45 -14.30 12.38 8.40
CA ILE A 45 -15.03 11.27 8.98
C ILE A 45 -14.39 10.91 10.32
N ILE A 46 -15.17 10.20 11.14
CA ILE A 46 -14.64 9.59 12.35
C ILE A 46 -14.65 8.09 12.17
N PRO A 47 -13.50 7.46 11.97
CA PRO A 47 -13.49 6.00 11.83
C PRO A 47 -14.02 5.33 13.07
N GLY A 48 -14.78 4.26 12.85
CA GLY A 48 -15.38 3.56 13.96
C GLY A 48 -14.35 2.90 14.85
N SER A 49 -13.18 2.60 14.30
CA SER A 49 -12.12 2.07 15.14
C SER A 49 -11.74 3.06 16.22
N SER A 50 -11.84 4.35 15.95
CA SER A 50 -11.53 5.34 16.97
C SER A 50 -12.49 5.23 18.14
N ILE A 51 -13.80 5.18 17.85
CA ILE A 51 -14.79 5.06 18.91
C ILE A 51 -14.58 3.76 19.69
N LYS A 52 -14.44 2.64 18.97
CA LYS A 52 -14.30 1.38 19.67
C LYS A 52 -13.06 1.36 20.54
N GLY A 53 -11.95 1.88 20.03
CA GLY A 53 -10.73 1.84 20.79
C GLY A 53 -10.77 2.72 22.02
N LYS A 54 -11.30 3.93 21.88
CA LYS A 54 -11.32 4.79 23.06
C LYS A 54 -12.29 4.26 24.11
N MET A 55 -13.44 3.73 23.68
CA MET A 55 -14.33 3.13 24.66
C MET A 55 -13.68 1.94 25.33
N ARG A 56 -13.07 1.06 24.53
CA ARG A 56 -12.29 -0.05 25.05
C ARG A 56 -11.34 0.42 26.12
N ASN A 57 -10.46 1.36 25.76
CA ASN A 57 -9.39 1.75 26.66
C ASN A 57 -9.93 2.36 27.93
N LEU A 58 -10.88 3.28 27.83
CA LEU A 58 -11.20 3.99 29.04
C LEU A 58 -12.06 3.11 29.95
N LEU A 59 -12.99 2.36 29.37
CA LEU A 59 -13.81 1.49 30.21
C LEU A 59 -12.99 0.33 30.76
N ALA A 60 -11.91 -0.04 30.08
CA ALA A 60 -10.97 -0.98 30.68
C ALA A 60 -10.28 -0.37 31.87
N LYS A 61 -9.71 0.82 31.69
CA LYS A 61 -9.01 1.47 32.79
C LYS A 61 -9.95 1.77 33.95
N HIS A 62 -11.24 1.81 33.71
CA HIS A 62 -12.20 1.89 34.80
C HIS A 62 -12.01 0.74 35.78
N PHE A 63 -12.13 -0.47 35.28
CA PHE A 63 -12.13 -1.63 36.16
C PHE A 63 -10.69 -2.02 36.43
N GLY A 64 -10.50 -3.20 37.01
CA GLY A 64 -9.15 -3.68 37.27
C GLY A 64 -8.34 -3.79 36.01
N LEU A 65 -7.09 -3.31 36.07
CA LEU A 65 -6.15 -3.41 34.92
C LEU A 65 -4.73 -3.43 35.49
N LYS A 66 -4.27 -4.59 35.99
CA LYS A 66 -2.95 -4.68 36.65
C LYS A 66 -1.81 -4.62 35.62
N MET A 67 -0.57 -4.49 36.09
CA MET A 67 0.61 -4.42 35.17
C MET A 67 0.71 -5.72 34.37
N LYS A 68 0.44 -6.86 35.00
CA LYS A 68 0.44 -8.17 34.27
C LYS A 68 -0.65 -8.13 33.20
N GLN A 69 -1.85 -7.67 33.55
CA GLN A 69 -2.96 -7.55 32.57
C GLN A 69 -2.52 -6.62 31.44
N GLU A 70 -1.86 -5.50 31.77
CA GLU A 70 -1.39 -4.53 30.75
C GLU A 70 -0.38 -5.19 29.82
N SER A 71 0.61 -5.90 30.36
CA SER A 71 1.68 -6.51 29.53
C SER A 71 1.11 -7.57 28.59
N HIS A 72 0.17 -8.40 29.09
CA HIS A 72 -0.38 -9.51 28.25
C HIS A 72 -1.66 -9.07 27.54
N ASN A 73 -2.02 -7.78 27.64
CA ASN A 73 -3.24 -7.24 27.00
C ASN A 73 -4.49 -7.96 27.52
N GLN A 74 -4.46 -8.48 28.75
CA GLN A 74 -5.65 -9.11 29.37
C GLN A 74 -6.56 -8.02 29.91
N ASP A 75 -7.88 -8.25 29.92
CA ASP A 75 -8.82 -7.19 30.37
C ASP A 75 -9.93 -7.79 31.24
N ASP A 76 -10.97 -7.01 31.53
CA ASP A 76 -12.05 -7.45 32.40
C ASP A 76 -13.02 -8.32 31.61
N GLU A 77 -13.63 -9.27 32.31
CA GLU A 77 -14.39 -10.30 31.62
C GLU A 77 -15.55 -9.71 30.84
N ARG A 78 -16.22 -8.70 31.41
CA ARG A 78 -17.43 -8.18 30.79
C ARG A 78 -17.17 -7.07 29.78
N VAL A 79 -16.13 -6.27 29.94
CA VAL A 79 -15.71 -5.44 28.82
C VAL A 79 -15.29 -6.31 27.64
N LEU A 80 -14.57 -7.38 27.92
CA LEU A 80 -14.22 -8.34 26.89
C LEU A 80 -15.46 -8.92 26.24
N ARG A 81 -16.46 -9.25 27.05
CA ARG A 81 -17.71 -9.76 26.51
C ARG A 81 -18.34 -8.74 25.56
N LEU A 82 -18.35 -7.47 25.95
CA LEU A 82 -19.00 -6.46 25.13
C LEU A 82 -18.26 -6.26 23.81
N PHE A 83 -16.93 -6.28 23.84
CA PHE A 83 -16.15 -5.93 22.66
C PHE A 83 -15.46 -7.12 22.01
N GLY A 84 -15.48 -8.29 22.64
CA GLY A 84 -14.92 -9.48 22.03
C GLY A 84 -13.41 -9.54 22.10
N SER A 85 -12.87 -10.71 22.39
CA SER A 85 -11.43 -10.93 22.38
C SER A 85 -11.04 -11.93 21.29
N SER A 86 -11.56 -13.15 21.38
CA SER A 86 -11.31 -14.19 20.38
C SER A 86 -9.85 -14.24 19.96
N GLU A 87 -8.97 -14.25 20.96
CA GLU A 87 -7.55 -14.40 20.72
C GLU A 87 -7.02 -15.74 21.21
N LYS A 88 -7.25 -16.04 22.50
CA LYS A 88 -6.81 -17.33 23.10
C LYS A 88 -7.81 -17.75 24.19
N GLY A 89 -7.39 -18.63 25.11
CA GLY A 89 -8.24 -19.06 26.24
C GLY A 89 -9.65 -19.42 25.82
N ASN A 90 -10.64 -18.64 26.27
CA ASN A 90 -12.05 -18.87 25.83
C ASN A 90 -12.41 -17.81 24.79
N ILE A 91 -12.84 -18.25 23.60
CA ILE A 91 -13.16 -17.29 22.50
C ILE A 91 -14.54 -16.68 22.77
N GLN A 92 -14.60 -15.35 22.89
CA GLN A 92 -15.89 -14.68 23.00
C GLN A 92 -16.07 -13.82 21.76
N ARG A 93 -17.04 -14.17 20.94
CA ARG A 93 -17.32 -13.38 19.75
C ARG A 93 -17.86 -12.03 20.16
N ALA A 94 -17.45 -11.01 19.44
CA ALA A 94 -17.84 -9.65 19.78
C ALA A 94 -19.35 -9.51 19.75
N ARG A 95 -19.84 -8.44 20.38
CA ARG A 95 -21.28 -8.27 20.56
C ARG A 95 -21.79 -6.89 20.24
N LEU A 96 -20.96 -5.85 20.28
CA LEU A 96 -21.36 -4.50 19.90
C LEU A 96 -20.55 -4.08 18.69
N GLN A 97 -21.24 -3.74 17.62
CA GLN A 97 -20.61 -3.36 16.36
C GLN A 97 -20.67 -1.85 16.24
N ILE A 98 -19.51 -1.22 16.25
CA ILE A 98 -19.41 0.24 16.18
C ILE A 98 -19.15 0.59 14.72
N SER A 99 -20.01 1.41 14.13
CA SER A 99 -19.82 1.82 12.76
C SER A 99 -19.07 3.15 12.72
N ASP A 100 -18.82 3.63 11.51
CA ASP A 100 -18.18 4.92 11.38
C ASP A 100 -19.22 6.01 11.57
N ALA A 101 -18.77 7.26 11.58
CA ALA A 101 -19.63 8.40 11.68
C ALA A 101 -19.36 9.30 10.49
N PHE A 102 -20.42 9.87 9.94
CA PHE A 102 -20.30 10.60 8.68
C PHE A 102 -20.91 11.98 8.83
N PHE A 103 -20.36 12.91 8.05
CA PHE A 103 -20.65 14.32 8.20
C PHE A 103 -22.09 14.57 7.77
N SER A 104 -22.92 15.08 8.69
CA SER A 104 -24.35 15.09 8.49
C SER A 104 -24.78 16.16 7.48
N GLU A 105 -25.96 15.95 6.89
CA GLU A 105 -26.47 16.87 5.89
C GLU A 105 -27.03 18.14 6.48
N LYS A 106 -27.53 18.09 7.72
CA LYS A 106 -28.00 19.30 8.38
C LYS A 106 -26.87 20.29 8.54
N THR A 107 -25.74 19.85 9.10
CA THR A 107 -24.61 20.75 9.27
C THR A 107 -24.01 21.12 7.92
N LYS A 108 -24.16 20.27 6.91
CA LYS A 108 -23.68 20.63 5.59
C LYS A 108 -24.46 21.81 5.04
N GLU A 109 -25.79 21.75 5.14
CA GLU A 109 -26.60 22.90 4.73
C GLU A 109 -26.24 24.12 5.56
N HIS A 110 -26.08 23.95 6.86
CA HIS A 110 -25.74 25.07 7.74
C HIS A 110 -24.49 25.79 7.26
N PHE A 111 -23.37 25.06 7.16
CA PHE A 111 -22.11 25.69 6.82
C PHE A 111 -22.06 26.15 5.38
N ALA A 112 -22.77 25.49 4.47
CA ALA A 112 -22.85 26.02 3.12
C ALA A 112 -23.58 27.35 3.10
N GLN A 113 -24.69 27.44 3.82
CA GLN A 113 -25.48 28.66 3.80
C GLN A 113 -24.72 29.82 4.43
N ASN A 114 -24.14 29.61 5.61
CA ASN A 114 -23.46 30.70 6.29
C ASN A 114 -22.01 30.87 5.87
N ASP A 115 -21.54 30.09 4.89
CA ASP A 115 -20.22 30.26 4.29
C ASP A 115 -19.14 30.15 5.37
N ILE A 116 -19.05 28.94 5.92
CA ILE A 116 -18.08 28.61 6.94
C ILE A 116 -17.25 27.44 6.44
N ALA A 117 -15.94 27.54 6.60
CA ALA A 117 -15.07 26.48 6.14
C ALA A 117 -15.33 25.20 6.91
N TYR A 118 -15.09 24.07 6.27
CA TYR A 118 -15.19 22.78 6.92
C TYR A 118 -13.95 22.42 7.71
N THR A 119 -12.86 23.17 7.56
CA THR A 119 -11.65 22.85 8.28
C THR A 119 -10.85 24.13 8.50
N GLU A 120 -10.33 24.28 9.71
CA GLU A 120 -9.43 25.35 10.08
C GLU A 120 -8.02 24.79 10.17
N THR A 121 -7.04 25.65 9.92
CA THR A 121 -5.64 25.26 10.01
C THR A 121 -5.02 26.16 11.07
N LYS A 122 -5.16 25.74 12.32
CA LYS A 122 -4.57 26.48 13.42
C LYS A 122 -3.07 26.27 13.45
N PHE A 123 -2.33 27.36 13.52
CA PHE A 123 -0.88 27.31 13.53
C PHE A 123 -0.40 27.27 14.97
N GLU A 124 0.60 26.44 15.23
CA GLU A 124 1.11 26.25 16.58
C GLU A 124 2.62 26.35 16.56
N ASN A 125 3.20 26.55 17.73
CA ASN A 125 4.59 26.88 17.86
C ASN A 125 5.20 25.99 18.94
N THR A 126 6.52 26.03 19.05
CA THR A 126 7.26 25.24 20.02
C THR A 126 8.48 26.03 20.47
N ILE A 127 8.55 26.33 21.76
CA ILE A 127 9.63 27.12 22.32
C ILE A 127 10.57 26.16 23.03
N ASN A 128 11.62 25.74 22.34
CA ASN A 128 12.59 24.84 22.96
C ASN A 128 13.48 25.61 23.93
N ARG A 129 14.07 24.87 24.85
CA ARG A 129 14.78 25.46 25.96
C ARG A 129 16.27 25.57 25.66
N LEU A 130 16.92 26.49 26.38
CA LEU A 130 18.34 26.80 26.23
C LEU A 130 18.59 27.50 24.90
N THR A 131 17.55 27.63 24.09
CA THR A 131 17.69 28.31 22.81
C THR A 131 16.56 29.31 22.58
N ALA A 132 15.38 29.02 23.14
CA ALA A 132 14.18 29.84 22.96
C ALA A 132 13.86 30.08 21.49
N VAL A 133 14.42 29.28 20.59
CA VAL A 133 14.15 29.43 19.18
C VAL A 133 12.89 28.67 18.85
N ALA A 134 11.97 29.32 18.16
CA ALA A 134 10.68 28.73 17.84
C ALA A 134 10.73 28.02 16.50
N ASN A 135 10.05 26.88 16.42
CA ASN A 135 9.90 26.16 15.16
C ASN A 135 8.42 25.89 14.94
N PRO A 136 7.81 26.45 13.91
CA PRO A 136 6.37 26.40 13.78
C PRO A 136 5.88 25.07 13.23
N ARG A 137 4.56 24.88 13.35
CA ARG A 137 3.85 23.75 12.79
C ARG A 137 2.42 24.20 12.52
N GLN A 138 1.75 23.46 11.63
CA GLN A 138 0.36 23.76 11.30
C GLN A 138 -0.44 22.47 11.31
N ILE A 139 -1.66 22.55 11.84
CA ILE A 139 -2.50 21.39 12.10
C ILE A 139 -3.90 21.69 11.58
N GLU A 140 -4.49 20.74 10.87
CA GLU A 140 -5.88 20.86 10.44
C GLU A 140 -6.79 20.30 11.53
N ARG A 141 -7.94 20.93 11.71
CA ARG A 141 -8.85 20.51 12.75
C ARG A 141 -10.28 20.74 12.29
N VAL A 142 -11.16 19.84 12.67
CA VAL A 142 -12.54 19.89 12.22
C VAL A 142 -13.27 20.98 12.98
N THR A 143 -14.03 21.80 12.26
CA THR A 143 -14.66 22.97 12.85
C THR A 143 -15.73 22.55 13.83
N ARG A 144 -15.87 23.33 14.89
CA ARG A 144 -16.86 22.99 15.90
C ARG A 144 -18.26 23.30 15.39
N GLY A 145 -19.24 22.68 16.03
CA GLY A 145 -20.58 22.73 15.54
C GLY A 145 -20.86 21.73 14.45
N SER A 146 -19.83 21.05 13.98
CA SER A 146 -20.04 19.95 13.05
C SER A 146 -20.81 18.84 13.75
N GLU A 147 -21.60 18.13 12.97
CA GLU A 147 -22.40 17.03 13.50
C GLU A 147 -22.16 15.80 12.67
N PHE A 148 -21.86 14.69 13.35
CA PHE A 148 -21.62 13.42 12.70
C PHE A 148 -22.71 12.44 13.13
N ASP A 149 -23.15 11.61 12.18
CA ASP A 149 -24.23 10.68 12.43
C ASP A 149 -23.65 9.29 12.61
N PHE A 150 -23.98 8.65 13.73
CA PHE A 150 -23.41 7.36 14.07
C PHE A 150 -24.51 6.32 14.20
N VAL A 151 -24.13 5.07 14.02
CA VAL A 151 -25.01 3.93 14.28
C VAL A 151 -24.24 2.88 15.04
N PHE A 152 -24.85 2.34 16.08
CA PHE A 152 -24.35 1.16 16.76
C PHE A 152 -25.35 0.03 16.55
N ILE A 153 -24.85 -1.20 16.54
CA ILE A 153 -25.69 -2.38 16.52
C ILE A 153 -25.27 -3.29 17.65
N TYR A 154 -26.24 -3.76 18.44
CA TYR A 154 -25.98 -4.66 19.54
C TYR A 154 -26.71 -5.96 19.30
N ASN A 155 -26.02 -7.08 19.49
CA ASN A 155 -26.57 -8.40 19.27
C ASN A 155 -26.90 -9.03 20.61
N VAL A 156 -28.07 -9.64 20.71
CA VAL A 156 -28.50 -10.29 21.94
C VAL A 156 -28.15 -11.78 21.81
N ASP A 157 -26.92 -12.11 22.20
CA ASP A 157 -26.52 -13.51 22.27
C ASP A 157 -27.05 -14.20 23.51
N GLU A 158 -27.32 -13.44 24.57
CA GLU A 158 -27.85 -14.00 25.82
C GLU A 158 -28.87 -13.02 26.36
N GLU A 159 -30.10 -13.48 26.53
CA GLU A 159 -31.21 -12.58 26.79
C GLU A 159 -31.06 -11.87 28.14
N SER A 160 -30.62 -12.60 29.17
CA SER A 160 -30.63 -12.04 30.51
C SER A 160 -29.58 -10.98 30.72
N GLN A 161 -28.68 -10.77 29.79
CA GLN A 161 -27.55 -9.87 29.99
C GLN A 161 -27.75 -8.52 29.34
N VAL A 162 -28.94 -8.23 28.80
CA VAL A 162 -29.13 -6.97 28.08
C VAL A 162 -28.96 -5.78 29.01
N GLU A 163 -29.52 -5.86 30.22
CA GLU A 163 -29.49 -4.73 31.13
C GLU A 163 -28.07 -4.36 31.52
N ASP A 164 -27.28 -5.35 31.91
CA ASP A 164 -25.91 -5.06 32.32
C ASP A 164 -25.11 -4.47 31.16
N ASP A 165 -25.28 -5.02 29.97
CA ASP A 165 -24.53 -4.54 28.82
C ASP A 165 -24.88 -3.10 28.48
N PHE A 166 -26.17 -2.77 28.47
CA PHE A 166 -26.51 -1.37 28.23
C PHE A 166 -26.11 -0.46 29.38
N GLU A 167 -26.07 -0.98 30.60
CA GLU A 167 -25.51 -0.19 31.69
C GLU A 167 -24.06 0.16 31.40
N ASN A 168 -23.30 -0.82 30.96
CA ASN A 168 -21.88 -0.59 30.71
C ASN A 168 -21.68 0.34 29.53
N ILE A 169 -22.52 0.23 28.49
CA ILE A 169 -22.32 1.14 27.38
C ILE A 169 -22.76 2.54 27.79
N GLU A 170 -23.69 2.66 28.73
CA GLU A 170 -23.98 3.96 29.32
C GLU A 170 -22.75 4.54 30.00
N LYS A 171 -22.08 3.71 30.80
CA LYS A 171 -20.81 4.12 31.37
C LYS A 171 -19.86 4.60 30.30
N ALA A 172 -19.80 3.87 29.18
CA ALA A 172 -18.88 4.21 28.10
C ALA A 172 -19.21 5.57 27.50
N ILE A 173 -20.48 5.81 27.20
CA ILE A 173 -20.86 7.08 26.61
C ILE A 173 -20.54 8.22 27.57
N HIS A 174 -20.93 8.04 28.83
CA HIS A 174 -20.75 9.12 29.81
C HIS A 174 -19.27 9.42 30.01
N LEU A 175 -18.45 8.38 30.13
CA LEU A 175 -17.02 8.61 30.29
C LEU A 175 -16.40 9.23 29.05
N LEU A 176 -16.88 8.86 27.86
CA LEU A 176 -16.31 9.43 26.65
C LEU A 176 -16.62 10.91 26.54
N GLU A 177 -17.80 11.32 26.97
CA GLU A 177 -18.14 12.74 26.91
C GLU A 177 -17.19 13.60 27.74
N ASN A 178 -16.46 13.00 28.65
CA ASN A 178 -15.51 13.70 29.50
C ASN A 178 -14.07 13.35 29.12
N ASP A 179 -13.83 13.15 27.84
CA ASP A 179 -12.52 12.74 27.34
C ASP A 179 -12.43 13.22 25.90
N TYR A 180 -11.43 12.77 25.17
CA TYR A 180 -11.22 13.27 23.82
C TYR A 180 -11.21 12.13 22.80
N LEU A 181 -11.40 12.52 21.55
CA LEU A 181 -11.07 11.68 20.40
C LEU A 181 -9.96 12.33 19.59
N GLY A 182 -9.19 11.50 18.92
CA GLY A 182 -8.14 12.02 18.08
C GLY A 182 -6.94 12.44 18.90
N GLY A 183 -6.10 13.26 18.27
CA GLY A 183 -4.85 13.70 18.85
C GLY A 183 -4.94 15.10 19.42
N GLY A 184 -3.87 15.48 20.09
CA GLY A 184 -3.86 16.75 20.78
C GLY A 184 -4.95 16.86 21.81
N GLY A 185 -5.37 15.73 22.38
CA GLY A 185 -6.44 15.78 23.36
C GLY A 185 -6.07 16.62 24.56
N THR A 186 -4.84 16.47 25.03
CA THR A 186 -4.39 17.28 26.16
C THR A 186 -4.13 18.72 25.76
N ARG A 187 -4.04 19.02 24.46
CA ARG A 187 -3.75 20.36 24.00
C ARG A 187 -5.02 21.15 23.70
N GLY A 188 -6.19 20.60 24.04
CA GLY A 188 -7.46 21.26 23.82
C GLY A 188 -8.35 20.55 22.82
N ASN A 189 -7.76 19.77 21.92
CA ASN A 189 -8.48 19.27 20.77
C ASN A 189 -9.51 18.19 21.12
N GLY A 190 -10.51 18.07 20.26
CA GLY A 190 -11.31 16.87 20.13
C GLY A 190 -12.16 16.40 21.29
N ARG A 191 -12.92 17.29 21.90
CA ARG A 191 -13.94 16.89 22.85
C ARG A 191 -15.29 16.85 22.16
N ILE A 192 -16.06 15.79 22.44
CA ILE A 192 -17.30 15.54 21.75
C ILE A 192 -18.43 15.40 22.76
N GLN A 193 -19.65 15.62 22.30
CA GLN A 193 -20.84 15.27 23.07
C GLN A 193 -21.82 14.52 22.18
N PHE A 194 -22.63 13.68 22.81
CA PHE A 194 -23.67 12.91 22.13
C PHE A 194 -25.02 13.56 22.38
N LYS A 195 -25.86 13.57 21.35
CA LYS A 195 -27.13 14.28 21.46
C LYS A 195 -28.13 13.64 20.52
N ASP A 196 -29.40 13.69 20.91
CA ASP A 196 -30.50 13.04 20.18
C ASP A 196 -30.20 11.57 19.94
N THR A 197 -30.12 10.81 21.02
CA THR A 197 -29.93 9.37 20.91
C THR A 197 -31.25 8.69 20.59
N ASN A 198 -31.18 7.39 20.31
CA ASN A 198 -32.37 6.65 19.92
C ASN A 198 -32.09 5.17 20.08
N ILE A 199 -33.09 4.42 20.52
CA ILE A 199 -33.02 2.97 20.62
C ILE A 199 -34.25 2.39 19.93
N GLU A 200 -34.04 1.37 19.11
CA GLU A 200 -35.13 0.77 18.39
C GLU A 200 -34.75 -0.65 17.99
N THR A 201 -35.70 -1.57 18.07
CA THR A 201 -35.45 -2.95 17.67
C THR A 201 -35.64 -3.08 16.17
N VAL A 202 -34.55 -3.32 15.45
CA VAL A 202 -34.61 -3.41 14.00
C VAL A 202 -34.83 -4.84 13.52
N VAL A 203 -34.35 -5.82 14.25
CA VAL A 203 -34.65 -7.21 13.96
C VAL A 203 -35.08 -7.90 15.25
N GLY A 204 -36.09 -8.74 15.15
CA GLY A 204 -36.38 -9.64 16.25
C GLY A 204 -37.70 -9.45 16.96
N GLU A 205 -37.76 -9.91 18.20
CA GLU A 205 -38.96 -9.90 19.03
C GLU A 205 -38.63 -9.44 20.45
N TYR A 206 -37.70 -8.50 20.57
CA TYR A 206 -37.32 -7.92 21.85
C TYR A 206 -37.81 -6.49 21.96
N ASP A 207 -38.36 -6.16 23.13
CA ASP A 207 -38.75 -4.79 23.42
C ASP A 207 -37.56 -3.97 23.91
N SER A 208 -37.49 -2.73 23.46
CA SER A 208 -36.41 -1.82 23.78
C SER A 208 -36.95 -0.51 24.30
N THR A 209 -38.02 -0.57 25.08
CA THR A 209 -38.59 0.62 25.67
C THR A 209 -37.93 1.00 26.98
N ASN A 210 -37.55 0.02 27.79
CA ASN A 210 -36.93 0.29 29.07
C ASN A 210 -35.49 0.75 28.95
N LEU A 211 -35.02 1.03 27.74
CA LEU A 211 -33.62 1.31 27.48
C LEU A 211 -33.40 2.82 27.37
N LYS A 212 -32.23 3.27 27.83
CA LYS A 212 -31.91 4.68 27.73
C LYS A 212 -30.40 4.83 27.63
N ILE A 213 -29.98 5.86 26.91
CA ILE A 213 -28.57 6.22 26.81
C ILE A 213 -28.47 7.75 26.85
N LYS A 214 -27.84 8.27 27.90
CA LYS A 214 -27.63 9.73 28.01
C LYS A 214 -26.14 10.04 27.83
N TYR B 2 -40.95 -27.50 -13.40
CA TYR B 2 -39.72 -27.12 -12.71
C TYR B 2 -39.21 -25.80 -13.21
N SER B 3 -39.20 -24.79 -12.35
CA SER B 3 -38.84 -23.43 -12.75
C SER B 3 -37.64 -22.94 -11.94
N LYS B 4 -36.94 -21.97 -12.51
CA LYS B 4 -35.78 -21.37 -11.87
C LYS B 4 -36.05 -19.88 -11.68
N ILE B 5 -36.05 -19.48 -10.40
CA ILE B 5 -36.34 -18.06 -10.06
C ILE B 5 -35.01 -17.29 -9.99
N LYS B 6 -34.98 -16.08 -10.50
CA LYS B 6 -33.78 -15.26 -10.55
C LYS B 6 -33.99 -14.02 -9.70
N ILE B 7 -33.08 -13.81 -8.76
CA ILE B 7 -33.13 -12.67 -7.85
C ILE B 7 -31.92 -11.81 -8.18
N SER B 8 -32.16 -10.68 -8.82
CA SER B 8 -31.08 -9.81 -9.27
C SER B 8 -31.23 -8.42 -8.66
N GLY B 9 -30.10 -7.77 -8.46
CA GLY B 9 -30.13 -6.42 -7.93
C GLY B 9 -28.74 -5.84 -7.81
N THR B 10 -28.65 -4.75 -7.04
CA THR B 10 -27.38 -4.08 -6.81
C THR B 10 -27.26 -3.75 -5.34
N ILE B 11 -26.02 -3.76 -4.84
CA ILE B 11 -25.75 -3.50 -3.43
C ILE B 11 -24.75 -2.34 -3.33
N GLU B 12 -25.00 -1.43 -2.40
CA GLU B 12 -24.13 -0.29 -2.20
C GLU B 12 -23.25 -0.51 -0.97
N VAL B 13 -22.02 -0.02 -1.03
CA VAL B 13 -21.12 -0.04 0.11
C VAL B 13 -21.37 1.21 0.93
N VAL B 14 -22.10 1.06 2.03
CA VAL B 14 -22.45 2.21 2.87
C VAL B 14 -21.24 2.71 3.64
N THR B 15 -20.55 1.81 4.31
CA THR B 15 -19.26 2.08 4.89
C THR B 15 -18.26 1.13 4.27
N GLY B 16 -17.00 1.57 4.19
CA GLY B 16 -15.97 0.85 3.47
C GLY B 16 -15.96 -0.65 3.70
N LEU B 17 -15.57 -1.40 2.68
CA LEU B 17 -15.68 -2.85 2.69
C LEU B 17 -14.29 -3.46 2.57
N HIS B 18 -14.11 -4.64 3.16
CA HIS B 18 -12.80 -5.29 3.20
C HIS B 18 -13.00 -6.79 3.24
N ILE B 19 -12.80 -7.44 2.10
CA ILE B 19 -12.80 -8.89 2.04
C ILE B 19 -11.39 -9.46 2.15
N GLY B 20 -10.43 -8.82 1.49
CA GLY B 20 -9.03 -9.05 1.78
C GLY B 20 -8.52 -10.48 1.68
N GLY B 21 -8.85 -11.16 0.59
CA GLY B 21 -8.28 -12.47 0.35
C GLY B 21 -6.78 -12.43 0.17
N GLY B 22 -6.26 -11.30 -0.32
CA GLY B 22 -4.82 -11.16 -0.44
C GLY B 22 -4.10 -11.24 0.90
N GLY B 23 -4.71 -10.66 1.93
CA GLY B 23 -4.12 -10.65 3.25
C GLY B 23 -4.44 -11.90 4.05
N SER B 33 -2.17 -6.35 3.57
CA SER B 33 -3.61 -6.60 3.62
C SER B 33 -4.31 -6.01 2.42
N PRO B 34 -4.20 -6.66 1.28
CA PRO B 34 -4.91 -6.20 0.10
C PRO B 34 -6.38 -6.57 0.17
N VAL B 35 -7.13 -6.30 -0.89
CA VAL B 35 -8.51 -6.75 -1.00
C VAL B 35 -8.59 -7.63 -2.24
N VAL B 36 -9.57 -8.54 -2.27
CA VAL B 36 -9.73 -9.39 -3.44
C VAL B 36 -9.99 -8.55 -4.67
N ARG B 37 -9.39 -8.95 -5.78
CA ARG B 37 -9.58 -8.26 -7.05
C ARG B 37 -9.68 -9.29 -8.17
N ASP B 38 -9.70 -8.81 -9.40
CA ASP B 38 -9.48 -9.64 -10.57
C ASP B 38 -8.09 -9.35 -11.11
N LEU B 39 -7.34 -10.40 -11.41
CA LEU B 39 -5.91 -10.23 -11.63
C LEU B 39 -5.60 -9.49 -12.93
N GLN B 40 -6.59 -9.23 -13.78
CA GLN B 40 -6.37 -8.41 -14.96
C GLN B 40 -7.10 -7.07 -14.87
N THR B 41 -8.41 -7.07 -14.62
CA THR B 41 -9.16 -5.83 -14.61
C THR B 41 -8.71 -4.89 -13.50
N LYS B 42 -8.13 -5.42 -12.43
CA LYS B 42 -7.73 -4.61 -11.28
C LYS B 42 -8.89 -3.79 -10.74
N LEU B 43 -10.07 -4.39 -10.72
CA LEU B 43 -11.18 -3.82 -9.98
C LEU B 43 -11.63 -4.80 -8.90
N PRO B 44 -11.97 -4.31 -7.71
CA PRO B 44 -12.33 -5.22 -6.62
C PRO B 44 -13.64 -5.93 -6.86
N ILE B 45 -13.79 -7.09 -6.25
CA ILE B 45 -15.00 -7.89 -6.34
C ILE B 45 -15.42 -8.30 -4.93
N ILE B 46 -16.66 -8.77 -4.81
CA ILE B 46 -17.15 -9.31 -3.56
C ILE B 46 -17.61 -10.74 -3.79
N PRO B 47 -16.93 -11.71 -3.20
CA PRO B 47 -17.13 -13.10 -3.61
C PRO B 47 -18.48 -13.63 -3.21
N GLY B 48 -18.95 -14.62 -3.97
CA GLY B 48 -20.18 -15.30 -3.58
C GLY B 48 -20.03 -16.06 -2.28
N SER B 49 -18.84 -16.60 -2.03
CA SER B 49 -18.60 -17.34 -0.80
C SER B 49 -18.84 -16.46 0.42
N SER B 50 -18.47 -15.18 0.34
CA SER B 50 -18.69 -14.27 1.45
C SER B 50 -20.17 -14.06 1.72
N ILE B 51 -20.93 -13.74 0.67
CA ILE B 51 -22.37 -13.56 0.83
C ILE B 51 -22.98 -14.81 1.44
N LYS B 52 -22.67 -15.96 0.86
CA LYS B 52 -23.32 -17.18 1.30
C LYS B 52 -22.93 -17.54 2.72
N GLY B 53 -21.65 -17.40 3.07
CA GLY B 53 -21.23 -17.76 4.41
C GLY B 53 -21.86 -16.87 5.46
N LYS B 54 -21.84 -15.56 5.25
CA LYS B 54 -22.40 -14.69 6.28
C LYS B 54 -23.90 -14.86 6.37
N MET B 55 -24.56 -15.03 5.23
CA MET B 55 -26.00 -15.24 5.25
C MET B 55 -26.35 -16.53 5.95
N ARG B 56 -25.59 -17.60 5.72
CA ARG B 56 -25.86 -18.86 6.39
C ARG B 56 -25.65 -18.74 7.89
N ASN B 57 -24.56 -18.10 8.29
CA ASN B 57 -24.31 -17.98 9.72
C ASN B 57 -25.42 -17.20 10.40
N LEU B 58 -25.85 -16.10 9.78
CA LEU B 58 -26.92 -15.31 10.38
C LEU B 58 -28.23 -16.09 10.43
N LEU B 59 -28.63 -16.67 9.31
CA LEU B 59 -29.94 -17.30 9.26
C LEU B 59 -29.98 -18.54 10.14
N ALA B 60 -28.85 -19.20 10.35
CA ALA B 60 -28.83 -20.32 11.27
C ALA B 60 -28.85 -19.85 12.71
N LYS B 61 -28.07 -18.82 13.04
CA LYS B 61 -28.03 -18.35 14.41
C LYS B 61 -29.38 -17.77 14.80
N HIS B 62 -30.18 -17.38 13.81
CA HIS B 62 -31.52 -16.91 14.08
C HIS B 62 -32.39 -17.96 14.77
N PHE B 63 -32.07 -19.24 14.64
CA PHE B 63 -32.91 -20.29 15.19
C PHE B 63 -32.33 -20.88 16.46
N ASP B 76 -30.57 -26.53 11.77
CA ASP B 76 -32.02 -26.65 11.62
C ASP B 76 -32.31 -27.16 10.22
N GLU B 77 -33.57 -27.50 9.96
CA GLU B 77 -33.91 -28.08 8.66
C GLU B 77 -33.95 -27.03 7.56
N ARG B 78 -34.39 -25.81 7.88
CA ARG B 78 -34.45 -24.77 6.86
C ARG B 78 -33.07 -24.40 6.34
N VAL B 79 -32.08 -24.34 7.23
CA VAL B 79 -30.73 -24.04 6.80
C VAL B 79 -30.25 -25.10 5.82
N LEU B 80 -30.47 -26.37 6.16
CA LEU B 80 -30.19 -27.45 5.23
C LEU B 80 -30.91 -27.24 3.91
N ARG B 81 -32.16 -26.77 3.98
CA ARG B 81 -32.99 -26.66 2.74
C ARG B 81 -32.46 -25.57 1.80
N LEU B 82 -32.14 -24.39 2.32
CA LEU B 82 -31.77 -23.29 1.43
C LEU B 82 -30.37 -23.49 0.84
N PHE B 83 -29.39 -23.78 1.68
CA PHE B 83 -28.01 -23.86 1.21
C PHE B 83 -27.51 -25.27 1.00
N GLY B 84 -27.99 -26.23 1.77
CA GLY B 84 -27.61 -27.61 1.52
C GLY B 84 -26.30 -27.98 2.18
N SER B 85 -26.33 -29.00 3.03
CA SER B 85 -25.12 -29.45 3.73
C SER B 85 -24.56 -30.74 3.15
N SER B 86 -25.38 -31.79 3.10
CA SER B 86 -24.98 -33.07 2.52
C SER B 86 -23.63 -33.54 3.05
N GLU B 87 -23.58 -33.69 4.37
CA GLU B 87 -22.36 -34.20 5.04
C GLU B 87 -22.77 -34.83 6.37
N LYS B 88 -24.08 -35.02 6.60
CA LYS B 88 -24.52 -35.53 7.89
C LYS B 88 -25.24 -36.86 7.78
N GLY B 89 -24.83 -37.72 6.84
CA GLY B 89 -25.50 -38.98 6.63
C GLY B 89 -26.75 -38.88 5.78
N ASN B 90 -27.24 -37.68 5.51
CA ASN B 90 -28.26 -37.45 4.49
C ASN B 90 -27.77 -36.34 3.57
N ILE B 91 -28.25 -36.36 2.34
CA ILE B 91 -27.72 -35.52 1.28
C ILE B 91 -28.85 -34.63 0.77
N GLN B 92 -28.62 -33.33 0.79
CA GLN B 92 -29.57 -32.37 0.25
C GLN B 92 -28.84 -31.47 -0.73
N ARG B 93 -29.43 -31.26 -1.90
CA ARG B 93 -28.81 -30.44 -2.92
C ARG B 93 -29.13 -28.98 -2.69
N ALA B 94 -28.14 -28.12 -2.91
CA ALA B 94 -28.32 -26.69 -2.67
C ALA B 94 -29.48 -26.17 -3.52
N ARG B 95 -30.30 -25.33 -2.91
CA ARG B 95 -31.48 -24.79 -3.56
C ARG B 95 -31.35 -23.30 -3.84
N LEU B 96 -30.33 -22.64 -3.30
CA LEU B 96 -30.05 -21.24 -3.60
C LEU B 96 -28.62 -21.14 -4.09
N GLN B 97 -28.43 -20.58 -5.26
CA GLN B 97 -27.10 -20.39 -5.83
C GLN B 97 -26.77 -18.91 -5.81
N ILE B 98 -25.62 -18.58 -5.24
CA ILE B 98 -25.17 -17.20 -5.10
C ILE B 98 -23.93 -17.01 -5.95
N SER B 99 -23.94 -15.95 -6.75
CA SER B 99 -22.80 -15.64 -7.60
C SER B 99 -22.08 -14.41 -7.07
N ASP B 100 -20.92 -14.13 -7.66
CA ASP B 100 -20.13 -12.99 -7.25
C ASP B 100 -20.83 -11.70 -7.65
N ALA B 101 -20.24 -10.58 -7.26
CA ALA B 101 -20.72 -9.28 -7.72
C ALA B 101 -19.55 -8.45 -8.24
N PHE B 102 -19.87 -7.43 -9.02
CA PHE B 102 -18.87 -6.62 -9.71
C PHE B 102 -19.32 -5.17 -9.73
N PHE B 103 -18.38 -4.25 -9.91
CA PHE B 103 -18.74 -2.85 -10.11
C PHE B 103 -19.68 -2.69 -11.30
N SER B 104 -20.72 -1.90 -11.11
CA SER B 104 -21.60 -1.57 -12.21
C SER B 104 -20.92 -0.59 -13.15
N GLU B 105 -21.49 -0.46 -14.35
CA GLU B 105 -21.04 0.58 -15.25
C GLU B 105 -21.27 1.96 -14.64
N LYS B 106 -22.35 2.11 -13.89
CA LYS B 106 -22.69 3.41 -13.33
C LYS B 106 -21.65 3.88 -12.33
N THR B 107 -21.23 3.00 -11.41
CA THR B 107 -20.24 3.42 -10.44
C THR B 107 -18.90 3.71 -11.10
N LYS B 108 -18.54 2.92 -12.12
CA LYS B 108 -17.29 3.17 -12.82
C LYS B 108 -17.31 4.52 -13.50
N GLU B 109 -18.38 4.82 -14.24
CA GLU B 109 -18.42 6.08 -14.96
C GLU B 109 -18.45 7.26 -14.00
N HIS B 110 -19.21 7.15 -12.91
CA HIS B 110 -19.28 8.25 -11.95
C HIS B 110 -17.91 8.51 -11.34
N PHE B 111 -17.23 7.46 -10.90
CA PHE B 111 -15.91 7.66 -10.30
C PHE B 111 -14.91 8.19 -11.30
N ALA B 112 -15.01 7.77 -12.57
CA ALA B 112 -14.11 8.29 -13.58
C ALA B 112 -14.33 9.78 -13.81
N GLN B 113 -15.57 10.18 -14.03
CA GLN B 113 -15.87 11.59 -14.28
C GLN B 113 -15.45 12.45 -13.11
N ASN B 114 -15.88 12.11 -11.90
CA ASN B 114 -15.48 12.90 -10.75
C ASN B 114 -14.07 12.60 -10.29
N ASP B 115 -13.34 11.72 -10.97
CA ASP B 115 -11.95 11.41 -10.67
C ASP B 115 -11.78 10.94 -9.23
N ILE B 116 -12.35 9.77 -8.94
CA ILE B 116 -12.27 9.14 -7.64
C ILE B 116 -11.63 7.78 -7.81
N ALA B 117 -10.59 7.51 -7.01
CA ALA B 117 -9.96 6.20 -7.06
C ALA B 117 -10.91 5.14 -6.54
N TYR B 118 -10.65 3.90 -6.91
CA TYR B 118 -11.53 2.80 -6.58
C TYR B 118 -11.29 2.21 -5.20
N THR B 119 -10.14 2.45 -4.59
CA THR B 119 -9.85 1.91 -3.28
C THR B 119 -9.27 2.99 -2.39
N GLU B 120 -9.74 3.04 -1.15
CA GLU B 120 -9.17 3.88 -0.13
C GLU B 120 -8.28 3.05 0.78
N THR B 121 -7.24 3.69 1.32
CA THR B 121 -6.35 3.02 2.25
C THR B 121 -6.40 3.76 3.57
N LYS B 122 -6.82 3.08 4.62
CA LYS B 122 -6.90 3.67 5.94
C LYS B 122 -5.67 3.29 6.74
N PHE B 123 -5.08 4.29 7.36
CA PHE B 123 -3.98 4.05 8.29
C PHE B 123 -4.57 3.81 9.66
N GLU B 124 -4.04 2.80 10.36
CA GLU B 124 -4.55 2.43 11.67
C GLU B 124 -3.38 2.31 12.61
N ASN B 125 -3.67 1.95 13.86
CA ASN B 125 -2.66 2.06 14.90
C ASN B 125 -3.13 1.24 16.09
N THR B 126 -2.18 0.84 16.93
CA THR B 126 -2.47 0.03 18.10
C THR B 126 -1.68 0.58 19.28
N ILE B 127 -2.27 0.50 20.47
CA ILE B 127 -1.69 1.08 21.66
C ILE B 127 -1.39 -0.03 22.65
N ASN B 128 -0.12 -0.13 23.03
CA ASN B 128 0.29 -1.11 24.02
C ASN B 128 0.01 -0.58 25.41
N ARG B 129 -0.23 -1.47 26.35
CA ARG B 129 -0.49 -1.10 27.72
C ARG B 129 0.76 -1.32 28.56
N LEU B 130 1.01 -0.41 29.49
CA LEU B 130 2.23 -0.32 30.29
C LEU B 130 3.36 0.24 29.44
N THR B 131 3.11 0.44 28.16
CA THR B 131 4.15 0.93 27.27
C THR B 131 3.74 2.13 26.44
N ALA B 132 2.51 2.14 25.90
CA ALA B 132 2.01 3.26 25.12
C ALA B 132 2.91 3.59 23.95
N VAL B 133 3.50 2.58 23.33
CA VAL B 133 4.12 2.74 22.03
C VAL B 133 3.11 2.29 21.00
N ALA B 134 3.06 2.99 19.88
CA ALA B 134 2.06 2.73 18.86
C ALA B 134 2.70 2.01 17.69
N ASN B 135 2.12 0.90 17.28
CA ASN B 135 2.58 0.22 16.11
C ASN B 135 1.52 0.33 15.03
N PRO B 136 1.81 0.97 13.90
CA PRO B 136 0.78 1.28 12.92
C PRO B 136 0.50 0.12 11.97
N ARG B 137 -0.63 0.25 11.28
CA ARG B 137 -1.15 -0.77 10.38
C ARG B 137 -1.48 -0.10 9.06
N GLN B 138 -1.75 -0.90 8.06
CA GLN B 138 -2.12 -0.39 6.74
C GLN B 138 -3.13 -1.36 6.16
N ILE B 139 -4.40 -0.95 6.12
CA ILE B 139 -5.48 -1.84 5.69
C ILE B 139 -6.24 -1.17 4.58
N GLU B 140 -6.45 -1.88 3.48
CA GLU B 140 -7.08 -1.33 2.28
C GLU B 140 -8.58 -1.55 2.36
N ARG B 141 -9.33 -0.61 1.78
CA ARG B 141 -10.77 -0.62 1.94
C ARG B 141 -11.44 -0.17 0.67
N VAL B 142 -12.54 -0.83 0.28
CA VAL B 142 -13.28 -0.43 -0.90
C VAL B 142 -13.99 0.89 -0.63
N THR B 143 -14.09 1.73 -1.65
CA THR B 143 -14.58 3.09 -1.49
C THR B 143 -16.08 3.13 -1.20
N ARG B 144 -16.48 4.07 -0.35
CA ARG B 144 -17.90 4.32 -0.11
C ARG B 144 -18.63 4.69 -1.39
N GLY B 145 -19.88 4.26 -1.47
CA GLY B 145 -20.73 4.57 -2.58
C GLY B 145 -20.61 3.63 -3.74
N SER B 146 -19.63 2.74 -3.74
CA SER B 146 -19.48 1.81 -4.84
C SER B 146 -20.67 0.87 -4.89
N GLU B 147 -20.99 0.43 -6.09
CA GLU B 147 -22.15 -0.42 -6.32
C GLU B 147 -21.71 -1.75 -6.91
N PHE B 148 -22.32 -2.82 -6.44
CA PHE B 148 -22.04 -4.17 -6.90
C PHE B 148 -23.33 -4.77 -7.43
N ASP B 149 -23.25 -5.42 -8.59
CA ASP B 149 -24.40 -6.06 -9.20
C ASP B 149 -24.33 -7.56 -8.94
N PHE B 150 -25.42 -8.13 -8.46
CA PHE B 150 -25.43 -9.52 -8.02
C PHE B 150 -26.56 -10.28 -8.68
N VAL B 151 -26.40 -11.60 -8.72
CA VAL B 151 -27.45 -12.49 -9.21
C VAL B 151 -27.55 -13.68 -8.27
N PHE B 152 -28.76 -13.98 -7.80
CA PHE B 152 -29.09 -15.20 -7.10
C PHE B 152 -30.01 -16.05 -7.96
N ILE B 153 -30.01 -17.35 -7.70
CA ILE B 153 -30.89 -18.29 -8.39
C ILE B 153 -31.58 -19.15 -7.34
N TYR B 154 -32.88 -19.38 -7.55
CA TYR B 154 -33.66 -20.28 -6.64
C TYR B 154 -34.25 -21.43 -7.47
N ASN B 155 -33.72 -22.64 -7.29
CA ASN B 155 -34.19 -23.83 -7.99
C ASN B 155 -35.39 -24.36 -7.21
N VAL B 156 -36.59 -24.08 -7.70
CA VAL B 156 -37.76 -24.51 -6.95
C VAL B 156 -38.01 -25.99 -7.21
N ASP B 157 -37.51 -26.82 -6.31
CA ASP B 157 -37.72 -28.26 -6.41
C ASP B 157 -39.02 -28.70 -5.75
N GLU B 158 -39.66 -27.82 -5.00
CA GLU B 158 -40.95 -28.10 -4.40
C GLU B 158 -41.84 -26.89 -4.55
N GLU B 159 -43.01 -27.08 -5.16
CA GLU B 159 -43.93 -25.97 -5.37
C GLU B 159 -44.38 -25.37 -4.05
N SER B 160 -44.70 -26.21 -3.08
CA SER B 160 -45.40 -25.80 -1.89
C SER B 160 -44.50 -25.18 -0.83
N GLN B 161 -43.32 -24.74 -1.19
CA GLN B 161 -42.39 -24.22 -0.22
C GLN B 161 -41.74 -22.91 -0.65
N VAL B 162 -42.12 -22.35 -1.79
CA VAL B 162 -41.47 -21.15 -2.28
C VAL B 162 -41.80 -19.95 -1.39
N GLU B 163 -43.03 -19.89 -0.88
CA GLU B 163 -43.39 -18.81 0.03
C GLU B 163 -42.54 -18.86 1.29
N ASP B 164 -42.41 -20.04 1.89
CA ASP B 164 -41.61 -20.17 3.09
C ASP B 164 -40.16 -19.82 2.81
N ASP B 165 -39.61 -20.29 1.69
CA ASP B 165 -38.20 -20.07 1.44
C ASP B 165 -37.90 -18.61 1.14
N PHE B 166 -38.80 -17.93 0.44
CA PHE B 166 -38.52 -16.51 0.29
C PHE B 166 -38.80 -15.71 1.55
N GLU B 167 -39.65 -16.21 2.45
CA GLU B 167 -39.72 -15.58 3.76
C GLU B 167 -38.39 -15.70 4.49
N ASN B 168 -37.78 -16.89 4.42
CA ASN B 168 -36.48 -17.07 5.06
C ASN B 168 -35.42 -16.19 4.42
N ILE B 169 -35.39 -16.13 3.10
CA ILE B 169 -34.35 -15.32 2.46
C ILE B 169 -34.60 -13.84 2.71
N GLU B 170 -35.87 -13.44 2.83
CA GLU B 170 -36.20 -12.08 3.24
C GLU B 170 -35.61 -11.77 4.60
N LYS B 171 -35.82 -12.67 5.56
CA LYS B 171 -35.34 -12.40 6.90
C LYS B 171 -33.81 -12.39 6.93
N ALA B 172 -33.19 -13.24 6.11
CA ALA B 172 -31.74 -13.24 6.00
C ALA B 172 -31.21 -11.94 5.43
N ILE B 173 -31.81 -11.45 4.35
CA ILE B 173 -31.36 -10.19 3.77
C ILE B 173 -31.60 -9.05 4.73
N HIS B 174 -32.70 -9.10 5.47
CA HIS B 174 -32.97 -8.09 6.48
C HIS B 174 -31.88 -8.07 7.53
N LEU B 175 -31.45 -9.25 7.98
CA LEU B 175 -30.34 -9.33 8.92
C LEU B 175 -29.05 -8.80 8.33
N LEU B 176 -28.75 -9.15 7.08
CA LEU B 176 -27.50 -8.70 6.48
C LEU B 176 -27.48 -7.20 6.30
N GLU B 177 -28.65 -6.61 6.06
CA GLU B 177 -28.77 -5.16 6.00
C GLU B 177 -28.22 -4.52 7.27
N ASN B 178 -28.41 -5.17 8.41
CA ASN B 178 -28.07 -4.61 9.71
C ASN B 178 -26.82 -5.26 10.29
N ASP B 179 -25.89 -5.66 9.45
CA ASP B 179 -24.73 -6.43 9.87
C ASP B 179 -23.58 -6.01 8.95
N TYR B 180 -22.49 -6.77 8.93
CA TYR B 180 -21.37 -6.40 8.09
C TYR B 180 -20.94 -7.59 7.25
N LEU B 181 -20.22 -7.27 6.18
CA LEU B 181 -19.54 -8.26 5.37
C LEU B 181 -18.03 -8.05 5.47
N GLY B 182 -17.30 -9.15 5.54
CA GLY B 182 -15.86 -9.05 5.57
C GLY B 182 -15.31 -8.84 6.96
N GLY B 183 -14.11 -8.30 7.05
CA GLY B 183 -13.41 -8.22 8.31
C GLY B 183 -13.48 -6.84 8.94
N GLY B 184 -13.31 -6.81 10.26
CA GLY B 184 -13.25 -5.56 10.98
C GLY B 184 -14.56 -4.85 11.12
N GLY B 185 -15.68 -5.55 10.96
CA GLY B 185 -16.96 -4.89 11.09
C GLY B 185 -17.24 -4.36 12.47
N THR B 186 -16.75 -5.04 13.50
CA THR B 186 -16.86 -4.50 14.84
C THR B 186 -16.09 -3.20 14.96
N ARG B 187 -15.06 -3.05 14.15
CA ARG B 187 -14.24 -1.85 14.16
C ARG B 187 -14.78 -0.76 13.24
N GLY B 188 -15.86 -1.04 12.51
CA GLY B 188 -16.57 0.04 11.86
C GLY B 188 -16.68 0.02 10.36
N ASN B 189 -16.60 -1.14 9.73
CA ASN B 189 -16.63 -1.17 8.28
C ASN B 189 -17.41 -2.39 7.80
N GLY B 190 -17.88 -2.31 6.55
CA GLY B 190 -18.59 -3.41 5.93
C GLY B 190 -20.07 -3.23 5.79
N ARG B 191 -20.63 -2.14 6.31
CA ARG B 191 -22.07 -1.96 6.23
C ARG B 191 -22.51 -1.77 4.79
N ILE B 192 -23.47 -2.57 4.34
CA ILE B 192 -23.91 -2.56 2.97
C ILE B 192 -25.40 -2.30 2.92
N GLN B 193 -25.91 -2.08 1.72
CA GLN B 193 -27.30 -1.80 1.49
C GLN B 193 -27.71 -2.56 0.24
N PHE B 194 -29.00 -2.86 0.11
CA PHE B 194 -29.51 -3.58 -1.06
C PHE B 194 -30.54 -2.70 -1.75
N LYS B 195 -30.32 -2.38 -3.02
CA LYS B 195 -31.28 -1.62 -3.80
C LYS B 195 -31.61 -2.33 -5.09
N ASP B 196 -32.78 -2.01 -5.64
CA ASP B 196 -33.15 -2.36 -7.00
C ASP B 196 -33.13 -3.87 -7.21
N THR B 197 -33.93 -4.55 -6.42
CA THR B 197 -34.08 -5.99 -6.53
C THR B 197 -35.28 -6.31 -7.39
N ASN B 198 -35.08 -7.14 -8.41
CA ASN B 198 -36.17 -7.64 -9.22
C ASN B 198 -36.13 -9.15 -9.26
N ILE B 199 -37.31 -9.77 -9.26
CA ILE B 199 -37.44 -11.21 -9.23
C ILE B 199 -38.20 -11.63 -10.48
N GLU B 200 -37.55 -12.43 -11.32
CA GLU B 200 -38.13 -12.87 -12.57
C GLU B 200 -38.01 -14.38 -12.69
N THR B 201 -38.98 -14.99 -13.35
CA THR B 201 -38.93 -16.42 -13.63
C THR B 201 -38.35 -16.64 -15.02
N VAL B 202 -37.24 -17.37 -15.08
CA VAL B 202 -36.46 -17.50 -16.29
C VAL B 202 -36.50 -18.90 -16.88
N VAL B 203 -36.99 -19.88 -16.13
CA VAL B 203 -37.25 -21.21 -16.64
C VAL B 203 -38.63 -21.60 -16.16
N GLY B 204 -39.36 -22.34 -16.96
CA GLY B 204 -40.60 -22.90 -16.52
C GLY B 204 -41.73 -21.89 -16.53
N GLU B 205 -42.84 -22.31 -15.93
CA GLU B 205 -44.09 -21.56 -15.96
C GLU B 205 -44.61 -21.34 -14.55
N TYR B 206 -43.75 -20.87 -13.66
CA TYR B 206 -44.15 -20.48 -12.32
C TYR B 206 -44.23 -18.97 -12.22
N ASP B 207 -45.30 -18.47 -11.62
CA ASP B 207 -45.47 -17.04 -11.46
C ASP B 207 -44.66 -16.53 -10.28
N SER B 208 -44.12 -15.33 -10.42
CA SER B 208 -43.28 -14.74 -9.39
C SER B 208 -43.56 -13.26 -9.24
N THR B 209 -44.78 -12.83 -9.57
CA THR B 209 -45.15 -11.44 -9.46
C THR B 209 -45.61 -11.06 -8.07
N ASN B 210 -45.52 -11.97 -7.10
CA ASN B 210 -45.92 -11.69 -5.74
C ASN B 210 -44.79 -11.80 -4.73
N LEU B 211 -43.64 -12.34 -5.12
CA LEU B 211 -42.55 -12.54 -4.18
C LEU B 211 -41.76 -11.25 -4.02
N LYS B 212 -41.21 -11.05 -2.83
CA LYS B 212 -40.78 -9.74 -2.39
C LYS B 212 -39.48 -9.81 -1.60
N ILE B 213 -38.54 -8.93 -1.94
CA ILE B 213 -37.27 -8.81 -1.25
C ILE B 213 -36.88 -7.34 -1.15
N LYS B 214 -36.63 -6.87 0.07
CA LYS B 214 -35.86 -5.64 0.26
C LYS B 214 -34.48 -6.01 0.75
N TYR C 2 -11.10 4.80 36.03
CA TYR C 2 -10.54 5.99 36.71
C TYR C 2 -11.59 7.10 36.72
N SER C 3 -11.76 7.79 37.87
CA SER C 3 -12.69 8.89 37.94
C SER C 3 -12.07 10.10 37.25
N LYS C 4 -12.92 11.05 36.89
CA LYS C 4 -12.46 12.25 36.23
C LYS C 4 -13.05 13.48 36.92
N ILE C 5 -12.17 14.38 37.35
CA ILE C 5 -12.55 15.57 38.10
C ILE C 5 -12.44 16.77 37.18
N LYS C 6 -13.52 17.53 37.07
CA LYS C 6 -13.59 18.66 36.15
C LYS C 6 -13.23 19.95 36.85
N ILE C 7 -12.61 20.84 36.08
CA ILE C 7 -12.32 22.21 36.53
C ILE C 7 -12.94 23.14 35.49
N SER C 8 -13.80 24.04 35.94
CA SER C 8 -14.39 25.02 35.06
C SER C 8 -14.17 26.40 35.65
N GLY C 9 -14.18 27.41 34.80
CA GLY C 9 -13.90 28.74 35.28
C GLY C 9 -14.01 29.77 34.18
N THR C 10 -13.24 30.84 34.35
CA THR C 10 -13.28 31.96 33.42
C THR C 10 -11.95 32.70 33.45
N ILE C 11 -11.45 33.04 32.27
CA ILE C 11 -10.31 33.94 32.12
C ILE C 11 -10.83 35.35 31.92
N GLU C 12 -10.43 36.26 32.79
CA GLU C 12 -10.71 37.68 32.59
C GLU C 12 -9.53 38.33 31.90
N VAL C 13 -9.82 39.08 30.85
CA VAL C 13 -8.78 39.73 30.07
C VAL C 13 -8.46 41.07 30.74
N VAL C 14 -7.31 41.15 31.39
CA VAL C 14 -6.98 42.34 32.17
C VAL C 14 -6.53 43.47 31.26
N THR C 15 -5.43 43.25 30.55
CA THR C 15 -4.98 44.09 29.47
C THR C 15 -5.08 43.28 28.19
N GLY C 16 -4.63 43.88 27.08
CA GLY C 16 -4.85 43.24 25.79
C GLY C 16 -4.24 41.86 25.71
N LEU C 17 -4.77 41.05 24.80
CA LEU C 17 -4.27 39.70 24.58
C LEU C 17 -4.12 39.50 23.09
N HIS C 18 -2.97 38.98 22.68
CA HIS C 18 -2.61 38.88 21.26
C HIS C 18 -1.97 37.53 21.03
N ILE C 19 -2.76 36.58 20.56
CA ILE C 19 -2.22 35.28 20.15
C ILE C 19 -1.69 35.37 18.73
N GLY C 20 -2.57 35.69 17.79
CA GLY C 20 -2.14 35.96 16.43
C GLY C 20 -1.46 34.80 15.73
N GLY C 21 -1.87 33.58 16.05
CA GLY C 21 -1.36 32.43 15.31
C GLY C 21 -1.76 32.45 13.85
N GLY C 22 -2.90 33.07 13.53
CA GLY C 22 -3.39 33.14 12.17
C GLY C 22 -2.69 34.14 11.28
N GLY C 23 -1.77 34.92 11.83
CA GLY C 23 -1.00 35.87 11.05
C GLY C 23 0.49 35.84 11.35
N ASP C 32 -4.19 43.20 9.39
CA ASP C 32 -2.76 43.27 9.09
C ASP C 32 -2.05 42.08 9.71
N SER C 33 -2.10 41.99 11.04
CA SER C 33 -1.48 40.90 11.79
C SER C 33 -2.55 40.30 12.68
N PRO C 34 -3.44 39.49 12.11
CA PRO C 34 -4.67 39.13 12.81
C PRO C 34 -4.40 38.20 13.98
N VAL C 35 -5.46 37.99 14.77
CA VAL C 35 -5.42 37.09 15.90
C VAL C 35 -6.08 35.78 15.52
N VAL C 36 -5.94 34.77 16.38
CA VAL C 36 -6.63 33.51 16.17
C VAL C 36 -8.12 33.71 16.39
N ARG C 37 -8.93 33.21 15.46
CA ARG C 37 -10.37 33.34 15.54
C ARG C 37 -11.00 32.02 15.12
N ASP C 38 -12.15 31.68 15.72
CA ASP C 38 -12.93 30.58 15.22
C ASP C 38 -13.54 30.93 13.87
N LEU C 39 -14.20 29.95 13.27
CA LEU C 39 -14.83 30.16 11.98
C LEU C 39 -16.32 29.89 12.01
N GLN C 40 -16.85 29.34 13.09
CA GLN C 40 -18.29 29.15 13.18
C GLN C 40 -18.98 30.40 13.70
N THR C 41 -18.26 31.21 14.47
CA THR C 41 -18.79 32.48 14.96
C THR C 41 -17.94 33.66 14.57
N LYS C 42 -16.72 33.45 14.09
CA LYS C 42 -15.78 34.52 13.82
C LYS C 42 -15.62 35.40 15.06
N LEU C 43 -15.46 34.76 16.21
CA LEU C 43 -15.15 35.45 17.45
C LEU C 43 -13.93 34.80 18.07
N PRO C 44 -13.01 35.59 18.61
CA PRO C 44 -11.68 35.06 18.95
C PRO C 44 -11.72 34.00 20.03
N ILE C 45 -10.65 33.20 20.09
CA ILE C 45 -10.48 32.15 21.08
C ILE C 45 -9.07 32.18 21.64
N ILE C 46 -8.90 31.52 22.77
CA ILE C 46 -7.57 31.27 23.32
C ILE C 46 -7.27 29.79 23.16
N PRO C 47 -6.41 29.41 22.22
CA PRO C 47 -6.15 27.99 22.00
C PRO C 47 -5.63 27.31 23.26
N GLY C 48 -6.06 26.07 23.45
CA GLY C 48 -5.66 25.34 24.64
C GLY C 48 -4.18 25.03 24.66
N SER C 49 -3.58 24.85 23.48
CA SER C 49 -2.15 24.60 23.42
C SER C 49 -1.39 25.74 24.05
N SER C 50 -1.85 26.97 23.85
CA SER C 50 -1.17 28.12 24.46
C SER C 50 -1.19 28.02 25.96
N ILE C 51 -2.36 27.80 26.54
CA ILE C 51 -2.46 27.70 27.99
C ILE C 51 -1.58 26.58 28.51
N LYS C 52 -1.64 25.42 27.85
CA LYS C 52 -0.91 24.28 28.37
C LYS C 52 0.59 24.52 28.32
N GLY C 53 1.08 25.07 27.22
CA GLY C 53 2.49 25.34 27.11
C GLY C 53 2.95 26.35 28.14
N LYS C 54 2.14 27.38 28.37
CA LYS C 54 2.57 28.41 29.30
C LYS C 54 2.65 27.87 30.71
N MET C 55 1.61 27.15 31.13
CA MET C 55 1.67 26.57 32.48
C MET C 55 2.80 25.58 32.61
N ARG C 56 3.05 24.78 31.57
CA ARG C 56 4.13 23.82 31.68
C ARG C 56 5.46 24.52 31.85
N ASN C 57 5.69 25.57 31.07
CA ASN C 57 6.95 26.30 31.18
C ASN C 57 7.13 26.87 32.57
N LEU C 58 6.11 27.56 33.09
CA LEU C 58 6.26 28.16 34.41
C LEU C 58 6.45 27.11 35.49
N LEU C 59 5.60 26.09 35.52
CA LEU C 59 5.71 25.11 36.59
C LEU C 59 7.01 24.33 36.51
N ALA C 60 7.54 24.12 35.32
CA ALA C 60 8.88 23.55 35.22
C ALA C 60 9.89 24.49 35.83
N LYS C 61 9.80 25.78 35.50
CA LYS C 61 10.78 26.72 36.01
C LYS C 61 10.72 26.83 37.53
N HIS C 62 9.55 26.59 38.11
CA HIS C 62 9.45 26.64 39.57
C HIS C 62 10.27 25.54 40.21
N PHE C 63 10.27 24.36 39.62
CA PHE C 63 11.11 23.27 40.10
C PHE C 63 12.51 23.43 39.50
N GLY C 64 13.34 22.40 39.65
CA GLY C 64 14.68 22.47 39.12
C GLY C 64 14.69 22.44 37.60
N LEU C 65 15.72 23.08 37.03
CA LEU C 65 15.86 23.14 35.58
C LEU C 65 17.34 23.35 35.26
N LYS C 66 18.01 22.26 34.88
CA LYS C 66 19.44 22.38 34.49
C LYS C 66 19.51 22.49 32.97
N MET C 67 20.66 22.91 32.44
CA MET C 67 20.81 23.09 30.96
C MET C 67 20.53 21.76 30.26
N LYS C 68 20.75 20.64 30.94
CA LYS C 68 20.50 19.29 30.36
C LYS C 68 18.99 19.04 30.31
N GLN C 69 18.27 19.35 31.39
CA GLN C 69 16.79 19.22 31.37
C GLN C 69 16.29 20.02 30.17
N GLU C 70 16.76 21.26 30.04
CA GLU C 70 16.38 22.14 28.92
C GLU C 70 16.81 21.57 27.57
N SER C 71 17.99 20.94 27.50
CA SER C 71 18.53 20.46 26.21
C SER C 71 17.50 19.67 25.40
N HIS C 72 16.79 18.72 26.03
CA HIS C 72 15.87 17.86 25.25
C HIS C 72 14.47 17.84 25.86
N ASN C 73 13.98 18.97 26.41
CA ASN C 73 12.61 19.00 26.93
C ASN C 73 12.29 17.80 27.82
N GLN C 74 13.28 17.35 28.58
CA GLN C 74 13.08 16.34 29.62
C GLN C 74 13.06 17.05 30.95
N ASP C 75 11.92 17.01 31.64
CA ASP C 75 11.68 17.94 32.72
C ASP C 75 11.55 17.16 34.03
N ASP C 76 11.37 17.90 35.12
CA ASP C 76 11.33 17.30 36.45
C ASP C 76 10.23 16.26 36.56
N GLU C 77 10.51 15.22 37.35
CA GLU C 77 9.70 14.00 37.30
C GLU C 77 8.24 14.28 37.65
N ARG C 78 7.99 15.21 38.56
CA ARG C 78 6.63 15.39 39.02
C ARG C 78 5.81 16.24 38.05
N VAL C 79 6.41 17.27 37.46
CA VAL C 79 5.74 17.98 36.37
C VAL C 79 5.52 17.04 35.19
N LEU C 80 6.51 16.19 34.92
CA LEU C 80 6.36 15.17 33.87
C LEU C 80 5.15 14.30 34.16
N ARG C 81 5.01 13.85 35.41
CA ARG C 81 3.83 13.07 35.79
C ARG C 81 2.56 13.87 35.56
N LEU C 82 2.59 15.16 35.86
CA LEU C 82 1.38 15.96 35.77
C LEU C 82 0.97 16.20 34.34
N PHE C 83 1.92 16.30 33.42
CA PHE C 83 1.62 16.64 32.03
C PHE C 83 2.05 15.60 31.02
N GLY C 84 2.73 14.54 31.42
CA GLY C 84 2.95 13.40 30.54
C GLY C 84 4.09 13.59 29.57
N SER C 85 5.00 12.64 29.50
CA SER C 85 6.04 12.64 28.49
C SER C 85 6.01 11.40 27.62
N SER C 86 5.98 10.21 28.23
CA SER C 86 5.99 8.93 27.53
C SER C 86 7.06 8.88 26.44
N GLU C 87 8.25 9.39 26.73
CA GLU C 87 9.35 9.40 25.77
C GLU C 87 10.55 8.58 26.21
N LYS C 88 10.99 8.74 27.45
CA LYS C 88 12.22 8.09 27.89
C LYS C 88 11.96 6.65 28.35
N GLY C 89 11.29 5.88 27.49
CA GLY C 89 10.91 4.53 27.86
C GLY C 89 9.99 4.46 29.04
N ASN C 90 9.27 5.53 29.34
CA ASN C 90 8.40 5.60 30.51
C ASN C 90 6.94 5.66 30.09
N ILE C 91 6.09 5.05 30.90
CA ILE C 91 4.65 5.02 30.65
C ILE C 91 4.03 6.23 31.34
N GLN C 92 3.82 7.30 30.57
CA GLN C 92 3.24 8.52 31.11
C GLN C 92 2.37 9.16 30.03
N ARG C 93 1.08 8.91 30.10
CA ARG C 93 0.12 9.73 29.38
C ARG C 93 -0.32 10.86 30.28
N ALA C 94 -0.72 11.97 29.67
CA ALA C 94 -1.00 13.16 30.43
C ALA C 94 -2.14 12.92 31.40
N ARG C 95 -2.07 13.58 32.54
CA ARG C 95 -3.12 13.47 33.54
C ARG C 95 -4.00 14.71 33.63
N LEU C 96 -3.67 15.78 32.93
CA LEU C 96 -4.44 17.01 32.98
C LEU C 96 -4.74 17.48 31.56
N GLN C 97 -6.01 17.59 31.22
CA GLN C 97 -6.43 18.01 29.89
C GLN C 97 -6.96 19.44 29.95
N ILE C 98 -6.47 20.27 29.03
CA ILE C 98 -6.92 21.63 28.87
C ILE C 98 -7.64 21.76 27.54
N SER C 99 -8.80 22.39 27.55
CA SER C 99 -9.56 22.63 26.34
C SER C 99 -9.32 24.06 25.90
N ASP C 100 -10.04 24.48 24.87
CA ASP C 100 -9.93 25.84 24.39
C ASP C 100 -10.83 26.75 25.23
N ALA C 101 -10.70 28.05 25.03
CA ALA C 101 -11.56 29.02 25.67
C ALA C 101 -12.34 29.74 24.60
N PHE C 102 -13.61 30.01 24.87
CA PHE C 102 -14.50 30.53 23.85
C PHE C 102 -15.15 31.81 24.33
N PHE C 103 -15.19 32.79 23.40
CA PHE C 103 -15.82 34.10 23.69
C PHE C 103 -17.14 33.79 24.37
N SER C 104 -17.32 34.32 25.58
CA SER C 104 -18.50 33.90 26.31
C SER C 104 -19.74 34.70 25.93
N GLU C 105 -20.89 34.20 26.35
CA GLU C 105 -22.16 34.83 26.01
C GLU C 105 -22.36 36.14 26.76
N LYS C 106 -22.00 36.15 28.05
CA LYS C 106 -22.13 37.39 28.82
C LYS C 106 -21.33 38.50 28.18
N THR C 107 -20.12 38.19 27.71
CA THR C 107 -19.30 39.19 27.05
C THR C 107 -19.98 39.72 25.80
N LYS C 108 -20.54 38.81 25.00
CA LYS C 108 -21.18 39.24 23.76
C LYS C 108 -22.34 40.17 24.05
N GLU C 109 -23.19 39.78 25.00
CA GLU C 109 -24.33 40.63 25.34
C GLU C 109 -23.87 41.96 25.90
N HIS C 110 -22.85 41.94 26.77
CA HIS C 110 -22.37 43.16 27.40
C HIS C 110 -21.86 44.14 26.36
N PHE C 111 -21.05 43.65 25.42
CA PHE C 111 -20.49 44.54 24.41
C PHE C 111 -21.53 44.97 23.41
N ALA C 112 -22.55 44.15 23.18
CA ALA C 112 -23.63 44.57 22.31
C ALA C 112 -24.42 45.70 22.93
N GLN C 113 -24.78 45.57 24.21
CA GLN C 113 -25.61 46.57 24.86
C GLN C 113 -24.80 47.73 25.44
N ASN C 114 -23.48 47.73 25.28
CA ASN C 114 -22.69 48.92 25.51
C ASN C 114 -21.95 49.43 24.28
N ASP C 115 -22.10 48.76 23.13
CA ASP C 115 -21.61 49.26 21.84
C ASP C 115 -20.09 49.46 21.85
N ILE C 116 -19.39 48.37 22.17
CA ILE C 116 -17.93 48.37 22.20
C ILE C 116 -17.45 47.21 21.34
N ALA C 117 -16.39 47.44 20.56
CA ALA C 117 -15.89 46.42 19.66
C ALA C 117 -15.13 45.33 20.42
N TYR C 118 -14.90 44.21 19.74
CA TYR C 118 -14.19 43.09 20.33
C TYR C 118 -12.67 43.19 20.19
N THR C 119 -12.18 43.98 19.24
CA THR C 119 -10.75 43.96 18.94
C THR C 119 -10.27 45.39 18.78
N GLU C 120 -9.12 45.68 19.38
CA GLU C 120 -8.46 46.96 19.24
C GLU C 120 -7.33 46.82 18.24
N THR C 121 -7.17 47.84 17.40
CA THR C 121 -6.10 47.86 16.40
C THR C 121 -5.09 48.92 16.86
N LYS C 122 -3.93 48.45 17.29
CA LYS C 122 -2.98 49.27 18.03
C LYS C 122 -1.75 49.52 17.18
N PHE C 123 -1.42 50.79 16.98
CA PHE C 123 -0.33 51.17 16.11
C PHE C 123 0.95 51.37 16.90
N GLU C 124 2.03 50.77 16.40
CA GLU C 124 3.31 50.78 17.08
C GLU C 124 4.39 51.26 16.11
N ASN C 125 5.44 51.86 16.66
CA ASN C 125 6.54 52.35 15.85
C ASN C 125 7.86 51.86 16.41
N THR C 126 8.88 51.91 15.58
CA THR C 126 10.26 51.72 15.98
C THR C 126 11.06 52.95 15.59
N ILE C 127 11.92 53.41 16.50
CA ILE C 127 12.76 54.58 16.26
C ILE C 127 14.19 54.10 16.09
N ASN C 128 14.74 54.29 14.89
CA ASN C 128 16.05 53.76 14.57
C ASN C 128 17.15 54.57 15.24
N ARG C 129 18.20 53.88 15.65
CA ARG C 129 19.28 54.51 16.38
C ARG C 129 20.15 55.35 15.45
N LEU C 130 20.50 56.55 15.92
CA LEU C 130 21.27 57.52 15.15
C LEU C 130 20.55 57.81 13.84
N THR C 131 19.25 57.50 13.78
CA THR C 131 18.48 57.73 12.53
C THR C 131 17.21 58.53 12.86
N ALA C 132 16.56 58.22 14.00
CA ALA C 132 15.37 58.96 14.42
C ALA C 132 14.27 58.91 13.38
N VAL C 133 14.22 57.84 12.59
CA VAL C 133 13.16 57.63 11.62
C VAL C 133 12.29 56.49 12.09
N ALA C 134 10.98 56.66 11.98
CA ALA C 134 10.06 55.68 12.49
C ALA C 134 9.60 54.72 11.39
N ASN C 135 9.53 53.44 11.73
CA ASN C 135 8.85 52.46 10.90
C ASN C 135 7.64 51.93 11.61
N PRO C 136 6.43 52.22 11.15
CA PRO C 136 5.23 51.90 11.92
C PRO C 136 4.82 50.44 11.81
N ARG C 137 4.08 50.01 12.83
CA ARG C 137 3.50 48.67 12.90
C ARG C 137 2.07 48.79 13.39
N GLN C 138 1.25 47.82 13.01
CA GLN C 138 -0.14 47.75 13.45
C GLN C 138 -0.38 46.39 14.05
N ILE C 139 -0.74 46.36 15.34
CA ILE C 139 -0.94 45.12 16.06
C ILE C 139 -2.37 45.10 16.58
N GLU C 140 -3.08 44.00 16.35
CA GLU C 140 -4.49 43.87 16.70
C GLU C 140 -4.59 42.92 17.88
N ARG C 141 -5.31 43.33 18.91
CA ARG C 141 -5.34 42.63 20.18
C ARG C 141 -6.77 42.51 20.68
N VAL C 142 -7.02 41.46 21.46
CA VAL C 142 -8.34 41.25 22.04
C VAL C 142 -8.61 42.33 23.09
N THR C 143 -9.78 42.95 23.00
CA THR C 143 -10.10 44.06 23.87
C THR C 143 -10.10 43.63 25.33
N ARG C 144 -9.89 44.59 26.22
CA ARG C 144 -9.80 44.30 27.64
C ARG C 144 -11.14 43.86 28.19
N GLY C 145 -11.10 43.39 29.43
CA GLY C 145 -12.29 43.13 30.21
C GLY C 145 -13.18 42.05 29.66
N SER C 146 -12.86 41.51 28.48
CA SER C 146 -13.62 40.38 28.00
C SER C 146 -13.31 39.15 28.84
N GLU C 147 -14.25 38.21 28.87
CA GLU C 147 -14.07 36.97 29.61
C GLU C 147 -14.23 35.79 28.68
N PHE C 148 -13.33 34.82 28.82
CA PHE C 148 -13.44 33.53 28.17
C PHE C 148 -13.64 32.47 29.25
N ASP C 149 -14.32 31.39 28.89
CA ASP C 149 -14.58 30.30 29.80
C ASP C 149 -13.74 29.08 29.42
N PHE C 150 -13.28 28.34 30.42
CA PHE C 150 -12.48 27.17 30.16
C PHE C 150 -13.08 25.98 30.88
N VAL C 151 -12.65 24.80 30.46
CA VAL C 151 -12.91 23.57 31.18
C VAL C 151 -11.66 22.71 31.15
N PHE C 152 -11.30 22.16 32.29
CA PHE C 152 -10.19 21.24 32.41
C PHE C 152 -10.73 19.88 32.84
N ILE C 153 -9.96 18.84 32.58
CA ILE C 153 -10.31 17.49 33.00
C ILE C 153 -9.11 16.90 33.72
N TYR C 154 -9.34 16.36 34.91
CA TYR C 154 -8.32 15.64 35.65
C TYR C 154 -8.64 14.17 35.67
N ASN C 155 -7.64 13.33 35.42
CA ASN C 155 -7.78 11.88 35.52
C ASN C 155 -7.03 11.40 36.75
N VAL C 156 -7.64 10.49 37.49
CA VAL C 156 -7.03 9.96 38.70
C VAL C 156 -6.46 8.58 38.35
N ASP C 157 -5.24 8.56 37.83
CA ASP C 157 -4.59 7.29 37.54
C ASP C 157 -4.24 6.54 38.81
N GLU C 158 -4.07 7.27 39.92
CA GLU C 158 -3.79 6.68 41.22
C GLU C 158 -4.41 7.59 42.26
N GLU C 159 -4.82 7.01 43.38
CA GLU C 159 -5.58 7.77 44.37
C GLU C 159 -4.70 8.72 45.18
N SER C 160 -3.45 8.37 45.40
CA SER C 160 -2.65 9.01 46.44
C SER C 160 -1.70 10.06 45.89
N GLN C 161 -2.08 10.73 44.81
CA GLN C 161 -1.35 11.89 44.32
C GLN C 161 -2.30 13.01 43.91
N VAL C 162 -3.58 12.89 44.24
CA VAL C 162 -4.55 13.87 43.77
C VAL C 162 -4.41 15.19 44.53
N GLU C 163 -4.27 15.12 45.85
CA GLU C 163 -4.11 16.35 46.63
C GLU C 163 -2.82 17.08 46.23
N ASP C 164 -1.73 16.32 46.09
CA ASP C 164 -0.46 16.94 45.72
C ASP C 164 -0.53 17.55 44.33
N ASP C 165 -1.18 16.85 43.39
CA ASP C 165 -1.26 17.38 42.05
C ASP C 165 -2.10 18.65 42.01
N PHE C 166 -3.18 18.70 42.78
CA PHE C 166 -3.92 19.96 42.77
C PHE C 166 -3.22 21.07 43.56
N GLU C 167 -2.37 20.72 44.52
CA GLU C 167 -1.50 21.75 45.08
C GLU C 167 -0.60 22.34 44.01
N ASN C 168 0.00 21.47 43.20
CA ASN C 168 0.80 21.97 42.09
C ASN C 168 -0.03 22.83 41.15
N ILE C 169 -1.25 22.41 40.85
CA ILE C 169 -2.02 23.18 39.89
C ILE C 169 -2.41 24.53 40.47
N GLU C 170 -2.68 24.62 41.78
CA GLU C 170 -3.05 25.94 42.29
C GLU C 170 -1.84 26.85 42.32
N LYS C 171 -0.66 26.29 42.60
CA LYS C 171 0.55 27.10 42.46
C LYS C 171 0.69 27.62 41.03
N ALA C 172 0.46 26.75 40.06
CA ALA C 172 0.59 27.17 38.66
C ALA C 172 -0.42 28.25 38.31
N ILE C 173 -1.66 28.11 38.78
CA ILE C 173 -2.67 29.12 38.47
C ILE C 173 -2.28 30.45 39.09
N HIS C 174 -1.70 30.44 40.29
CA HIS C 174 -1.23 31.70 40.87
C HIS C 174 -0.15 32.32 40.00
N LEU C 175 0.82 31.51 39.57
CA LEU C 175 1.86 32.02 38.69
C LEU C 175 1.28 32.63 37.42
N LEU C 176 0.27 31.99 36.86
CA LEU C 176 -0.36 32.56 35.67
C LEU C 176 -1.05 33.87 36.00
N GLU C 177 -1.72 33.93 37.15
CA GLU C 177 -2.38 35.16 37.56
C GLU C 177 -1.39 36.30 37.69
N ASN C 178 -0.11 36.00 37.88
CA ASN C 178 0.84 37.10 37.84
C ASN C 178 1.87 36.94 36.72
N ASP C 179 1.39 36.56 35.53
CA ASP C 179 2.24 36.45 34.36
C ASP C 179 1.39 36.84 33.15
N TYR C 180 1.98 36.75 31.96
CA TYR C 180 1.27 37.07 30.74
C TYR C 180 1.09 35.83 29.89
N LEU C 181 -0.08 35.71 29.28
CA LEU C 181 -0.36 34.70 28.29
C LEU C 181 -0.61 35.40 26.97
N GLY C 182 0.11 34.98 25.93
CA GLY C 182 -0.05 35.56 24.61
C GLY C 182 1.25 36.14 24.09
N GLY C 183 1.12 37.09 23.19
CA GLY C 183 2.33 37.63 22.53
C GLY C 183 2.83 38.93 23.11
N GLY C 184 4.12 38.98 23.44
CA GLY C 184 4.73 40.25 23.89
C GLY C 184 4.12 40.82 25.15
N GLY C 185 4.04 40.05 26.22
CA GLY C 185 3.58 40.67 27.48
C GLY C 185 4.59 41.71 27.87
N THR C 186 5.85 41.50 27.52
CA THR C 186 6.93 42.48 27.81
C THR C 186 6.48 43.81 27.24
N ARG C 187 6.06 43.83 25.98
CA ARG C 187 5.68 45.10 25.32
C ARG C 187 4.30 45.55 25.81
N GLY C 188 3.65 44.82 26.72
CA GLY C 188 2.43 45.38 27.31
C GLY C 188 1.21 44.49 27.48
N ASN C 189 0.93 43.56 26.58
CA ASN C 189 -0.39 42.86 26.63
C ASN C 189 -0.37 41.40 27.11
N GLY C 190 -1.39 40.95 27.90
CA GLY C 190 -1.40 39.53 28.19
C GLY C 190 -1.63 39.15 29.64
N ARG C 191 -1.72 40.08 30.57
CA ARG C 191 -2.11 39.73 31.93
C ARG C 191 -3.54 39.22 31.97
N ILE C 192 -3.77 38.17 32.76
CA ILE C 192 -5.09 37.56 32.91
C ILE C 192 -5.34 37.24 34.37
N GLN C 193 -6.60 36.98 34.69
CA GLN C 193 -7.01 36.56 36.02
C GLN C 193 -7.99 35.41 35.90
N PHE C 194 -8.22 34.73 37.02
CA PHE C 194 -9.05 33.54 37.07
C PHE C 194 -10.20 33.78 38.03
N LYS C 195 -11.42 33.50 37.59
CA LYS C 195 -12.60 33.62 38.44
C LYS C 195 -13.48 32.40 38.26
N ASP C 196 -14.30 32.15 39.29
CA ASP C 196 -15.38 31.18 39.25
C ASP C 196 -14.86 29.77 38.98
N THR C 197 -13.95 29.32 39.84
CA THR C 197 -13.46 27.96 39.76
C THR C 197 -14.51 27.03 40.35
N ASN C 198 -14.82 25.95 39.63
CA ASN C 198 -15.80 24.97 40.05
C ASN C 198 -15.18 23.60 39.89
N ILE C 199 -15.38 22.73 40.87
CA ILE C 199 -14.73 21.44 40.92
C ILE C 199 -15.80 20.38 41.10
N GLU C 200 -15.96 19.52 40.10
CA GLU C 200 -16.90 18.41 40.18
C GLU C 200 -16.20 17.14 39.72
N THR C 201 -16.66 16.01 40.23
CA THR C 201 -16.22 14.71 39.76
C THR C 201 -17.30 14.20 38.81
N VAL C 202 -17.08 14.39 37.51
CA VAL C 202 -18.14 14.17 36.54
C VAL C 202 -18.43 12.70 36.38
N VAL C 203 -17.41 11.86 36.39
CA VAL C 203 -17.59 10.41 36.27
C VAL C 203 -16.74 9.76 37.33
N GLY C 204 -17.37 8.98 38.21
CA GLY C 204 -16.63 8.24 39.21
C GLY C 204 -17.31 8.33 40.55
N GLU C 205 -16.55 8.01 41.59
CA GLU C 205 -17.04 7.97 42.97
C GLU C 205 -16.04 8.66 43.89
N TYR C 206 -15.58 9.84 43.50
CA TYR C 206 -14.62 10.59 44.31
C TYR C 206 -15.28 11.90 44.73
N ASP C 207 -14.86 12.40 45.90
CA ASP C 207 -15.48 13.58 46.49
C ASP C 207 -14.71 14.83 46.10
N SER C 208 -15.44 15.89 45.78
CA SER C 208 -14.85 17.15 45.35
C SER C 208 -15.23 18.28 46.29
N THR C 209 -15.12 18.05 47.60
CA THR C 209 -15.49 19.05 48.59
C THR C 209 -14.30 19.68 49.28
N ASN C 210 -13.26 18.91 49.60
CA ASN C 210 -12.09 19.43 50.29
C ASN C 210 -11.08 20.05 49.34
N LEU C 211 -11.29 19.92 48.03
CA LEU C 211 -10.29 20.29 47.04
C LEU C 211 -10.58 21.68 46.51
N LYS C 212 -9.55 22.51 46.43
CA LYS C 212 -9.74 23.91 46.11
C LYS C 212 -8.59 24.44 45.25
N ILE C 213 -8.90 25.45 44.45
CA ILE C 213 -7.92 26.15 43.62
C ILE C 213 -8.20 27.64 43.73
N LYS C 214 -7.17 28.42 44.03
CA LYS C 214 -7.31 29.87 44.09
C LYS C 214 -7.00 30.51 42.74
N ASN D 5 7.51 41.46 39.99
CA ASN D 5 6.23 41.33 40.75
C ASN D 5 5.98 42.64 41.53
N TYR D 6 6.25 43.80 40.93
CA TYR D 6 6.12 45.03 41.68
C TYR D 6 5.08 45.92 41.01
N GLU D 7 4.52 46.84 41.80
CA GLU D 7 3.58 47.83 41.32
C GLU D 7 4.32 49.16 41.19
N VAL D 8 4.15 49.83 40.05
CA VAL D 8 4.86 51.06 39.77
C VAL D 8 3.88 52.22 39.75
N VAL D 9 4.18 53.27 40.49
CA VAL D 9 3.33 54.45 40.58
C VAL D 9 3.98 55.56 39.76
N ILE D 10 3.17 56.26 38.97
CA ILE D 10 3.65 57.30 38.07
C ILE D 10 2.99 58.61 38.48
N LYS D 11 3.80 59.62 38.76
CA LYS D 11 3.26 60.97 39.11
C LYS D 11 3.54 61.91 37.94
N THR D 12 2.54 62.20 37.12
CA THR D 12 2.68 63.04 35.94
C THR D 12 3.01 64.47 36.37
N LEU D 13 4.29 64.84 36.30
CA LEU D 13 4.66 66.21 36.59
C LEU D 13 4.15 67.17 35.52
N GLY D 14 4.21 66.76 34.26
CA GLY D 14 3.79 67.61 33.19
C GLY D 14 2.80 66.94 32.28
N PRO D 15 2.32 67.66 31.26
CA PRO D 15 1.43 67.06 30.29
C PRO D 15 2.10 65.92 29.54
N ILE D 16 1.41 64.79 29.49
CA ILE D 16 1.91 63.57 28.86
C ILE D 16 0.95 63.20 27.74
N HIS D 17 1.50 62.91 26.57
CA HIS D 17 0.72 62.48 25.42
C HIS D 17 1.28 61.20 24.85
N ILE D 18 0.42 60.30 24.44
CA ILE D 18 0.80 59.14 23.64
C ILE D 18 -0.08 59.16 22.40
N GLY D 19 0.50 59.58 21.28
CA GLY D 19 -0.24 59.72 20.03
C GLY D 19 -0.85 58.43 19.52
N SER D 20 -2.12 58.50 19.13
CA SER D 20 -2.84 57.35 18.60
C SER D 20 -2.85 57.28 17.09
N GLY D 21 -2.32 58.29 16.40
CA GLY D 21 -2.44 58.32 14.97
C GLY D 21 -3.76 58.84 14.45
N GLN D 22 -4.68 59.22 15.33
CA GLN D 22 -5.95 59.81 14.93
C GLN D 22 -5.86 61.32 15.04
N VAL D 23 -6.03 62.02 13.93
CA VAL D 23 -5.98 63.46 13.90
C VAL D 23 -7.38 63.96 13.60
N MET D 24 -8.04 64.53 14.61
CA MET D 24 -9.42 65.07 14.42
C MET D 24 -9.38 66.19 13.37
N LYS D 25 -10.33 66.20 12.44
CA LYS D 25 -10.39 67.28 11.41
C LYS D 25 -11.32 68.40 11.91
N LYS D 26 -11.95 69.13 10.98
CA LYS D 26 -12.89 70.21 11.37
C LYS D 26 -14.27 69.59 11.62
N GLN D 27 -14.38 68.67 12.58
CA GLN D 27 -15.67 67.97 12.86
C GLN D 27 -15.64 67.33 14.24
N ASP D 28 -16.81 67.18 14.89
CA ASP D 28 -16.92 66.50 16.22
C ASP D 28 -16.34 67.36 17.33
N TYR D 29 -16.42 68.69 17.22
CA TYR D 29 -15.98 69.55 18.31
C TYR D 29 -16.79 70.83 18.26
N ILE D 30 -16.78 71.53 19.38
CA ILE D 30 -17.17 72.93 19.44
C ILE D 30 -16.04 73.69 20.11
N TYR D 31 -15.46 74.66 19.41
CA TYR D 31 -14.38 75.45 19.97
C TYR D 31 -14.95 76.77 20.48
N ASP D 32 -15.06 76.89 21.80
CA ASP D 32 -15.56 78.09 22.44
C ASP D 32 -14.37 79.04 22.63
N PHE D 33 -14.26 80.02 21.75
CA PHE D 33 -13.28 81.08 21.96
C PHE D 33 -13.47 81.76 23.31
N TYR D 34 -14.72 81.84 23.77
CA TYR D 34 -15.08 82.74 24.86
C TYR D 34 -15.16 82.06 26.22
N ASN D 35 -15.03 80.75 26.30
CA ASN D 35 -14.91 80.09 27.60
C ASN D 35 -13.80 79.03 27.58
N SER D 36 -13.23 78.73 26.41
CA SER D 36 -11.99 77.97 26.28
C SER D 36 -12.15 76.50 26.72
N LYS D 37 -13.25 75.89 26.28
CA LYS D 37 -13.43 74.45 26.33
C LYS D 37 -13.91 73.96 24.97
N VAL D 38 -13.40 72.82 24.54
CA VAL D 38 -13.75 72.19 23.28
C VAL D 38 -14.58 70.97 23.61
N TYR D 39 -15.68 70.76 22.89
CA TYR D 39 -16.66 69.76 23.26
C TYR D 39 -16.68 68.66 22.21
N MET D 40 -16.07 67.53 22.51
CA MET D 40 -16.21 66.36 21.66
C MET D 40 -17.66 65.88 21.68
N ILE D 41 -18.12 65.35 20.56
CA ILE D 41 -19.53 65.00 20.38
C ILE D 41 -19.64 63.52 20.08
N ASN D 42 -20.54 62.84 20.79
CA ASN D 42 -20.94 61.47 20.49
C ASN D 42 -21.55 61.42 19.10
N GLY D 43 -20.94 60.64 18.20
CA GLY D 43 -21.50 60.53 16.86
C GLY D 43 -22.90 59.95 16.86
N ASN D 44 -23.11 58.86 17.61
CA ASN D 44 -24.40 58.19 17.59
C ASN D 44 -25.50 59.11 18.08
N LYS D 45 -25.32 59.68 19.27
CA LYS D 45 -26.37 60.50 19.86
C LYS D 45 -26.64 61.74 19.03
N LEU D 46 -25.59 62.35 18.48
CA LEU D 46 -25.77 63.56 17.68
C LEU D 46 -26.59 63.27 16.43
N VAL D 47 -26.28 62.17 15.73
CA VAL D 47 -26.98 61.90 14.49
C VAL D 47 -28.42 61.46 14.77
N LYS D 48 -28.65 60.73 15.87
CA LYS D 48 -30.03 60.38 16.15
C LYS D 48 -30.83 61.60 16.61
N PHE D 49 -30.16 62.58 17.22
CA PHE D 49 -30.78 63.90 17.37
C PHE D 49 -31.12 64.51 16.02
N LEU D 50 -30.18 64.48 15.08
CA LEU D 50 -30.42 65.07 13.78
C LEU D 50 -31.65 64.45 13.14
N LYS D 51 -31.84 63.14 13.35
CA LYS D 51 -33.01 62.49 12.81
C LYS D 51 -34.29 62.78 13.61
N ARG D 52 -34.19 62.98 14.93
CA ARG D 52 -35.41 63.44 15.59
C ARG D 52 -35.75 64.86 15.20
N LYS D 53 -34.81 65.58 14.59
CA LYS D 53 -35.09 66.89 14.00
C LYS D 53 -34.98 66.88 12.48
N ASN D 54 -34.86 65.70 11.87
CA ASN D 54 -35.04 65.53 10.42
C ASN D 54 -34.19 66.49 9.60
N LEU D 55 -33.04 66.89 10.15
CA LEU D 55 -32.14 67.80 9.47
C LEU D 55 -30.87 67.11 8.99
N LEU D 56 -30.88 65.77 8.95
CA LEU D 56 -29.67 65.05 8.59
C LEU D 56 -29.22 65.39 7.19
N TYR D 57 -30.14 65.58 6.25
CA TYR D 57 -29.71 65.97 4.91
C TYR D 57 -29.03 67.33 4.94
N THR D 58 -29.56 68.26 5.74
CA THR D 58 -28.90 69.55 5.92
C THR D 58 -27.50 69.39 6.50
N TYR D 59 -27.36 68.58 7.55
CA TYR D 59 -26.06 68.37 8.17
C TYR D 59 -25.08 67.74 7.19
N GLN D 60 -25.56 66.77 6.42
CA GLN D 60 -24.70 66.10 5.45
C GLN D 60 -24.21 67.07 4.40
N ASN D 61 -25.11 67.87 3.83
CA ASN D 61 -24.68 68.81 2.81
C ASN D 61 -23.76 69.88 3.39
N PHE D 62 -24.05 70.28 4.64
CA PHE D 62 -23.16 71.23 5.35
C PHE D 62 -21.74 70.66 5.31
N LEU D 63 -21.60 69.40 5.73
CA LEU D 63 -20.30 68.76 5.74
C LEU D 63 -19.72 68.70 4.32
N ARG D 64 -20.57 68.47 3.34
CA ARG D 64 -20.05 67.95 2.08
C ARG D 64 -19.29 68.99 1.28
N TYR D 65 -19.68 70.24 1.31
CA TYR D 65 -19.08 71.27 0.46
C TYR D 65 -18.96 72.50 1.32
N PRO D 66 -17.92 72.58 2.17
CA PRO D 66 -17.92 73.58 3.23
C PRO D 66 -17.94 74.98 2.65
N PRO D 67 -18.52 75.95 3.37
CA PRO D 67 -18.69 77.29 2.81
C PRO D 67 -17.38 77.97 2.46
N LYS D 68 -16.25 77.43 2.90
CA LYS D 68 -14.92 77.93 2.58
C LYS D 68 -14.73 79.24 3.35
N ASN D 69 -15.79 79.74 3.94
CA ASN D 69 -15.69 80.88 4.83
C ASN D 69 -15.19 80.38 6.17
N PRO D 70 -13.99 80.77 6.60
CA PRO D 70 -13.42 80.15 7.81
C PRO D 70 -14.28 80.31 9.04
N ARG D 71 -14.96 81.44 9.18
CA ARG D 71 -15.89 81.59 10.29
C ARG D 71 -17.09 80.66 10.16
N GLU D 72 -17.38 80.18 8.94
CA GLU D 72 -18.52 79.31 8.68
C GLU D 72 -18.08 77.88 8.41
N ASN D 73 -16.95 77.47 8.94
CA ASN D 73 -16.41 76.14 8.69
C ASN D 73 -16.09 75.43 10.00
N GLY D 74 -17.07 75.32 10.90
CA GLY D 74 -16.92 74.51 12.10
C GLY D 74 -18.11 73.60 12.33
N LEU D 75 -18.29 73.14 13.56
CA LEU D 75 -19.50 72.42 13.94
C LEU D 75 -20.43 73.21 14.85
N LYS D 76 -19.88 74.10 15.68
CA LYS D 76 -20.73 74.96 16.49
C LYS D 76 -21.62 75.84 15.62
N ASP D 77 -21.07 76.40 14.56
CA ASP D 77 -21.89 77.23 13.66
C ASP D 77 -22.94 76.38 12.97
N TYR D 78 -22.59 75.16 12.58
CA TYR D 78 -23.58 74.26 11.97
C TYR D 78 -24.74 74.02 12.93
N LEU D 79 -24.42 73.76 14.20
CA LEU D 79 -25.48 73.52 15.16
C LEU D 79 -26.29 74.78 15.44
N ASP D 80 -25.64 75.94 15.44
CA ASP D 80 -26.35 77.17 15.73
C ASP D 80 -27.32 77.53 14.61
N ALA D 81 -26.90 77.32 13.36
CA ALA D 81 -27.74 77.69 12.24
C ALA D 81 -29.09 76.98 12.30
N GLN D 82 -29.11 75.81 12.94
CA GLN D 82 -30.37 75.06 13.12
C GLN D 82 -31.01 75.47 14.45
N ASN D 83 -30.44 76.46 15.14
CA ASN D 83 -31.00 77.02 16.37
C ASN D 83 -31.16 75.95 17.44
N VAL D 84 -30.24 74.99 17.46
CA VAL D 84 -30.35 73.89 18.40
C VAL D 84 -30.02 74.39 19.81
N LYS D 85 -30.86 74.03 20.77
CA LYS D 85 -30.80 74.61 22.10
C LYS D 85 -29.54 74.19 22.83
N GLN D 86 -28.97 75.13 23.58
CA GLN D 86 -27.69 74.92 24.25
C GLN D 86 -27.76 73.77 25.23
N SER D 87 -28.90 73.62 25.92
CA SER D 87 -29.08 72.48 26.81
C SER D 87 -29.08 71.18 26.03
N GLU D 88 -29.79 71.16 24.91
CA GLU D 88 -29.64 70.03 23.98
C GLU D 88 -28.22 70.00 23.41
N TRP D 89 -27.69 71.16 23.04
CA TRP D 89 -26.28 71.26 22.75
C TRP D 89 -25.43 70.79 23.92
N GLU D 90 -25.96 70.88 25.15
CA GLU D 90 -25.34 70.15 26.25
C GLU D 90 -25.81 68.71 26.32
N ALA D 91 -26.96 68.37 25.75
CA ALA D 91 -27.41 66.98 25.75
C ALA D 91 -26.57 66.10 24.85
N PHE D 92 -25.92 66.66 23.83
CA PHE D 92 -25.27 65.85 22.81
C PHE D 92 -23.74 65.89 22.91
N VAL D 93 -23.20 66.28 24.05
CA VAL D 93 -21.75 66.30 24.26
C VAL D 93 -21.33 64.98 24.89
N SER D 94 -20.46 64.25 24.20
CA SER D 94 -19.91 63.01 24.77
C SER D 94 -18.91 63.32 25.86
N TYR D 95 -17.99 64.26 25.60
CA TYR D 95 -16.93 64.59 26.54
C TYR D 95 -16.18 65.81 26.05
N SER D 96 -15.50 66.48 26.97
CA SER D 96 -14.97 67.82 26.71
C SER D 96 -13.67 68.04 27.48
N GLU D 97 -12.89 69.00 27.00
CA GLU D 97 -11.64 69.39 27.62
C GLU D 97 -11.44 70.89 27.46
N LYS D 98 -10.63 71.46 28.35
CA LYS D 98 -10.41 72.91 28.36
C LYS D 98 -9.48 73.37 27.24
N LEU D 113 -8.53 75.63 17.21
CA LEU D 113 -8.27 74.21 17.00
C LEU D 113 -8.65 73.74 15.62
N ASN D 114 -7.72 73.82 14.67
CA ASN D 114 -7.96 73.23 13.36
C ASN D 114 -7.88 71.71 13.44
N ASP D 115 -6.89 71.19 14.17
CA ASP D 115 -6.72 69.76 14.39
C ASP D 115 -6.54 69.49 15.87
N LEU D 116 -6.81 68.26 16.27
CA LEU D 116 -6.62 67.83 17.66
C LEU D 116 -6.19 66.37 17.66
N HIS D 117 -5.18 66.04 18.46
CA HIS D 117 -4.58 64.72 18.44
C HIS D 117 -5.03 63.94 19.67
N LEU D 118 -5.70 62.81 19.45
CA LEU D 118 -6.17 61.97 20.55
C LEU D 118 -5.15 60.92 20.94
N MET D 119 -5.15 60.57 22.22
CA MET D 119 -4.37 59.48 22.74
C MET D 119 -4.94 58.14 22.28
N VAL D 120 -4.20 57.08 22.57
CA VAL D 120 -4.76 55.74 22.46
C VAL D 120 -5.93 55.61 23.41
N ARG D 121 -6.98 54.88 23.01
CA ARG D 121 -8.13 54.64 23.92
C ARG D 121 -8.41 53.14 23.98
N ASP D 122 -8.94 52.63 25.10
CA ASP D 122 -9.32 51.19 25.12
C ASP D 122 -10.74 51.04 24.53
N GLY D 123 -11.29 49.82 24.61
CA GLY D 123 -12.63 49.56 24.05
C GLY D 123 -13.64 50.58 24.52
N GLN D 124 -13.78 50.76 25.85
CA GLN D 124 -14.81 51.68 26.41
C GLN D 124 -14.32 53.14 26.38
N ASN D 125 -13.65 53.54 25.29
CA ASN D 125 -13.13 54.94 25.13
C ASN D 125 -12.44 55.38 26.43
N LYS D 126 -11.62 54.51 27.03
CA LYS D 126 -10.92 54.86 28.28
C LYS D 126 -9.41 54.90 28.01
N VAL D 127 -8.83 56.08 28.10
CA VAL D 127 -7.37 56.26 27.83
C VAL D 127 -6.55 55.35 28.75
N TYR D 128 -5.50 54.70 28.24
CA TYR D 128 -4.61 53.91 29.09
C TYR D 128 -3.19 54.13 28.60
N LEU D 129 -2.22 53.84 29.45
CA LEU D 129 -0.83 54.00 29.06
C LEU D 129 -0.31 52.68 28.48
N PRO D 130 0.19 52.67 27.25
CA PRO D 130 0.63 51.42 26.63
C PRO D 130 1.89 50.86 27.28
N GLY D 131 2.10 49.57 27.05
CA GLY D 131 3.36 48.94 27.41
C GLY D 131 4.52 49.33 26.50
N SER D 132 4.22 49.79 25.29
CA SER D 132 5.28 50.20 24.37
C SER D 132 5.96 51.47 24.85
N SER D 133 5.18 52.44 25.30
CA SER D 133 5.73 53.71 25.74
C SER D 133 6.61 53.54 26.97
N ILE D 134 6.11 52.79 27.96
CA ILE D 134 6.79 52.76 29.24
C ILE D 134 8.14 52.07 29.12
N LYS D 135 8.20 50.90 28.48
CA LYS D 135 9.52 50.35 28.20
C LYS D 135 10.26 51.18 27.15
N GLY D 136 9.57 51.99 26.36
CA GLY D 136 10.29 52.89 25.46
C GLY D 136 11.21 53.81 26.23
N ALA D 137 10.66 54.52 27.21
CA ALA D 137 11.47 55.38 28.05
C ALA D 137 12.45 54.58 28.90
N ILE D 138 12.00 53.45 29.46
CA ILE D 138 12.89 52.68 30.33
C ILE D 138 14.07 52.09 29.56
N LYS D 139 13.79 51.59 28.35
CA LYS D 139 14.89 51.07 27.48
C LYS D 139 15.85 52.21 27.22
N THR D 140 15.34 53.35 26.77
CA THR D 140 16.23 54.46 26.48
C THR D 140 17.11 54.76 27.67
N THR D 141 16.54 54.76 28.87
CA THR D 141 17.34 55.02 30.07
C THR D 141 18.43 53.95 30.26
N LEU D 142 18.04 52.68 30.13
CA LEU D 142 19.00 51.55 30.32
C LEU D 142 20.11 51.64 29.28
N VAL D 143 19.75 51.83 28.01
CA VAL D 143 20.77 51.85 26.90
C VAL D 143 21.81 52.93 27.21
N SER D 144 21.39 54.14 27.57
CA SER D 144 22.33 55.26 27.82
C SER D 144 23.24 54.94 29.01
N LYS D 145 22.66 54.44 30.11
CA LYS D 145 23.45 54.18 31.35
C LYS D 145 24.44 53.03 31.13
N TYR D 146 23.99 51.92 30.52
CA TYR D 146 24.86 50.73 30.38
C TYR D 146 25.60 50.76 29.03
N ASN D 147 25.50 51.88 28.29
CA ASN D 147 26.17 52.01 26.96
C ASN D 147 25.78 50.82 26.08
N ASN D 148 24.47 50.51 26.01
CA ASN D 148 23.97 49.37 25.19
C ASN D 148 24.74 48.09 25.55
N GLU D 149 24.73 47.70 26.83
CA GLU D 149 25.39 46.43 27.24
C GLU D 149 24.43 45.27 26.99
N LYS D 150 24.26 44.87 25.71
CA LYS D 150 23.30 43.79 25.35
C LYS D 150 21.93 44.10 25.95
N ASN D 151 21.54 45.38 25.95
CA ASN D 151 20.24 45.79 26.57
C ASN D 151 19.07 45.24 25.75
N LYS D 152 19.30 44.96 24.47
CA LYS D 152 18.24 44.38 23.59
C LYS D 152 17.86 42.99 24.12
N ASP D 153 18.85 42.23 24.64
CA ASP D 153 18.57 40.90 25.22
C ASP D 153 17.77 41.05 26.52
N ILE D 154 18.14 42.03 27.36
CA ILE D 154 17.46 42.23 28.68
C ILE D 154 16.06 42.82 28.44
N TYR D 155 15.77 43.33 27.24
CA TYR D 155 14.41 43.81 26.95
C TYR D 155 13.40 42.69 27.20
N SER D 156 13.75 41.47 26.78
CA SER D 156 12.86 40.29 27.00
C SER D 156 12.76 39.94 28.49
N LYS D 157 13.78 40.30 29.28
CA LYS D 157 13.80 39.90 30.72
C LYS D 157 13.28 41.03 31.62
N ILE D 158 12.69 42.07 31.05
CA ILE D 158 12.06 43.15 31.88
C ILE D 158 10.65 43.36 31.33
N LYS D 159 9.63 43.01 32.13
CA LYS D 159 8.23 43.04 31.64
C LYS D 159 7.42 44.16 32.32
N VAL D 160 6.70 44.94 31.53
CA VAL D 160 5.85 46.02 32.02
C VAL D 160 4.42 45.75 31.58
N SER D 161 3.50 45.74 32.55
CA SER D 161 2.09 45.62 32.23
C SER D 161 1.54 46.96 31.77
N ASP D 162 0.50 46.91 30.94
CA ASP D 162 -0.18 48.12 30.54
C ASP D 162 -0.79 48.81 31.75
N SER D 163 -1.26 50.03 31.54
CA SER D 163 -1.83 50.79 32.63
C SER D 163 -3.27 50.36 32.91
N LYS D 164 -3.74 50.71 34.10
CA LYS D 164 -5.16 50.74 34.37
C LYS D 164 -5.77 51.95 33.67
N PRO D 165 -7.09 51.98 33.51
CA PRO D 165 -7.70 53.06 32.72
C PRO D 165 -7.45 54.43 33.34
N ILE D 166 -7.63 55.46 32.51
CA ILE D 166 -7.50 56.85 32.93
C ILE D 166 -8.84 57.52 32.68
N ASP D 167 -9.55 57.84 33.76
CA ASP D 167 -10.83 58.51 33.65
C ASP D 167 -10.66 59.91 33.06
N GLU D 168 -11.70 60.37 32.35
CA GLU D 168 -11.61 61.67 31.64
C GLU D 168 -11.57 62.84 32.64
N SER D 169 -11.42 62.55 33.93
CA SER D 169 -11.27 63.63 34.94
C SER D 169 -9.89 64.28 34.80
N ASN D 170 -8.97 63.63 34.07
CA ASN D 170 -7.58 64.15 33.94
C ASN D 170 -7.20 64.29 32.47
N LEU D 171 -8.13 64.67 31.60
CA LEU D 171 -7.78 64.91 30.20
C LEU D 171 -8.02 66.37 29.85
N ALA D 172 -7.03 66.99 29.21
CA ALA D 172 -7.15 68.37 28.76
C ALA D 172 -6.24 68.58 27.54
N ILE D 173 -6.59 69.60 26.76
CA ILE D 173 -5.91 69.90 25.49
C ILE D 173 -4.79 70.89 25.74
N TYR D 174 -3.69 70.75 25.02
CA TYR D 174 -2.58 71.68 25.12
C TYR D 174 -1.99 71.98 23.76
N GLN D 175 -1.42 73.18 23.65
CA GLN D 175 -0.77 73.62 22.39
C GLN D 175 0.71 73.30 22.45
N LYS D 176 1.27 72.87 21.32
CA LYS D 176 2.70 72.61 21.25
C LYS D 176 3.45 73.93 21.20
N ILE D 177 4.40 74.10 22.12
CA ILE D 177 5.15 75.34 22.27
C ILE D 177 6.60 75.05 21.91
N ASP D 178 7.14 75.78 20.94
CA ASP D 178 8.54 75.67 20.58
C ASP D 178 9.31 76.65 21.45
N ILE D 179 9.91 76.14 22.52
CA ILE D 179 10.56 76.98 23.53
C ILE D 179 12.00 77.16 23.10
N ASN D 180 12.29 78.31 22.49
CA ASN D 180 13.65 78.74 22.19
C ASN D 180 13.83 80.12 22.80
N LYS D 181 14.92 80.82 22.48
CA LYS D 181 15.16 82.11 23.12
C LYS D 181 14.03 83.09 22.84
N SER D 182 13.29 82.90 21.76
CA SER D 182 12.02 83.56 21.52
C SER D 182 10.97 82.48 21.29
N GLU D 183 9.88 82.54 22.05
CA GLU D 183 8.90 81.46 22.01
C GLU D 183 8.03 81.55 20.76
N LYS D 184 7.64 80.39 20.25
CA LYS D 184 6.83 80.26 19.05
C LYS D 184 5.80 79.16 19.28
N SER D 185 4.60 79.32 18.74
CA SER D 185 3.59 78.26 18.82
C SER D 185 3.58 77.34 17.62
N MET D 186 3.24 76.08 17.87
CA MET D 186 3.04 75.15 16.73
C MET D 186 1.55 75.26 16.41
N PRO D 187 1.13 75.26 15.12
CA PRO D 187 -0.27 75.57 14.77
C PRO D 187 -1.29 74.61 15.34
N LEU D 188 -0.93 73.39 15.69
CA LEU D 188 -1.90 72.42 16.20
C LEU D 188 -1.65 72.17 17.68
N TYR D 189 -2.53 71.34 18.24
CA TYR D 189 -2.60 71.05 19.67
C TYR D 189 -2.35 69.57 19.88
N ARG D 190 -2.15 69.18 21.13
CA ARG D 190 -2.19 67.78 21.50
C ARG D 190 -2.92 67.63 22.83
N GLU D 191 -3.85 66.69 22.89
CA GLU D 191 -4.46 66.37 24.17
C GLU D 191 -3.43 65.73 25.08
N CYS D 192 -3.55 66.01 26.37
CA CYS D 192 -2.56 65.52 27.32
C CYS D 192 -3.25 65.12 28.62
N ILE D 193 -2.53 64.37 29.43
CA ILE D 193 -2.95 64.11 30.80
C ILE D 193 -2.66 65.34 31.64
N ASP D 194 -3.59 65.68 32.52
CA ASP D 194 -3.43 66.86 33.35
C ASP D 194 -2.30 66.64 34.36
N VAL D 195 -1.86 67.73 34.98
CA VAL D 195 -0.75 67.66 35.91
C VAL D 195 -1.14 66.85 37.14
N ASN D 196 -0.16 66.11 37.68
CA ASN D 196 -0.20 65.42 38.96
C ASN D 196 -1.08 64.18 38.98
N THR D 197 -1.52 63.69 37.84
CA THR D 197 -2.31 62.47 37.81
C THR D 197 -1.46 61.28 38.27
N GLU D 198 -2.06 60.38 39.04
CA GLU D 198 -1.39 59.19 39.53
C GLU D 198 -1.81 58.00 38.68
N ILE D 199 -0.84 57.33 38.07
CA ILE D 199 -1.11 56.20 37.20
C ILE D 199 -0.20 55.05 37.61
N LYS D 200 -0.77 53.86 37.71
CA LYS D 200 -0.05 52.68 38.17
C LYS D 200 0.05 51.65 37.06
N PHE D 201 1.17 50.94 37.03
CA PHE D 201 1.24 49.68 36.30
C PHE D 201 1.99 48.69 37.16
N LYS D 202 2.14 47.47 36.65
CA LYS D 202 2.81 46.41 37.39
C LYS D 202 4.06 45.98 36.66
N LEU D 203 5.12 45.70 37.42
CA LEU D 203 6.44 45.45 36.87
C LEU D 203 6.89 44.04 37.23
N THR D 204 7.51 43.34 36.27
CA THR D 204 8.05 42.02 36.50
C THR D 204 9.47 41.94 35.98
N ILE D 205 10.35 41.27 36.71
CA ILE D 205 11.77 41.19 36.40
C ILE D 205 12.14 39.72 36.17
N GLU D 206 12.69 39.43 34.99
CA GLU D 206 13.24 38.11 34.71
C GLU D 206 14.77 38.12 34.61
N ASP D 207 15.43 39.26 34.80
CA ASP D 207 16.89 39.33 34.86
C ASP D 207 17.23 40.14 36.10
N GLU D 208 17.56 39.44 37.19
CA GLU D 208 17.77 40.09 38.47
C GLU D 208 18.95 41.05 38.46
N ILE D 209 19.82 40.96 37.44
CA ILE D 209 21.02 41.79 37.42
C ILE D 209 20.65 43.27 37.37
N TYR D 210 19.67 43.62 36.55
CA TYR D 210 19.20 45.00 36.47
C TYR D 210 18.07 45.20 37.47
N SER D 211 18.46 45.23 38.74
CA SER D 211 17.52 45.24 39.83
C SER D 211 16.72 46.54 39.86
N ILE D 212 15.78 46.59 40.80
CA ILE D 212 14.91 47.76 40.96
C ILE D 212 15.75 49.01 41.20
N ASN D 213 16.68 48.93 42.15
CA ASN D 213 17.50 50.08 42.44
C ASN D 213 18.41 50.39 41.26
N GLU D 214 18.89 49.34 40.58
CA GLU D 214 19.67 49.56 39.37
C GLU D 214 18.87 50.33 38.34
N ILE D 215 17.62 49.96 38.12
CA ILE D 215 16.79 50.64 37.13
C ILE D 215 16.59 52.10 37.53
N GLU D 216 16.30 52.34 38.81
CA GLU D 216 16.05 53.70 39.26
C GLU D 216 17.29 54.55 39.10
N GLN D 217 18.46 54.02 39.47
CA GLN D 217 19.68 54.79 39.32
C GLN D 217 20.02 55.01 37.87
N SER D 218 19.67 54.06 37.00
CA SER D 218 19.88 54.25 35.58
C SER D 218 19.07 55.42 35.06
N ILE D 219 17.79 55.48 35.44
CA ILE D 219 16.95 56.59 35.04
C ILE D 219 17.52 57.90 35.58
N GLN D 220 17.95 57.89 36.85
CA GLN D 220 18.42 59.12 37.47
C GLN D 220 19.68 59.63 36.78
N ASP D 221 20.60 58.72 36.47
CA ASP D 221 21.82 59.13 35.77
C ASP D 221 21.49 59.65 34.39
N PHE D 222 20.53 59.01 33.71
CA PHE D 222 20.08 59.53 32.42
C PHE D 222 19.60 60.96 32.57
N TYR D 223 18.83 61.24 33.62
CA TYR D 223 18.30 62.58 33.80
C TYR D 223 19.40 63.58 34.09
N LYS D 224 20.35 63.22 34.94
CA LYS D 224 21.42 64.15 35.29
C LYS D 224 22.28 64.46 34.07
N ASN D 225 22.58 63.44 33.26
CA ASN D 225 23.30 63.69 32.03
C ASN D 225 22.49 64.58 31.10
N TYR D 226 21.17 64.37 31.05
CA TYR D 226 20.32 65.21 30.22
C TYR D 226 20.40 66.65 30.70
N TYR D 227 20.35 66.85 32.01
CA TYR D 227 20.42 68.20 32.57
C TYR D 227 21.72 68.88 32.18
N ASP D 228 22.85 68.25 32.50
CA ASP D 228 24.10 68.98 32.28
C ASP D 228 24.48 69.05 30.82
N LYS D 229 23.79 68.32 29.93
CA LYS D 229 24.03 68.55 28.51
C LYS D 229 23.10 69.61 27.94
N TRP D 230 21.79 69.43 28.07
CA TRP D 230 20.85 70.26 27.33
C TRP D 230 19.98 71.16 28.18
N LEU D 231 19.48 70.70 29.31
CA LEU D 231 18.50 71.50 30.05
C LEU D 231 19.09 72.79 30.61
N VAL D 232 20.41 72.90 30.68
CA VAL D 232 21.01 74.13 31.16
C VAL D 232 21.07 75.22 30.08
N GLY D 233 20.95 74.85 28.81
CA GLY D 233 21.13 75.81 27.74
C GLY D 233 19.95 76.71 27.47
N PHE D 234 18.74 76.29 27.80
CA PHE D 234 17.58 77.12 27.50
C PHE D 234 17.40 78.28 28.46
N LYS D 235 18.40 78.61 29.27
CA LYS D 235 18.22 79.69 30.23
C LYS D 235 18.19 81.04 29.52
N GLU D 236 17.67 82.04 30.25
CA GLU D 236 17.39 83.41 29.83
C GLU D 236 16.12 83.51 28.99
N THR D 237 15.37 82.42 28.85
CA THR D 237 14.05 82.45 28.22
C THR D 237 12.97 82.49 29.29
N LYS D 238 12.01 83.41 29.12
CA LYS D 238 10.98 83.64 30.13
C LYS D 238 10.26 82.35 30.51
N GLY D 239 9.77 81.62 29.51
CA GLY D 239 9.16 80.34 29.79
C GLY D 239 10.14 79.34 30.36
N GLY D 240 11.40 79.45 29.97
CA GLY D 240 12.43 78.56 30.46
C GLY D 240 12.59 78.60 31.97
N ARG D 241 13.04 79.75 32.49
CA ARG D 241 13.30 79.83 33.92
C ARG D 241 12.03 79.72 34.73
N ARG D 242 10.88 80.02 34.13
CA ARG D 242 9.63 79.82 34.86
C ARG D 242 9.43 78.33 35.14
N PHE D 243 9.51 77.49 34.12
CA PHE D 243 9.33 76.05 34.30
C PHE D 243 10.48 75.42 35.04
N ALA D 244 11.71 75.75 34.65
CA ALA D 244 12.89 75.14 35.27
C ALA D 244 12.87 75.33 36.78
N LEU D 245 12.53 76.53 37.24
CA LEU D 245 12.43 76.80 38.67
C LEU D 245 11.16 76.20 39.27
N GLU D 246 10.03 76.29 38.59
CA GLU D 246 8.78 75.77 39.15
C GLU D 246 8.83 74.27 39.31
N GLY D 247 9.46 73.57 38.37
CA GLY D 247 9.62 72.13 38.48
C GLY D 247 10.64 71.68 39.49
N GLY D 248 11.48 72.59 39.98
CA GLY D 248 12.46 72.23 40.99
C GLY D 248 13.49 71.23 40.52
N ILE D 249 13.98 71.38 39.29
CA ILE D 249 14.94 70.41 38.78
C ILE D 249 16.27 70.35 39.54
N PRO D 250 16.79 71.43 40.15
CA PRO D 250 17.99 71.23 40.98
C PRO D 250 17.81 70.19 42.06
N ASP D 251 16.63 70.11 42.67
CA ASP D 251 16.32 68.99 43.57
C ASP D 251 15.98 67.74 42.77
N VAL D 252 15.32 67.91 41.61
CA VAL D 252 14.90 66.77 40.80
C VAL D 252 16.07 65.88 40.41
N LEU D 253 17.29 66.42 40.42
CA LEU D 253 18.45 65.56 40.19
C LEU D 253 18.51 64.42 41.18
N ASN D 254 17.90 64.60 42.36
CA ASN D 254 17.70 63.49 43.27
C ASN D 254 16.46 62.68 42.93
N GLN D 255 15.56 63.20 42.11
CA GLN D 255 14.31 62.52 41.84
C GLN D 255 14.37 61.67 40.59
N ASN D 256 13.55 60.63 40.56
CA ASN D 256 13.51 59.65 39.48
C ASN D 256 12.52 60.13 38.42
N ILE D 257 13.02 60.93 37.49
CA ILE D 257 12.19 61.65 36.52
C ILE D 257 12.57 61.19 35.12
N LEU D 258 11.56 61.02 34.27
CA LEU D 258 11.78 60.54 32.91
C LEU D 258 10.69 61.09 32.01
N PHE D 259 11.00 61.19 30.72
CA PHE D 259 10.05 61.63 29.71
C PHE D 259 9.43 60.39 29.06
N LEU D 260 8.11 60.34 29.03
CA LEU D 260 7.41 59.26 28.34
C LEU D 260 6.90 59.71 26.99
N GLY D 261 6.64 58.73 26.13
CA GLY D 261 5.91 58.91 24.90
C GLY D 261 6.57 59.89 23.94
N ALA D 262 5.73 60.43 23.06
CA ALA D 262 6.13 61.42 22.08
C ALA D 262 5.97 62.82 22.63
N GLY D 263 6.50 63.79 21.90
CA GLY D 263 6.44 65.18 22.28
C GLY D 263 7.64 65.66 23.07
N THR D 264 8.40 64.74 23.65
CA THR D 264 9.67 65.12 24.26
C THR D 264 10.67 65.48 23.17
N GLY D 265 11.68 66.26 23.54
CA GLY D 265 12.66 66.71 22.57
C GLY D 265 13.34 65.55 21.88
N PHE D 266 13.74 65.79 20.62
CA PHE D 266 14.38 64.74 19.84
C PHE D 266 15.60 64.18 20.55
N VAL D 267 16.30 65.01 21.33
CA VAL D 267 17.48 64.54 22.03
C VAL D 267 17.10 63.50 23.09
N SER D 268 16.00 63.71 23.79
CA SER D 268 15.54 62.77 24.79
C SER D 268 15.32 61.38 24.21
N ASN D 277 29.54 64.86 22.77
CA ASN D 277 29.92 66.25 22.56
C ASN D 277 28.83 67.00 21.82
N ARG D 278 29.00 68.32 21.71
CA ARG D 278 27.99 69.14 21.08
C ARG D 278 28.03 69.01 19.56
N LYS D 279 29.24 68.93 18.99
CA LYS D 279 29.37 68.86 17.54
C LYS D 279 28.72 67.61 16.97
N GLN D 280 28.93 66.47 17.61
CA GLN D 280 28.33 65.24 17.12
C GLN D 280 26.82 65.30 17.24
N ALA D 281 26.32 65.93 18.31
CA ALA D 281 24.89 66.13 18.44
C ALA D 281 24.36 67.01 17.31
N LYS D 282 25.11 68.05 16.95
CA LYS D 282 24.70 68.92 15.85
C LYS D 282 24.61 68.15 14.54
N GLN D 283 25.65 67.37 14.24
CA GLN D 283 25.64 66.62 12.99
C GLN D 283 24.48 65.63 12.97
N ASP D 284 24.28 64.92 14.09
CA ASP D 284 23.20 63.94 14.13
C ASP D 284 21.85 64.61 14.00
N SER D 285 21.65 65.75 14.68
CA SER D 285 20.37 66.44 14.64
C SER D 285 20.09 66.99 13.26
N PHE D 286 21.12 67.53 12.59
CA PHE D 286 20.96 67.91 11.20
C PHE D 286 20.51 66.73 10.37
N GLU D 287 21.16 65.58 10.55
CA GLU D 287 20.81 64.42 9.73
C GLU D 287 19.37 63.99 9.98
N ILE D 288 19.01 63.91 11.26
CA ILE D 288 17.63 63.51 11.68
C ILE D 288 16.61 64.46 11.05
N LEU D 289 16.76 65.76 11.31
CA LEU D 289 15.79 66.74 10.84
C LEU D 289 15.77 66.83 9.31
N THR D 290 16.91 66.55 8.67
CA THR D 290 16.95 66.46 7.21
C THR D 290 16.12 65.29 6.73
N ALA D 310 15.25 75.00 20.28
CA ALA D 310 14.00 74.37 19.90
C ALA D 310 13.59 73.29 20.91
N LEU D 311 12.69 73.65 21.82
CA LEU D 311 12.18 72.74 22.84
C LEU D 311 10.68 72.61 22.72
N LYS D 312 10.18 71.40 22.94
CA LYS D 312 8.76 71.13 22.94
C LYS D 312 8.21 71.21 24.36
N GLY D 313 7.25 72.10 24.57
CA GLY D 313 6.59 72.22 25.86
C GLY D 313 5.18 72.76 25.70
N THR D 314 4.51 73.03 26.81
CA THR D 314 3.15 73.55 26.74
C THR D 314 3.02 74.77 27.64
N THR D 315 2.26 75.74 27.14
CA THR D 315 2.02 77.01 27.81
C THR D 315 0.53 77.14 28.04
N ASN D 316 0.13 77.39 29.28
CA ASN D 316 -1.28 77.55 29.61
C ASN D 316 -1.68 79.01 29.59
N GLN D 317 -2.91 79.28 29.16
CA GLN D 317 -3.48 80.61 29.37
C GLN D 317 -3.93 80.78 30.82
N SER D 318 -4.36 79.70 31.45
CA SER D 318 -5.04 79.81 32.75
C SER D 318 -4.10 80.31 33.84
N ARG D 319 -2.90 79.77 33.92
CA ARG D 319 -1.94 80.20 34.93
C ARG D 319 -0.72 80.89 34.35
N HIS D 320 -0.62 81.01 33.02
CA HIS D 320 0.56 81.57 32.37
C HIS D 320 1.82 80.82 32.77
N THR D 321 1.71 79.50 32.88
CA THR D 321 2.81 78.66 33.32
C THR D 321 3.11 77.63 32.25
N SER D 322 4.38 77.52 31.88
CA SER D 322 4.80 76.61 30.82
C SER D 322 5.32 75.31 31.41
N TYR D 323 4.90 74.19 30.81
CA TYR D 323 5.42 72.88 31.15
C TYR D 323 6.00 72.26 29.90
N GLN D 324 7.15 71.60 30.02
CA GLN D 324 7.67 70.89 28.86
C GLN D 324 6.96 69.54 28.80
N GLN D 325 6.68 69.06 27.60
CA GLN D 325 5.94 67.82 27.48
C GLN D 325 6.81 66.63 27.89
N GLY D 326 6.27 65.76 28.74
CA GLY D 326 6.80 64.43 28.90
C GLY D 326 7.20 63.98 30.30
N MET D 327 7.78 64.84 31.13
CA MET D 327 8.38 64.29 32.34
C MET D 327 7.31 63.87 33.35
N CYS D 328 7.65 62.84 34.13
CA CYS D 328 6.78 62.34 35.18
C CYS D 328 7.63 61.54 36.17
N LYS D 329 7.16 61.48 37.41
CA LYS D 329 7.92 60.85 38.48
C LYS D 329 7.57 59.38 38.61
N VAL D 330 8.58 58.54 38.81
CA VAL D 330 8.40 57.11 38.94
C VAL D 330 9.01 56.66 40.26
N SER D 331 8.23 55.91 41.03
CA SER D 331 8.72 55.23 42.21
C SER D 331 8.21 53.80 42.19
N PHE D 332 9.01 52.89 42.74
CA PHE D 332 8.73 51.47 42.68
C PHE D 332 8.25 50.97 44.03
N GLN D 333 7.67 49.76 44.02
CA GLN D 333 7.29 49.08 45.26
C GLN D 333 7.20 47.56 45.04
N MET E 1 39.36 -67.22 -16.11
CA MET E 1 38.33 -66.22 -16.20
C MET E 1 37.51 -66.37 -17.47
N ASN E 2 36.22 -66.04 -17.38
CA ASN E 2 35.39 -65.99 -18.58
C ASN E 2 36.03 -65.07 -19.59
N LYS E 3 35.99 -65.49 -20.86
CA LYS E 3 36.70 -64.73 -21.88
C LYS E 3 36.12 -63.33 -22.02
N LYS E 4 34.82 -63.18 -21.82
CA LYS E 4 34.24 -61.84 -21.81
C LYS E 4 34.88 -60.99 -20.71
N ASN E 5 35.01 -61.56 -19.51
CA ASN E 5 35.66 -60.82 -18.45
C ASN E 5 37.10 -60.52 -18.79
N ILE E 6 37.72 -61.38 -19.58
CA ILE E 6 39.09 -61.12 -20.03
C ILE E 6 39.13 -59.90 -20.92
N LEU E 7 38.19 -59.83 -21.87
CA LEU E 7 38.07 -58.62 -22.68
C LEU E 7 37.90 -57.40 -21.79
N MET E 8 36.99 -57.48 -20.82
CA MET E 8 36.74 -56.35 -19.94
C MET E 8 38.03 -55.89 -19.27
N TYR E 9 38.62 -56.78 -18.46
CA TYR E 9 39.74 -56.41 -17.61
C TYR E 9 40.96 -56.04 -18.43
N GLY E 10 41.06 -56.53 -19.66
CA GLY E 10 42.18 -56.14 -20.48
C GLY E 10 41.93 -54.81 -21.16
N SER E 11 40.73 -54.64 -21.72
CA SER E 11 40.44 -53.47 -22.51
C SER E 11 40.49 -52.23 -21.66
N LEU E 12 39.81 -52.24 -20.51
CA LEU E 12 39.75 -51.02 -19.73
C LEU E 12 41.14 -50.54 -19.33
N LEU E 13 42.18 -51.35 -19.55
CA LEU E 13 43.55 -50.97 -19.26
C LEU E 13 44.44 -50.96 -20.50
N HIS E 14 43.88 -50.77 -21.69
CA HIS E 14 44.69 -50.90 -22.91
C HIS E 14 45.67 -49.74 -23.05
N ASP E 15 45.19 -48.52 -22.86
CA ASP E 15 46.04 -47.33 -22.91
C ASP E 15 46.52 -46.91 -21.54
N ILE E 16 46.74 -47.86 -20.63
CA ILE E 16 47.23 -47.51 -19.29
C ILE E 16 48.64 -46.95 -19.37
N GLY E 17 49.44 -47.46 -20.31
CA GLY E 17 50.83 -47.06 -20.40
C GLY E 17 51.04 -45.58 -20.63
N LYS E 18 50.02 -44.88 -21.09
CA LYS E 18 50.17 -43.45 -21.34
C LYS E 18 50.50 -42.70 -20.07
N ILE E 19 49.76 -42.95 -18.99
CA ILE E 19 50.03 -42.26 -17.74
C ILE E 19 51.43 -42.59 -17.26
N ILE E 20 51.96 -43.73 -17.68
CA ILE E 20 53.25 -44.18 -17.20
C ILE E 20 54.37 -43.48 -17.95
N TYR E 21 54.27 -43.45 -19.28
CA TYR E 21 55.24 -42.71 -20.09
C TYR E 21 55.21 -41.23 -19.76
N ARG E 22 54.03 -40.62 -19.81
CA ARG E 22 53.95 -39.20 -19.50
C ARG E 22 54.56 -38.88 -18.14
N SER E 23 54.67 -39.88 -17.27
CA SER E 23 55.27 -39.64 -15.97
C SER E 23 56.72 -39.23 -16.08
N GLY E 24 57.48 -39.91 -16.92
CA GLY E 24 58.91 -39.60 -16.99
C GLY E 24 59.77 -40.16 -15.88
N ASP E 25 59.27 -40.09 -14.64
CA ASP E 25 60.01 -40.72 -13.51
C ASP E 25 59.70 -42.22 -13.45
N HIS E 26 58.76 -42.68 -14.30
CA HIS E 26 58.37 -44.12 -14.33
C HIS E 26 58.59 -44.70 -15.73
N HIS E 33 54.64 -47.45 -25.40
CA HIS E 33 53.46 -47.33 -24.50
C HIS E 33 52.91 -48.72 -24.17
N SER E 34 52.60 -49.52 -25.19
CA SER E 34 52.16 -50.89 -24.94
C SER E 34 53.14 -51.63 -24.05
N LYS E 35 54.43 -51.62 -24.40
CA LYS E 35 55.41 -52.40 -23.64
C LYS E 35 55.55 -51.85 -22.24
N LEU E 36 55.52 -50.53 -22.11
CA LEU E 36 55.66 -49.92 -20.78
C LEU E 36 54.50 -50.30 -19.88
N GLY E 37 53.27 -50.18 -20.38
CA GLY E 37 52.13 -50.60 -19.59
C GLY E 37 52.20 -52.07 -19.24
N HIS E 38 52.66 -52.89 -20.19
CA HIS E 38 52.82 -54.31 -19.93
C HIS E 38 53.76 -54.54 -18.76
N GLN E 39 54.88 -53.82 -18.75
CA GLN E 39 55.82 -54.00 -17.66
C GLN E 39 55.23 -53.53 -16.35
N PHE E 40 54.49 -52.42 -16.37
CA PHE E 40 53.98 -51.89 -15.11
C PHE E 40 52.97 -52.83 -14.47
N LEU E 41 52.01 -53.32 -15.26
CA LEU E 41 50.99 -54.15 -14.62
C LEU E 41 51.57 -55.47 -14.11
N SER E 42 52.77 -55.83 -14.53
CA SER E 42 53.30 -57.17 -14.39
C SER E 42 53.95 -57.45 -13.05
N GLN E 43 53.73 -56.61 -12.03
CA GLN E 43 54.30 -56.88 -10.71
C GLN E 43 53.27 -57.24 -9.65
N PHE E 44 51.99 -57.23 -9.98
CA PHE E 44 50.93 -57.23 -8.96
C PHE E 44 50.19 -58.56 -8.95
N SER E 45 50.00 -59.11 -7.74
CA SER E 45 49.47 -60.46 -7.59
C SER E 45 48.05 -60.58 -8.17
N GLU E 46 47.15 -59.67 -7.80
CA GLU E 46 45.77 -59.80 -8.26
C GLU E 46 45.69 -59.72 -9.79
N PHE E 47 46.29 -58.70 -10.37
CA PHE E 47 46.17 -58.52 -11.81
C PHE E 47 47.28 -59.30 -12.52
N LYS E 48 47.75 -60.35 -11.88
CA LYS E 48 48.75 -61.24 -12.45
C LYS E 48 48.17 -62.17 -13.50
N ASP E 49 46.94 -61.94 -13.94
CA ASP E 49 46.40 -62.68 -15.08
C ASP E 49 47.20 -62.34 -16.33
N ASN E 50 47.48 -63.36 -17.14
CA ASN E 50 48.40 -63.20 -18.26
C ASN E 50 47.70 -62.69 -19.52
N GLU E 51 46.52 -63.20 -19.84
CA GLU E 51 45.88 -62.76 -21.07
C GLU E 51 45.52 -61.29 -20.99
N VAL E 52 45.21 -60.78 -19.80
CA VAL E 52 45.01 -59.35 -19.66
C VAL E 52 46.30 -58.62 -20.02
N LEU E 53 47.44 -59.19 -19.61
CA LEU E 53 48.72 -58.58 -19.95
C LEU E 53 48.92 -58.53 -21.46
N ASP E 54 48.54 -59.61 -22.16
CA ASP E 54 48.64 -59.60 -23.61
C ASP E 54 47.75 -58.51 -24.21
N ASN E 55 46.51 -58.44 -23.73
CA ASN E 55 45.59 -57.41 -24.21
C ASN E 55 46.21 -56.03 -24.09
N VAL E 56 46.70 -55.71 -22.91
CA VAL E 56 47.28 -54.37 -22.71
C VAL E 56 48.48 -54.18 -23.61
N ALA E 57 49.37 -55.16 -23.66
CA ALA E 57 50.64 -55.00 -24.36
C ALA E 57 50.49 -54.97 -25.87
N TYR E 58 49.32 -55.26 -26.41
CA TYR E 58 49.26 -55.38 -27.85
C TYR E 58 48.13 -54.54 -28.45
N HIS E 59 47.93 -53.32 -27.94
CA HIS E 59 46.72 -52.63 -28.39
C HIS E 59 46.90 -51.92 -29.72
N HIS E 60 48.02 -52.12 -30.42
CA HIS E 60 48.29 -51.35 -31.63
C HIS E 60 48.75 -52.25 -32.77
N TYR E 61 48.64 -51.70 -33.98
CA TYR E 61 48.90 -52.42 -35.22
C TYR E 61 50.31 -53.02 -35.26
N LYS E 62 51.32 -52.18 -35.06
CA LYS E 62 52.70 -52.62 -35.20
C LYS E 62 53.01 -53.76 -34.24
N GLU E 63 52.64 -53.61 -32.97
CA GLU E 63 52.89 -54.66 -32.00
C GLU E 63 52.22 -55.96 -32.42
N LEU E 64 50.97 -55.87 -32.87
CA LEU E 64 50.25 -57.08 -33.26
C LEU E 64 50.86 -57.72 -34.49
N ALA E 65 51.62 -56.96 -35.27
CA ALA E 65 52.19 -57.53 -36.49
C ALA E 65 53.06 -58.75 -36.21
N LYS E 66 53.67 -58.85 -35.04
CA LYS E 66 54.64 -59.90 -34.78
C LYS E 66 54.35 -60.70 -33.52
N ALA E 67 53.24 -60.43 -32.83
CA ALA E 67 52.95 -61.15 -31.59
C ALA E 67 52.62 -62.61 -31.82
N ASN E 68 52.32 -63.00 -33.07
CA ASN E 68 52.03 -64.38 -33.42
C ASN E 68 50.93 -64.95 -32.53
N LEU E 69 49.96 -64.12 -32.18
CA LEU E 69 48.88 -64.55 -31.32
C LEU E 69 47.93 -65.48 -32.09
N ASP E 70 47.09 -66.18 -31.34
CA ASP E 70 46.13 -67.09 -31.94
C ASP E 70 45.16 -66.32 -32.84
N ASN E 71 44.55 -67.02 -33.78
CA ASN E 71 43.46 -66.44 -34.53
C ASN E 71 42.30 -66.03 -33.63
N ASP E 72 42.21 -66.64 -32.46
CA ASP E 72 41.35 -66.15 -31.38
C ASP E 72 42.19 -65.74 -30.16
N ASN E 73 42.47 -64.44 -30.06
CA ASN E 73 43.09 -63.90 -28.86
C ASN E 73 42.46 -62.54 -28.63
N THR E 74 42.05 -62.29 -27.38
CA THR E 74 41.14 -61.19 -27.09
C THR E 74 41.63 -59.85 -27.57
N ALA E 75 42.95 -59.70 -27.74
CA ALA E 75 43.54 -58.39 -28.01
C ALA E 75 43.07 -57.82 -29.34
N TYR E 76 42.68 -58.67 -30.27
CA TYR E 76 42.29 -58.19 -31.60
C TYR E 76 41.02 -57.35 -31.51
N ILE E 77 40.06 -57.82 -30.72
CA ILE E 77 38.88 -57.03 -30.45
C ILE E 77 39.29 -55.71 -29.81
N THR E 78 40.30 -55.73 -28.95
CA THR E 78 40.76 -54.49 -28.34
C THR E 78 41.28 -53.53 -29.41
N TYR E 79 42.00 -54.05 -30.39
CA TYR E 79 42.50 -53.22 -31.48
C TYR E 79 41.36 -52.54 -32.22
N ILE E 80 40.38 -53.34 -32.64
CA ILE E 80 39.30 -52.74 -33.39
C ILE E 80 38.53 -51.77 -32.51
N ALA E 81 38.44 -52.06 -31.22
CA ALA E 81 37.68 -51.18 -30.35
C ALA E 81 38.36 -49.84 -30.20
N ASP E 82 39.67 -49.85 -30.01
CA ASP E 82 40.37 -48.59 -29.85
C ASP E 82 40.30 -47.80 -31.15
N ASN E 83 40.41 -48.48 -32.29
CA ASN E 83 40.25 -47.77 -33.55
C ASN E 83 38.88 -47.11 -33.63
N ILE E 84 37.84 -47.86 -33.28
CA ILE E 84 36.48 -47.31 -33.35
C ILE E 84 36.34 -46.10 -32.45
N ALA E 85 36.81 -46.21 -31.22
CA ALA E 85 36.68 -45.09 -30.29
C ALA E 85 37.49 -43.89 -30.73
N SER E 86 38.59 -44.13 -31.44
CA SER E 86 39.43 -43.01 -31.96
C SER E 86 39.12 -42.78 -33.44
N LEU E 105 53.78 -35.88 -36.45
CA LEU E 105 52.37 -36.16 -36.68
C LEU E 105 51.69 -36.69 -35.42
N PHE E 106 52.41 -37.54 -34.69
CA PHE E 106 51.91 -38.15 -33.46
C PHE E 106 52.89 -37.89 -32.31
N ASN E 107 53.35 -36.64 -32.20
CA ASN E 107 54.23 -36.24 -31.12
C ASN E 107 53.36 -35.89 -29.91
N PHE E 108 53.43 -36.73 -28.88
CA PHE E 108 52.62 -36.54 -27.68
C PHE E 108 53.39 -35.69 -26.67
N ASP E 109 52.88 -34.50 -26.39
CA ASP E 109 53.46 -33.62 -25.38
C ASP E 109 52.86 -33.98 -24.03
N LYS E 110 53.70 -34.37 -23.09
CA LYS E 110 53.18 -34.89 -21.83
C LYS E 110 52.46 -33.83 -21.01
N TYR E 111 52.66 -32.56 -21.32
CA TYR E 111 52.10 -31.48 -20.53
C TYR E 111 50.87 -30.86 -21.19
N THR E 112 50.32 -31.52 -22.19
CA THR E 112 49.20 -30.94 -22.93
C THR E 112 48.01 -30.73 -22.00
N PRO E 113 47.46 -29.53 -21.94
CA PRO E 113 46.31 -29.30 -21.06
C PRO E 113 44.99 -29.66 -21.71
N LEU E 114 44.14 -30.32 -20.91
CA LEU E 114 42.84 -30.77 -21.40
C LEU E 114 41.94 -29.58 -21.67
N TYR E 115 41.16 -29.66 -22.74
CA TYR E 115 40.25 -28.59 -23.08
C TYR E 115 38.82 -28.99 -22.82
N SER E 116 38.03 -28.02 -22.37
CA SER E 116 36.61 -28.26 -22.13
C SER E 116 35.87 -28.32 -23.46
N VAL E 117 35.05 -29.35 -23.61
CA VAL E 117 34.30 -29.50 -24.86
C VAL E 117 33.33 -28.35 -25.06
N PHE E 118 32.87 -27.71 -23.98
CA PHE E 118 31.80 -26.74 -24.09
C PHE E 118 32.16 -25.54 -24.94
N ASN E 119 33.46 -25.22 -25.05
CA ASN E 119 33.85 -24.14 -25.94
C ASN E 119 33.51 -24.47 -27.38
N ILE E 120 33.98 -25.62 -27.88
CA ILE E 120 33.83 -25.92 -29.33
C ILE E 120 32.37 -26.16 -29.73
N VAL E 121 31.46 -26.38 -28.76
CA VAL E 121 30.08 -26.67 -29.12
C VAL E 121 29.47 -25.55 -29.94
N LYS E 132 40.90 -24.35 -20.45
CA LYS E 132 41.62 -25.57 -20.12
C LYS E 132 41.55 -25.82 -18.63
N PHE E 133 41.80 -27.07 -18.25
CA PHE E 133 41.69 -27.53 -16.88
C PHE E 133 43.07 -27.64 -16.24
N LYS E 134 43.07 -27.90 -14.94
CA LYS E 134 44.29 -27.83 -14.14
C LYS E 134 44.76 -29.21 -13.73
N TYR E 151 50.12 -28.57 -17.18
CA TYR E 151 50.48 -29.66 -16.27
C TYR E 151 51.98 -29.85 -16.18
N SER E 152 52.39 -30.63 -15.18
CA SER E 152 53.77 -30.82 -14.83
C SER E 152 54.04 -32.29 -14.59
N SER E 153 55.32 -32.65 -14.58
CA SER E 153 55.71 -34.05 -14.61
C SER E 153 55.35 -34.77 -13.31
N GLY E 154 55.70 -34.17 -12.17
CA GLY E 154 55.53 -34.86 -10.91
C GLY E 154 54.12 -35.28 -10.61
N ASN E 155 53.14 -34.59 -11.19
CA ASN E 155 51.75 -34.98 -11.01
C ASN E 155 51.54 -36.42 -11.43
N TYR E 156 52.03 -36.78 -12.60
CA TYR E 156 51.88 -38.14 -13.10
C TYR E 156 52.55 -39.14 -12.19
N THR E 157 53.72 -38.78 -11.64
CA THR E 157 54.37 -39.68 -10.69
C THR E 157 53.50 -39.91 -9.47
N THR E 158 52.90 -38.83 -8.96
CA THR E 158 51.99 -38.96 -7.83
C THR E 158 50.83 -39.89 -8.16
N LEU E 159 50.26 -39.71 -9.35
CA LEU E 159 49.15 -40.58 -9.76
C LEU E 159 49.62 -42.02 -9.86
N MET E 160 50.85 -42.24 -10.29
CA MET E 160 51.42 -43.58 -10.32
C MET E 160 51.46 -44.17 -8.92
N LYS E 161 51.96 -43.40 -7.96
CA LYS E 161 51.97 -43.83 -6.57
C LYS E 161 50.56 -44.19 -6.12
N ASP E 162 49.60 -43.31 -6.39
CA ASP E 162 48.24 -43.52 -5.92
C ASP E 162 47.65 -44.78 -6.52
N MET E 163 47.90 -45.03 -7.80
CA MET E 163 47.28 -46.18 -8.43
C MET E 163 47.96 -47.46 -8.01
N SER E 164 49.27 -47.43 -7.73
CA SER E 164 49.89 -48.61 -7.13
C SER E 164 49.33 -48.87 -5.74
N HIS E 165 49.12 -47.82 -4.95
CA HIS E 165 48.50 -47.98 -3.63
C HIS E 165 47.14 -48.65 -3.75
N ASP E 166 46.25 -48.08 -4.57
CA ASP E 166 44.92 -48.67 -4.75
C ASP E 166 45.02 -50.07 -5.33
N LEU E 167 46.05 -50.35 -6.13
CA LEU E 167 46.11 -51.60 -6.84
C LEU E 167 46.62 -52.72 -5.95
N GLU E 168 47.45 -52.39 -4.96
CA GLU E 168 47.80 -53.34 -3.91
C GLU E 168 46.68 -53.53 -2.90
N HIS E 169 45.97 -52.45 -2.55
CA HIS E 169 45.16 -52.47 -1.35
C HIS E 169 43.66 -52.43 -1.60
N LYS E 170 43.20 -51.90 -2.73
CA LYS E 170 41.78 -51.76 -2.99
C LYS E 170 41.27 -52.65 -4.12
N LEU E 171 42.11 -52.99 -5.09
CA LEU E 171 41.68 -53.69 -6.28
C LEU E 171 41.99 -55.17 -6.17
N SER E 172 41.08 -56.00 -6.68
CA SER E 172 41.23 -57.44 -6.64
C SER E 172 40.42 -58.02 -7.78
N ILE E 173 40.86 -59.17 -8.27
CA ILE E 173 40.33 -59.75 -9.51
C ILE E 173 39.36 -60.87 -9.17
N LYS E 174 38.08 -60.63 -9.45
CA LYS E 174 37.04 -61.66 -9.42
C LYS E 174 36.05 -61.35 -10.53
N GLU E 175 35.10 -62.26 -10.73
CA GLU E 175 34.11 -62.08 -11.78
C GLU E 175 33.32 -60.78 -11.62
N GLY E 176 33.01 -60.40 -10.39
CA GLY E 176 32.11 -59.29 -10.14
C GLY E 176 32.75 -57.98 -9.77
N THR E 177 34.06 -57.85 -9.86
CA THR E 177 34.72 -56.63 -9.42
C THR E 177 34.93 -55.63 -10.55
N PHE E 178 34.53 -55.98 -11.78
CA PHE E 178 34.68 -55.05 -12.89
C PHE E 178 34.06 -53.69 -12.63
N PRO E 179 32.84 -53.58 -12.10
CA PRO E 179 32.35 -52.24 -11.74
C PRO E 179 33.28 -51.52 -10.79
N SER E 180 33.89 -52.22 -9.85
CA SER E 180 34.82 -51.55 -8.95
C SER E 180 36.03 -51.02 -9.71
N LEU E 181 36.58 -51.81 -10.61
CA LEU E 181 37.69 -51.33 -11.42
C LEU E 181 37.28 -50.08 -12.19
N LEU E 182 36.08 -50.11 -12.76
CA LEU E 182 35.59 -48.94 -13.49
C LEU E 182 35.48 -47.74 -12.58
N GLN E 183 35.03 -47.96 -11.35
CA GLN E 183 34.89 -46.84 -10.41
C GLN E 183 36.24 -46.25 -10.07
N TRP E 184 37.25 -47.08 -9.83
CA TRP E 184 38.56 -46.52 -9.51
C TRP E 184 39.16 -45.79 -10.69
N THR E 185 38.98 -46.32 -11.91
CA THR E 185 39.41 -45.57 -13.08
C THR E 185 38.71 -44.22 -13.14
N GLU E 186 37.41 -44.21 -12.88
CA GLU E 186 36.65 -42.96 -12.84
C GLU E 186 37.21 -42.02 -11.79
N SER E 187 37.55 -42.55 -10.63
CA SER E 187 38.02 -41.69 -9.54
C SER E 187 39.34 -41.03 -9.90
N LEU E 188 40.22 -41.77 -10.56
CA LEU E 188 41.57 -41.28 -10.73
C LEU E 188 41.82 -40.52 -12.03
N TRP E 189 41.09 -40.80 -13.11
CA TRP E 189 41.55 -40.35 -14.41
C TRP E 189 40.72 -39.25 -15.06
N GLN E 190 39.63 -38.77 -14.44
CA GLN E 190 38.71 -37.95 -15.21
C GLN E 190 39.30 -36.67 -15.76
N TYR E 191 40.50 -36.25 -15.37
CA TYR E 191 41.04 -35.05 -16.01
C TYR E 191 42.48 -35.24 -16.47
N VAL E 192 42.89 -36.47 -16.74
CA VAL E 192 44.19 -36.71 -17.37
C VAL E 192 43.97 -36.87 -18.87
N PRO E 193 44.58 -36.03 -19.70
CA PRO E 193 44.25 -36.04 -21.13
C PRO E 193 44.57 -37.38 -21.78
N SER E 194 43.69 -37.81 -22.67
CA SER E 194 43.78 -39.16 -23.22
C SER E 194 44.81 -39.22 -24.33
N SER E 195 44.56 -38.51 -25.41
CA SER E 195 45.55 -38.30 -26.46
C SER E 195 46.04 -36.87 -26.37
N THR E 196 47.35 -36.69 -26.33
CA THR E 196 47.95 -35.37 -26.27
C THR E 196 48.59 -35.00 -27.60
N ASN E 197 47.96 -35.38 -28.71
CA ASN E 197 48.46 -35.01 -30.02
C ASN E 197 48.37 -33.51 -30.21
N LYS E 198 49.49 -32.88 -30.56
CA LYS E 198 49.50 -31.43 -30.69
C LYS E 198 48.57 -30.94 -31.79
N ASN E 199 48.26 -31.79 -32.75
CA ASN E 199 47.50 -31.40 -33.93
C ASN E 199 46.01 -31.72 -33.83
N GLN E 200 45.59 -32.37 -32.75
CA GLN E 200 44.18 -32.72 -32.56
C GLN E 200 43.57 -31.84 -31.48
N LEU E 201 42.26 -31.64 -31.56
CA LEU E 201 41.56 -30.85 -30.56
C LEU E 201 41.36 -31.73 -29.34
N ILE E 202 42.15 -31.48 -28.30
CA ILE E 202 42.25 -32.40 -27.17
C ILE E 202 41.09 -32.14 -26.23
N ASP E 203 40.09 -33.01 -26.27
CA ASP E 203 38.98 -32.87 -25.33
C ASP E 203 38.48 -34.18 -24.75
N ILE E 204 39.28 -35.25 -24.80
CA ILE E 204 38.87 -36.56 -24.29
C ILE E 204 39.73 -36.91 -23.10
N SER E 205 39.09 -37.22 -21.99
CA SER E 205 39.81 -37.76 -20.85
C SER E 205 40.09 -39.23 -21.08
N LEU E 206 41.18 -39.71 -20.50
CA LEU E 206 41.55 -41.11 -20.68
C LEU E 206 40.48 -42.03 -20.11
N TYR E 207 39.78 -41.59 -19.08
CA TYR E 207 38.67 -42.38 -18.56
C TYR E 207 37.60 -42.57 -19.62
N ASP E 208 37.28 -41.51 -20.34
CA ASP E 208 36.29 -41.63 -21.40
C ASP E 208 36.75 -42.58 -22.49
N HIS E 209 38.00 -42.43 -22.92
CA HIS E 209 38.54 -43.30 -23.96
C HIS E 209 38.49 -44.75 -23.52
N SER E 210 38.95 -45.02 -22.30
CA SER E 210 38.96 -46.39 -21.82
C SER E 210 37.55 -46.95 -21.71
N ARG E 211 36.62 -46.17 -21.17
CA ARG E 211 35.27 -46.67 -20.98
C ARG E 211 34.64 -47.02 -22.31
N ILE E 212 34.74 -46.12 -23.28
CA ILE E 212 34.07 -46.39 -24.55
C ILE E 212 34.77 -47.52 -25.28
N THR E 213 36.09 -47.64 -25.14
CA THR E 213 36.77 -48.77 -25.75
C THR E 213 36.28 -50.08 -25.15
N CYS E 214 36.12 -50.13 -23.84
CA CYS E 214 35.62 -51.35 -23.21
C CYS E 214 34.21 -51.66 -23.69
N ALA E 215 33.38 -50.62 -23.79
CA ALA E 215 32.01 -50.82 -24.28
C ALA E 215 32.01 -51.43 -25.67
N ILE E 216 32.75 -50.81 -26.59
CA ILE E 216 32.77 -51.30 -27.96
C ILE E 216 33.35 -52.70 -28.02
N ALA E 217 34.35 -52.98 -27.19
CA ALA E 217 34.93 -54.31 -27.18
C ALA E 217 33.89 -55.34 -26.77
N SER E 218 33.09 -55.03 -25.75
CA SER E 218 32.08 -55.96 -25.31
C SER E 218 31.07 -56.22 -26.42
N CYS E 219 30.65 -55.15 -27.09
CA CYS E 219 29.68 -55.30 -28.15
C CYS E 219 30.23 -56.16 -29.29
N ILE E 220 31.46 -55.90 -29.70
CA ILE E 220 32.08 -56.70 -30.74
C ILE E 220 32.15 -58.16 -30.32
N PHE E 221 32.57 -58.42 -29.09
CA PHE E 221 32.73 -59.81 -28.69
C PHE E 221 31.42 -60.55 -28.76
N ASP E 222 30.34 -59.94 -28.26
CA ASP E 222 29.06 -60.62 -28.33
C ASP E 222 28.63 -60.81 -29.78
N TYR E 223 28.81 -59.80 -30.63
CA TYR E 223 28.34 -59.91 -32.00
C TYR E 223 29.08 -61.02 -32.74
N LEU E 224 30.38 -61.13 -32.52
CA LEU E 224 31.15 -62.16 -33.20
C LEU E 224 30.88 -63.54 -32.63
N ASN E 225 30.81 -63.66 -31.30
CA ASN E 225 30.57 -64.97 -30.71
C ASN E 225 29.21 -65.50 -31.12
N GLU E 226 28.21 -64.61 -31.18
CA GLU E 226 26.88 -65.06 -31.55
C GLU E 226 26.79 -65.41 -33.02
N ASN E 227 27.49 -64.68 -33.88
CA ASN E 227 27.32 -64.85 -35.31
C ASN E 227 28.33 -65.86 -35.88
N ASN E 228 28.78 -66.82 -35.06
CA ASN E 228 29.53 -67.97 -35.52
C ASN E 228 30.80 -67.58 -36.28
N ILE E 229 31.64 -66.78 -35.64
CA ILE E 229 32.97 -66.46 -36.14
C ILE E 229 33.96 -66.61 -34.99
N HIS E 230 35.07 -67.29 -35.25
CA HIS E 230 35.99 -67.59 -34.16
C HIS E 230 37.44 -67.20 -34.45
N ASN E 231 37.85 -67.23 -35.72
CA ASN E 231 39.22 -66.87 -36.09
C ASN E 231 39.27 -65.38 -36.41
N TYR E 232 39.15 -64.57 -35.35
CA TYR E 232 38.92 -63.15 -35.53
C TYR E 232 40.08 -62.49 -36.28
N LYS E 233 41.29 -63.02 -36.13
CA LYS E 233 42.42 -62.51 -36.88
C LYS E 233 42.13 -62.49 -38.37
N ASP E 234 41.46 -63.51 -38.86
CA ASP E 234 41.14 -63.58 -40.28
C ASP E 234 39.82 -62.88 -40.60
N GLU E 235 38.90 -62.84 -39.63
CA GLU E 235 37.64 -62.14 -39.84
C GLU E 235 37.86 -60.65 -40.00
N LEU E 236 38.77 -60.09 -39.22
CA LEU E 236 38.95 -58.65 -39.14
C LEU E 236 40.29 -58.16 -39.67
N PHE E 237 41.39 -58.69 -39.16
CA PHE E 237 42.69 -58.04 -39.33
C PHE E 237 43.22 -58.25 -40.75
N SER E 238 42.86 -59.38 -41.37
CA SER E 238 43.50 -59.87 -42.59
C SER E 238 43.74 -58.80 -43.66
N LYS E 239 42.67 -58.20 -44.16
CA LYS E 239 42.81 -57.23 -45.24
C LYS E 239 41.94 -56.02 -44.96
N TYR E 240 42.48 -54.84 -45.24
CA TYR E 240 41.79 -53.60 -44.89
C TYR E 240 40.42 -53.52 -45.54
N GLU E 241 40.26 -54.09 -46.74
CA GLU E 241 38.94 -54.11 -47.36
C GLU E 241 37.97 -54.94 -46.53
N ASN E 242 38.40 -56.13 -46.11
CA ASN E 242 37.58 -56.91 -45.19
C ASN E 242 37.40 -56.15 -43.88
N THR E 243 38.48 -55.54 -43.38
CA THR E 243 38.38 -54.71 -42.19
C THR E 243 37.32 -53.63 -42.39
N LYS E 244 37.37 -52.92 -43.52
CA LYS E 244 36.41 -51.85 -43.76
C LYS E 244 34.99 -52.38 -43.83
N SER E 245 34.80 -53.61 -44.30
CA SER E 245 33.48 -54.21 -44.30
C SER E 245 32.97 -54.37 -42.87
N PHE E 246 33.85 -54.78 -41.96
CA PHE E 246 33.43 -54.99 -40.58
C PHE E 246 32.96 -53.69 -39.96
N TYR E 247 33.62 -52.58 -40.24
CA TYR E 247 33.08 -51.29 -39.84
C TYR E 247 31.69 -51.08 -40.42
N GLN E 248 31.41 -51.64 -41.59
CA GLN E 248 30.16 -51.39 -42.28
C GLN E 248 29.04 -52.30 -41.83
N LYS E 249 29.36 -53.47 -41.30
CA LYS E 249 28.32 -54.38 -40.85
C LYS E 249 27.65 -53.81 -39.62
N GLU E 250 26.32 -53.91 -39.57
CA GLU E 250 25.54 -53.33 -38.48
C GLU E 250 25.62 -54.29 -37.29
N ALA E 251 26.69 -54.16 -36.52
CA ALA E 251 26.96 -55.03 -35.40
C ALA E 251 26.53 -54.43 -34.06
N PHE E 252 25.93 -53.24 -34.08
CA PHE E 252 25.62 -52.50 -32.86
C PHE E 252 24.14 -52.15 -32.85
N LEU E 253 23.56 -52.15 -31.65
CA LEU E 253 22.21 -51.61 -31.42
C LEU E 253 22.29 -50.52 -30.38
N LEU E 254 21.65 -49.40 -30.65
CA LEU E 254 21.48 -48.34 -29.67
C LEU E 254 20.07 -48.42 -29.11
N LEU E 255 19.96 -48.38 -27.79
CA LEU E 255 18.69 -48.56 -27.10
C LEU E 255 18.33 -47.28 -26.35
N SER E 256 17.03 -47.05 -26.19
CA SER E 256 16.54 -45.87 -25.49
C SER E 256 15.52 -46.26 -24.45
N MET E 257 15.36 -45.39 -23.45
CA MET E 257 14.40 -45.56 -22.39
C MET E 257 13.69 -44.23 -22.19
N ASP E 258 12.50 -44.26 -21.58
CA ASP E 258 11.81 -43.01 -21.29
C ASP E 258 10.74 -43.28 -20.25
N MET E 259 10.86 -42.65 -19.08
CA MET E 259 9.77 -42.58 -18.10
C MET E 259 8.64 -41.70 -18.62
N SER E 260 7.43 -42.26 -18.61
CA SER E 260 6.29 -41.56 -19.22
C SER E 260 5.75 -40.45 -18.32
N GLY E 261 5.39 -40.79 -17.09
CA GLY E 261 4.56 -39.93 -16.28
C GLY E 261 5.25 -39.24 -15.13
N ILE E 262 6.43 -38.67 -15.39
CA ILE E 262 7.20 -37.98 -14.36
C ILE E 262 6.32 -36.99 -13.61
N GLN E 263 5.78 -36.01 -14.33
CA GLN E 263 5.31 -34.79 -13.70
C GLN E 263 4.12 -35.04 -12.79
N ASP E 264 3.12 -35.77 -13.28
CA ASP E 264 1.92 -35.95 -12.49
C ASP E 264 2.14 -36.87 -11.30
N PHE E 265 3.17 -37.71 -11.35
CA PHE E 265 3.49 -38.52 -10.17
C PHE E 265 4.24 -37.70 -9.13
N ILE E 266 5.16 -36.84 -9.57
CA ILE E 266 5.95 -36.09 -8.60
C ILE E 266 5.17 -34.93 -8.02
N TYR E 267 4.19 -34.40 -8.75
CA TYR E 267 3.49 -33.20 -8.31
C TYR E 267 2.01 -33.44 -8.04
N ASN E 268 1.71 -34.46 -7.26
CA ASN E 268 0.35 -34.66 -6.77
C ASN E 268 0.28 -34.67 -5.26
N ILE E 269 0.88 -33.66 -4.62
CA ILE E 269 1.01 -33.60 -3.17
C ILE E 269 0.10 -32.52 -2.63
N SER E 270 -0.55 -32.81 -1.49
CA SER E 270 -1.36 -31.83 -0.77
C SER E 270 -1.12 -31.80 0.73
N GLY E 271 -0.37 -32.75 1.30
CA GLY E 271 -0.26 -32.89 2.74
C GLY E 271 0.73 -31.92 3.39
N SER E 272 0.87 -32.09 4.71
CA SER E 272 1.69 -31.20 5.52
C SER E 272 3.18 -31.52 5.47
N LYS E 273 3.57 -32.71 5.01
CA LYS E 273 4.98 -33.06 4.88
C LYS E 273 5.51 -32.77 3.48
N ALA E 274 5.10 -31.64 2.91
CA ALA E 274 5.44 -31.31 1.53
C ALA E 274 6.94 -31.38 1.27
N LEU E 275 7.75 -30.75 2.13
CA LEU E 275 9.19 -30.85 1.92
C LEU E 275 9.67 -32.29 2.05
N LYS E 276 9.19 -33.00 3.05
CA LYS E 276 9.73 -34.32 3.35
C LYS E 276 9.44 -35.31 2.22
N SER E 277 8.22 -35.27 1.68
CA SER E 277 7.86 -36.21 0.63
C SER E 277 8.63 -35.93 -0.66
N LEU E 278 8.68 -34.66 -1.07
CA LEU E 278 9.18 -34.35 -2.39
C LEU E 278 10.63 -34.79 -2.57
N ARG E 279 11.46 -34.51 -1.57
CA ARG E 279 12.83 -34.98 -1.65
C ARG E 279 12.89 -36.49 -1.73
N SER E 280 11.85 -37.16 -1.23
CA SER E 280 11.82 -38.60 -1.22
C SER E 280 11.11 -39.20 -2.43
N ARG E 281 10.02 -38.58 -2.89
CA ARG E 281 9.36 -39.07 -4.10
C ARG E 281 10.27 -38.96 -5.31
N SER E 282 10.90 -37.80 -5.48
CA SER E 282 11.85 -37.63 -6.57
C SER E 282 12.93 -38.70 -6.49
N PHE E 283 13.44 -38.95 -5.29
CA PHE E 283 14.52 -39.92 -5.19
C PHE E 283 14.03 -41.32 -5.48
N TYR E 284 12.81 -41.64 -5.10
CA TYR E 284 12.29 -42.96 -5.38
C TYR E 284 12.15 -43.19 -6.88
N LEU E 285 11.67 -42.18 -7.59
CA LEU E 285 11.55 -42.31 -9.04
C LEU E 285 12.92 -42.43 -9.70
N GLU E 286 13.88 -41.63 -9.23
CA GLU E 286 15.24 -41.73 -9.75
C GLU E 286 15.82 -43.12 -9.55
N LEU E 287 15.71 -43.64 -8.33
CA LEU E 287 16.27 -44.95 -8.05
C LEU E 287 15.54 -46.02 -8.82
N MET E 288 14.26 -45.83 -9.11
CA MET E 288 13.56 -46.76 -9.98
C MET E 288 14.20 -46.81 -11.35
N LEU E 289 14.48 -45.64 -11.93
CA LEU E 289 15.13 -45.64 -13.24
C LEU E 289 16.48 -46.36 -13.16
N GLU E 290 17.24 -46.07 -12.11
CA GLU E 290 18.56 -46.69 -11.98
C GLU E 290 18.47 -48.20 -11.85
N VAL E 291 17.52 -48.70 -11.06
CA VAL E 291 17.44 -50.15 -10.89
C VAL E 291 16.97 -50.80 -12.18
N ILE E 292 16.04 -50.18 -12.89
CA ILE E 292 15.65 -50.73 -14.20
C ILE E 292 16.87 -50.87 -15.09
N VAL E 293 17.67 -49.81 -15.22
CA VAL E 293 18.76 -49.88 -16.18
C VAL E 293 19.80 -50.90 -15.72
N ASP E 294 20.10 -50.93 -14.42
CA ASP E 294 21.09 -51.89 -13.93
C ASP E 294 20.61 -53.31 -14.16
N GLN E 295 19.33 -53.58 -13.90
CA GLN E 295 18.82 -54.93 -14.05
C GLN E 295 18.84 -55.35 -15.51
N LEU E 296 18.52 -54.42 -16.41
CA LEU E 296 18.60 -54.75 -17.83
C LEU E 296 20.03 -55.11 -18.22
N LEU E 297 20.99 -54.30 -17.78
CA LEU E 297 22.38 -54.61 -18.08
C LEU E 297 22.76 -55.98 -17.55
N GLU E 298 22.27 -56.32 -16.36
CA GLU E 298 22.55 -57.63 -15.80
C GLU E 298 22.01 -58.73 -16.69
N ARG E 299 20.79 -58.54 -17.20
CA ARG E 299 20.21 -59.52 -18.12
C ARG E 299 21.11 -59.72 -19.33
N LEU E 300 21.46 -58.63 -20.01
CA LEU E 300 22.21 -58.78 -21.25
C LEU E 300 23.66 -59.15 -21.02
N GLU E 301 24.04 -59.46 -19.79
CA GLU E 301 25.39 -59.89 -19.44
C GLU E 301 26.44 -58.85 -19.78
N LEU E 302 26.03 -57.60 -19.97
CA LEU E 302 26.93 -56.53 -20.35
C LEU E 302 27.42 -55.78 -19.12
N ALA E 303 28.36 -54.88 -19.35
CA ALA E 303 29.01 -54.14 -18.29
C ALA E 303 28.34 -52.79 -18.06
N ARG E 304 28.63 -52.20 -16.91
CA ARG E 304 28.11 -50.88 -16.59
C ARG E 304 28.65 -49.81 -17.53
N ALA E 305 29.70 -50.13 -18.29
CA ALA E 305 30.25 -49.15 -19.22
C ALA E 305 29.25 -48.83 -20.33
N ASN E 306 28.49 -49.82 -20.77
CA ASN E 306 27.59 -49.62 -21.91
C ASN E 306 26.50 -48.61 -21.62
N LEU E 307 26.30 -48.23 -20.37
CA LEU E 307 25.40 -47.15 -20.05
C LEU E 307 26.08 -45.85 -20.44
N LEU E 308 25.44 -45.07 -21.29
CA LEU E 308 26.01 -43.80 -21.73
C LEU E 308 25.39 -42.60 -21.06
N TYR E 309 24.11 -42.67 -20.69
CA TYR E 309 23.45 -41.55 -20.05
C TYR E 309 22.27 -42.05 -19.25
N THR E 310 22.09 -41.50 -18.07
CA THR E 310 20.87 -41.63 -17.30
C THR E 310 20.54 -40.29 -16.70
N GLY E 311 19.27 -40.05 -16.48
CA GLY E 311 18.84 -38.78 -15.92
C GLY E 311 17.48 -38.42 -16.46
N GLY E 312 16.73 -37.69 -15.66
CA GLY E 312 15.37 -37.37 -16.06
C GLY E 312 14.61 -38.68 -16.17
N GLY E 313 14.21 -39.01 -17.38
CA GLY E 313 13.57 -40.29 -17.60
C GLY E 313 14.26 -41.10 -18.66
N HIS E 314 15.22 -40.50 -19.32
CA HIS E 314 15.89 -41.15 -20.44
C HIS E 314 17.10 -41.93 -19.97
N ALA E 315 17.38 -43.00 -20.69
CA ALA E 315 18.62 -43.74 -20.56
C ALA E 315 18.96 -44.31 -21.91
N TYR E 316 20.24 -44.28 -22.25
CA TYR E 316 20.71 -44.78 -23.52
C TYR E 316 21.66 -45.92 -23.24
N LEU E 317 21.47 -47.02 -23.94
CA LEU E 317 22.33 -48.19 -23.78
C LEU E 317 22.86 -48.59 -25.13
N LEU E 318 24.13 -48.94 -25.19
CA LEU E 318 24.73 -49.49 -26.39
C LEU E 318 24.97 -50.97 -26.16
N VAL E 319 24.23 -51.80 -26.88
CA VAL E 319 24.20 -53.24 -26.66
C VAL E 319 24.50 -53.93 -27.98
N SER E 320 24.50 -55.26 -27.93
CA SER E 320 24.88 -56.06 -29.08
C SER E 320 23.73 -56.19 -30.08
N ASN E 321 24.09 -56.32 -31.35
CA ASN E 321 23.10 -56.48 -32.41
C ASN E 321 22.96 -57.94 -32.79
N THR E 322 22.44 -58.72 -31.85
CA THR E 322 22.22 -60.14 -32.04
C THR E 322 20.74 -60.45 -31.88
N ASP E 323 20.36 -61.66 -32.29
CA ASP E 323 18.99 -62.09 -32.07
C ASP E 323 18.73 -62.37 -30.60
N LYS E 324 19.73 -62.93 -29.91
CA LYS E 324 19.57 -63.22 -28.48
C LYS E 324 19.24 -61.96 -27.70
N VAL E 325 20.01 -60.90 -27.93
CA VAL E 325 19.80 -59.66 -27.21
C VAL E 325 18.41 -59.10 -27.48
N LYS E 326 17.98 -59.12 -28.73
CA LYS E 326 16.68 -58.55 -29.06
C LYS E 326 15.55 -59.35 -28.44
N LYS E 327 15.66 -60.67 -28.44
CA LYS E 327 14.64 -61.49 -27.81
C LYS E 327 14.55 -61.19 -26.32
N LYS E 328 15.70 -61.10 -25.64
CA LYS E 328 15.66 -60.74 -24.22
C LYS E 328 15.06 -59.36 -24.02
N ILE E 329 15.38 -58.40 -24.88
CA ILE E 329 14.84 -57.06 -24.71
C ILE E 329 13.33 -57.08 -24.80
N THR E 330 12.80 -57.82 -25.77
CA THR E 330 11.34 -57.88 -25.89
C THR E 330 10.72 -58.49 -24.64
N GLN E 331 11.30 -59.58 -24.15
CA GLN E 331 10.73 -60.21 -22.96
C GLN E 331 10.78 -59.28 -21.76
N PHE E 332 11.89 -58.56 -21.60
CA PHE E 332 12.06 -57.68 -20.46
C PHE E 332 11.12 -56.49 -20.53
N ASN E 333 10.90 -55.97 -21.74
CA ASN E 333 9.89 -54.93 -21.90
C ASN E 333 8.53 -55.45 -21.48
N ASN E 334 8.21 -56.68 -21.86
CA ASN E 334 6.94 -57.26 -21.47
C ASN E 334 6.80 -57.28 -19.95
N GLU E 335 7.82 -57.79 -19.26
CA GLU E 335 7.72 -57.91 -17.81
C GLU E 335 7.61 -56.54 -17.15
N LEU E 336 8.40 -55.57 -17.61
CA LEU E 336 8.33 -54.24 -17.02
C LEU E 336 6.96 -53.63 -17.20
N LYS E 337 6.40 -53.72 -18.40
CA LYS E 337 5.13 -53.08 -18.63
C LYS E 337 4.04 -53.74 -17.80
N LYS E 338 4.11 -55.06 -17.65
CA LYS E 338 3.14 -55.74 -16.80
C LYS E 338 3.25 -55.28 -15.36
N TRP E 339 4.47 -55.15 -14.83
CA TRP E 339 4.64 -54.59 -13.49
C TRP E 339 3.97 -53.23 -13.39
N PHE E 340 4.42 -52.29 -14.22
CA PHE E 340 3.99 -50.91 -14.10
C PHE E 340 2.49 -50.76 -14.24
N MET E 341 1.85 -51.66 -14.99
CA MET E 341 0.40 -51.71 -14.94
C MET E 341 -0.08 -52.26 -13.61
N SER E 342 0.64 -53.23 -13.05
CA SER E 342 0.20 -53.88 -11.82
C SER E 342 0.26 -52.97 -10.61
N GLU E 343 0.99 -51.86 -10.65
CA GLU E 343 0.83 -50.85 -9.59
C GLU E 343 0.21 -49.53 -10.03
N PHE E 344 0.60 -48.94 -11.15
CA PHE E 344 0.18 -47.56 -11.34
C PHE E 344 -0.90 -47.35 -12.39
N THR E 345 -0.77 -47.97 -13.56
CA THR E 345 -1.74 -48.01 -14.66
C THR E 345 -1.90 -46.73 -15.50
N THR E 346 -1.45 -45.58 -15.02
CA THR E 346 -1.31 -44.46 -15.93
C THR E 346 -0.17 -43.56 -15.47
N ASP E 347 0.17 -43.65 -14.18
CA ASP E 347 1.04 -42.64 -13.61
C ASP E 347 2.49 -42.82 -14.02
N LEU E 348 2.88 -44.05 -14.34
CA LEU E 348 4.26 -44.34 -14.71
C LEU E 348 4.26 -45.50 -15.69
N SER E 349 4.95 -45.32 -16.80
CA SER E 349 5.19 -46.41 -17.73
C SER E 349 6.51 -46.17 -18.45
N LEU E 350 7.12 -47.27 -18.89
CA LEU E 350 8.41 -47.23 -19.54
C LEU E 350 8.30 -47.78 -20.95
N SER E 351 8.94 -47.09 -21.88
CA SER E 351 8.99 -47.51 -23.27
C SER E 351 10.44 -47.62 -23.69
N MET E 352 10.75 -48.67 -24.42
CA MET E 352 12.09 -48.88 -24.93
C MET E 352 12.03 -49.07 -26.43
N ALA E 353 13.07 -48.63 -27.11
CA ALA E 353 13.19 -48.90 -28.53
C ALA E 353 14.66 -48.96 -28.87
N PHE E 354 14.97 -49.70 -29.94
CA PHE E 354 16.33 -49.91 -30.34
C PHE E 354 16.43 -49.75 -31.84
N GLU E 355 17.63 -49.48 -32.32
CA GLU E 355 17.83 -49.29 -33.75
C GLU E 355 19.18 -49.86 -34.15
N LYS E 356 19.19 -50.54 -35.29
CA LYS E 356 20.46 -51.02 -35.83
C LYS E 356 21.31 -49.84 -36.25
N CYS E 357 22.61 -49.92 -35.94
CA CYS E 357 23.57 -48.92 -36.36
C CYS E 357 24.89 -49.61 -36.65
N SER E 358 25.63 -49.08 -37.62
CA SER E 358 26.87 -49.69 -38.06
C SER E 358 28.05 -48.91 -37.52
N GLY E 359 29.11 -49.65 -37.18
CA GLY E 359 30.26 -49.02 -36.54
C GLY E 359 30.86 -47.90 -37.36
N ASP E 360 30.73 -47.99 -38.69
CA ASP E 360 31.18 -46.90 -39.54
C ASP E 360 30.48 -45.60 -39.16
N ASP E 361 29.24 -45.70 -38.67
CA ASP E 361 28.51 -44.50 -38.27
C ASP E 361 29.03 -43.93 -36.96
N LEU E 362 29.67 -44.75 -36.14
CA LEU E 362 30.20 -44.22 -34.89
C LEU E 362 31.47 -43.40 -35.07
N MET E 363 32.18 -43.57 -36.19
CA MET E 363 33.38 -42.79 -36.42
C MET E 363 33.10 -41.49 -37.15
N ASN E 364 31.88 -40.99 -37.10
CA ASN E 364 31.53 -39.69 -37.68
C ASN E 364 31.94 -39.64 -39.15
N THR E 365 31.58 -40.69 -39.87
CA THR E 365 32.00 -40.79 -41.26
C THR E 365 31.23 -39.84 -42.17
N SER E 366 29.91 -39.77 -42.00
CA SER E 366 29.09 -38.93 -42.87
C SER E 366 28.10 -38.13 -42.04
N GLY E 367 28.47 -37.79 -40.81
CA GLY E 367 27.56 -37.16 -39.88
C GLY E 367 26.36 -38.05 -39.55
N ASN E 368 26.43 -39.30 -40.03
CA ASN E 368 25.30 -40.21 -39.95
C ASN E 368 24.96 -40.57 -38.52
N TYR E 369 25.89 -40.34 -37.60
CA TYR E 369 25.59 -40.49 -36.19
C TYR E 369 24.37 -39.67 -35.83
N ARG E 370 24.28 -38.46 -36.38
CA ARG E 370 23.16 -37.59 -36.10
C ARG E 370 21.86 -38.15 -36.70
N THR E 371 21.96 -38.75 -37.88
CA THR E 371 20.79 -39.37 -38.49
C THR E 371 20.29 -40.53 -37.65
N ILE E 372 21.18 -41.44 -37.25
CA ILE E 372 20.73 -42.63 -36.54
C ILE E 372 20.19 -42.25 -35.17
N TRP E 373 20.81 -41.26 -34.53
CA TRP E 373 20.38 -40.84 -33.21
C TRP E 373 18.98 -40.23 -33.27
N ARG E 374 18.74 -39.38 -34.27
CA ARG E 374 17.41 -38.83 -34.47
C ARG E 374 16.40 -39.91 -34.83
N ASN E 375 16.82 -40.91 -35.60
CA ASN E 375 15.91 -41.98 -35.97
C ASN E 375 15.45 -42.76 -34.73
N VAL E 376 16.37 -43.09 -33.83
CA VAL E 376 15.96 -43.82 -32.63
C VAL E 376 15.08 -42.93 -31.76
N SER E 377 15.36 -41.63 -31.73
CA SER E 377 14.49 -40.73 -30.98
C SER E 377 13.08 -40.75 -31.53
N SER E 378 12.95 -40.72 -32.86
CA SER E 378 11.62 -40.74 -33.47
C SER E 378 10.92 -42.06 -33.19
N LYS E 379 11.65 -43.18 -33.27
CA LYS E 379 11.02 -44.46 -32.98
C LYS E 379 10.52 -44.52 -31.55
N LEU E 380 11.27 -43.95 -30.61
CA LEU E 380 10.76 -43.86 -29.24
C LEU E 380 9.51 -43.01 -29.17
N SER E 381 9.56 -41.81 -29.76
CA SER E 381 8.43 -40.90 -29.66
C SER E 381 7.22 -41.39 -30.42
N ASP E 382 7.38 -42.42 -31.24
CA ASP E 382 6.27 -42.98 -31.99
C ASP E 382 5.95 -44.40 -31.58
N ILE E 383 6.68 -44.98 -30.63
CA ILE E 383 6.27 -46.19 -29.97
C ILE E 383 5.85 -45.91 -28.53
N LYS E 384 5.85 -44.65 -28.13
CA LYS E 384 5.06 -44.24 -26.98
C LYS E 384 3.61 -43.97 -27.34
N ALA E 385 3.26 -44.03 -28.61
CA ALA E 385 1.87 -43.86 -28.99
C ALA E 385 1.06 -45.10 -28.67
N HIS E 386 1.50 -46.24 -29.17
CA HIS E 386 0.75 -47.49 -29.03
C HIS E 386 1.31 -48.23 -27.82
N LYS E 387 0.67 -48.03 -26.67
CA LYS E 387 1.23 -48.44 -25.39
C LYS E 387 0.54 -49.65 -24.78
N TYR E 388 -0.74 -49.86 -25.07
CA TYR E 388 -1.49 -50.90 -24.40
C TYR E 388 -2.23 -51.74 -25.43
N SER E 389 -2.12 -53.05 -25.29
CA SER E 389 -2.78 -53.96 -26.22
C SER E 389 -4.27 -54.06 -25.89
N ALA E 390 -5.00 -54.79 -26.73
CA ALA E 390 -6.45 -54.87 -26.57
C ALA E 390 -6.83 -55.55 -25.26
N GLU E 391 -6.30 -56.74 -25.01
CA GLU E 391 -6.64 -57.42 -23.77
C GLU E 391 -6.22 -56.60 -22.56
N ASP E 392 -5.12 -55.84 -22.68
CA ASP E 392 -4.72 -54.97 -21.60
C ASP E 392 -5.80 -53.94 -21.27
N ILE E 393 -6.26 -53.20 -22.29
CA ILE E 393 -7.25 -52.12 -21.99
C ILE E 393 -8.55 -52.75 -21.48
N LEU E 394 -8.93 -53.94 -21.98
CA LEU E 394 -10.08 -54.60 -21.37
C LEU E 394 -9.84 -54.84 -19.89
N LYS E 395 -8.69 -55.40 -19.53
CA LYS E 395 -8.44 -55.71 -18.14
C LYS E 395 -8.46 -54.45 -17.28
N LEU E 396 -7.99 -53.33 -17.82
CA LEU E 396 -8.02 -52.08 -17.08
C LEU E 396 -9.44 -51.68 -16.73
N ASN E 397 -10.38 -51.92 -17.62
CA ASN E 397 -11.73 -51.41 -17.44
C ASN E 397 -12.66 -52.36 -16.73
N HIS E 398 -12.39 -53.65 -16.70
CA HIS E 398 -13.32 -54.58 -16.07
C HIS E 398 -12.67 -55.25 -14.87
N PHE E 399 -12.55 -54.49 -13.77
CA PHE E 399 -12.18 -54.93 -12.41
C PHE E 399 -13.05 -54.09 -11.46
N HIS E 400 -14.21 -54.62 -11.11
CA HIS E 400 -15.04 -53.98 -10.10
C HIS E 400 -14.51 -54.36 -8.72
N SER E 401 -13.82 -53.42 -8.07
CA SER E 401 -13.07 -53.71 -6.86
C SER E 401 -13.50 -52.80 -5.72
N TYR E 402 -13.62 -53.35 -4.52
CA TYR E 402 -13.91 -52.59 -3.32
C TYR E 402 -12.72 -51.71 -2.96
N GLY E 403 -12.84 -50.41 -3.15
CA GLY E 403 -11.74 -49.49 -2.92
C GLY E 403 -12.11 -48.39 -1.97
N ASP E 404 -11.13 -47.97 -1.17
CA ASP E 404 -11.20 -46.78 -0.35
C ASP E 404 -10.66 -45.60 -1.17
N ARG E 405 -10.39 -44.49 -0.51
CA ARG E 405 -10.30 -43.21 -1.22
C ARG E 405 -8.93 -42.59 -1.12
N GLU E 406 -8.83 -41.34 -1.54
CA GLU E 406 -7.57 -40.78 -2.03
C GLU E 406 -6.65 -40.41 -0.88
N CYS E 407 -5.38 -40.84 -0.97
CA CYS E 407 -4.38 -40.48 0.02
C CYS E 407 -4.30 -38.97 0.13
N LYS E 408 -4.31 -38.46 1.36
CA LYS E 408 -4.18 -37.02 1.56
C LYS E 408 -2.82 -36.54 1.04
N GLU E 409 -1.76 -37.26 1.39
CA GLU E 409 -0.43 -36.90 0.90
C GLU E 409 -0.33 -37.10 -0.60
N CYS E 410 -0.71 -38.28 -1.09
CA CYS E 410 -0.54 -38.65 -2.50
C CYS E 410 -1.89 -38.60 -3.17
N LEU E 411 -2.07 -37.66 -4.08
CA LEU E 411 -3.38 -37.55 -4.71
C LEU E 411 -3.60 -38.73 -5.65
N ARG E 412 -4.06 -39.84 -5.09
CA ARG E 412 -4.33 -41.06 -5.85
C ARG E 412 -5.46 -41.81 -5.18
N SER E 413 -6.43 -42.26 -5.97
CA SER E 413 -7.55 -43.04 -5.45
C SER E 413 -7.27 -44.53 -5.53
N ASP E 414 -6.68 -44.99 -6.63
CA ASP E 414 -6.58 -46.43 -6.88
C ASP E 414 -5.78 -47.11 -5.77
N ILE E 415 -4.70 -46.49 -5.33
CA ILE E 415 -3.90 -47.06 -4.26
C ILE E 415 -4.73 -47.10 -2.98
N ASP E 416 -4.43 -48.06 -2.12
CA ASP E 416 -5.32 -48.50 -1.05
C ASP E 416 -4.85 -47.88 0.26
N ILE E 417 -5.67 -46.97 0.82
CA ILE E 417 -5.23 -46.20 1.98
C ILE E 417 -5.35 -47.02 3.26
N ASN E 418 -4.82 -46.44 4.32
CA ASN E 418 -4.78 -47.04 5.66
C ASN E 418 -4.81 -45.87 6.65
N ASP E 419 -4.34 -46.14 7.86
CA ASP E 419 -4.29 -45.15 8.94
C ASP E 419 -3.86 -43.77 8.44
N ASP E 420 -4.49 -42.74 9.01
CA ASP E 420 -4.24 -41.34 8.64
C ASP E 420 -4.53 -41.08 7.17
N GLY E 421 -5.40 -41.89 6.57
CA GLY E 421 -5.75 -41.73 5.18
C GLY E 421 -4.56 -41.82 4.23
N LEU E 422 -3.66 -42.75 4.50
CA LEU E 422 -2.43 -42.90 3.72
C LEU E 422 -2.26 -44.35 3.33
N CYS E 423 -1.82 -44.59 2.10
CA CYS E 423 -1.57 -45.96 1.66
C CYS E 423 -0.26 -46.46 2.24
N SER E 424 0.07 -47.71 1.91
CA SER E 424 1.35 -48.27 2.32
C SER E 424 2.50 -47.64 1.55
N ILE E 425 2.31 -47.38 0.25
CA ILE E 425 3.39 -46.81 -0.56
C ILE E 425 3.74 -45.41 -0.07
N CYS E 426 2.73 -44.59 0.18
CA CYS E 426 3.02 -43.25 0.67
C CYS E 426 3.72 -43.30 2.02
N GLU E 427 3.37 -44.26 2.87
CA GLU E 427 4.05 -44.35 4.16
C GLU E 427 5.49 -44.84 4.00
N GLY E 428 5.73 -45.74 3.05
CA GLY E 428 7.10 -46.12 2.76
C GLY E 428 7.91 -44.96 2.23
N ILE E 429 7.29 -44.13 1.39
CA ILE E 429 7.93 -42.92 0.91
C ILE E 429 8.26 -42.01 2.08
N ILE E 430 7.35 -41.91 3.05
CA ILE E 430 7.61 -41.09 4.23
C ILE E 430 8.76 -41.67 5.05
N ASN E 431 8.83 -43.00 5.14
CA ASN E 431 9.93 -43.65 5.84
C ASN E 431 11.26 -43.32 5.19
N ILE E 432 11.36 -43.51 3.87
CA ILE E 432 12.61 -43.21 3.19
C ILE E 432 12.93 -41.73 3.32
N SER E 433 11.89 -40.88 3.37
CA SER E 433 12.11 -39.46 3.59
C SER E 433 12.77 -39.19 4.93
N ASN E 434 12.28 -39.85 5.99
CA ASN E 434 12.87 -39.67 7.29
C ASN E 434 14.31 -40.18 7.30
N ASP E 435 14.56 -41.29 6.61
CA ASP E 435 15.87 -41.92 6.61
C ASP E 435 16.88 -41.25 5.68
N LEU E 436 16.46 -40.32 4.82
CA LEU E 436 17.39 -39.73 3.87
C LEU E 436 18.53 -39.00 4.57
N ARG E 437 18.21 -38.09 5.50
CA ARG E 437 19.16 -37.05 5.84
C ARG E 437 20.38 -37.59 6.57
N ASP E 438 20.21 -38.62 7.39
CA ASP E 438 21.29 -39.07 8.26
C ASP E 438 22.09 -40.21 7.64
N LYS E 439 21.51 -41.01 6.76
CA LYS E 439 22.18 -42.17 6.19
C LYS E 439 22.38 -42.00 4.69
N SER E 440 23.42 -42.66 4.17
CA SER E 440 23.89 -42.40 2.82
C SER E 440 23.83 -43.58 1.87
N PHE E 441 24.00 -44.81 2.35
CA PHE E 441 24.02 -45.97 1.48
C PHE E 441 22.62 -46.54 1.31
N PHE E 442 22.35 -47.05 0.12
CA PHE E 442 21.03 -47.53 -0.24
C PHE E 442 21.16 -48.93 -0.81
N VAL E 443 20.33 -49.85 -0.32
CA VAL E 443 20.57 -51.28 -0.52
C VAL E 443 19.37 -51.90 -1.20
N LEU E 444 19.63 -52.78 -2.16
CA LEU E 444 18.62 -53.48 -2.92
C LEU E 444 18.58 -54.90 -2.39
N SER E 445 17.47 -55.28 -1.76
CA SER E 445 17.40 -56.57 -1.08
C SER E 445 15.99 -57.11 -1.20
N GLU E 446 15.78 -58.32 -0.67
CA GLU E 446 14.52 -59.03 -0.85
C GLU E 446 13.43 -58.56 0.11
N THR E 447 13.78 -57.84 1.17
CA THR E 447 12.78 -57.41 2.15
C THR E 447 12.58 -55.91 2.14
N GLY E 448 13.63 -55.13 2.36
CA GLY E 448 13.60 -53.67 2.27
C GLY E 448 12.42 -52.95 2.89
N LYS E 449 12.15 -51.74 2.42
CA LYS E 449 11.03 -50.95 2.90
C LYS E 449 10.14 -50.50 1.74
N LEU E 450 10.74 -50.10 0.63
CA LEU E 450 10.02 -49.61 -0.54
C LEU E 450 10.09 -50.65 -1.64
N LYS E 451 9.04 -50.69 -2.47
CA LYS E 451 8.87 -51.76 -3.43
C LYS E 451 9.47 -51.36 -4.77
N MET E 452 10.44 -52.19 -5.14
CA MET E 452 11.21 -51.95 -6.38
C MET E 452 10.61 -52.81 -7.51
N PRO E 453 11.09 -52.73 -8.77
CA PRO E 453 10.45 -53.40 -9.90
C PRO E 453 10.43 -54.92 -9.91
N PHE E 454 11.58 -55.55 -10.07
CA PHE E 454 11.59 -56.99 -10.34
C PHE E 454 11.68 -57.77 -9.03
N ASN E 455 10.64 -57.58 -8.21
CA ASN E 455 10.49 -58.30 -6.95
C ASN E 455 11.70 -58.07 -6.05
N LYS E 456 11.95 -56.81 -5.75
CA LYS E 456 13.02 -56.39 -4.87
C LYS E 456 12.48 -55.33 -3.92
N PHE E 457 13.30 -54.94 -2.94
CA PHE E 457 12.96 -53.84 -2.07
C PHE E 457 14.21 -53.08 -1.67
N ILE E 458 14.01 -51.85 -1.19
CA ILE E 458 15.08 -50.99 -0.71
C ILE E 458 14.92 -50.77 0.78
N SER E 459 16.03 -50.86 1.52
CA SER E 459 16.12 -50.37 2.88
C SER E 459 17.35 -49.48 2.95
N VAL E 460 17.60 -48.92 4.13
CA VAL E 460 18.67 -47.94 4.31
C VAL E 460 19.60 -48.42 5.41
N ILE E 461 20.90 -48.16 5.22
CA ILE E 461 21.96 -48.66 6.10
C ILE E 461 23.08 -47.64 6.23
N ASP E 462 24.12 -47.98 7.00
CA ASP E 462 25.32 -47.16 7.15
C ASP E 462 26.54 -47.97 6.71
N TYR E 463 27.68 -47.28 6.59
CA TYR E 463 28.83 -47.88 5.90
C TYR E 463 29.31 -49.13 6.61
N GLU E 464 29.34 -49.11 7.94
CA GLU E 464 29.65 -50.32 8.68
C GLU E 464 28.63 -51.41 8.40
N GLU E 465 27.34 -51.03 8.37
CA GLU E 465 26.29 -51.98 8.05
C GLU E 465 26.45 -52.49 6.62
N ALA E 466 26.84 -51.60 5.71
CA ALA E 466 27.10 -52.03 4.34
C ALA E 466 28.20 -53.07 4.31
N GLU E 467 29.29 -52.82 5.04
CA GLU E 467 30.36 -53.81 5.12
C GLU E 467 29.82 -55.13 5.62
N MET E 468 29.13 -55.10 6.76
CA MET E 468 28.58 -56.30 7.36
C MET E 468 27.73 -57.08 6.37
N LEU E 469 27.00 -56.37 5.51
CA LEU E 469 26.28 -57.06 4.44
C LEU E 469 27.25 -57.61 3.40
N VAL E 470 28.37 -56.93 3.18
CA VAL E 470 29.31 -57.37 2.16
C VAL E 470 29.91 -58.71 2.50
N GLN E 471 30.45 -58.88 3.72
CA GLN E 471 31.01 -60.20 3.99
C GLN E 471 29.89 -61.23 4.15
N ASN E 472 28.66 -60.78 4.39
CA ASN E 472 27.54 -61.70 4.36
C ASN E 472 27.25 -62.20 2.96
N ASN E 473 27.86 -61.60 1.94
CA ASN E 473 27.75 -62.04 0.55
C ASN E 473 26.31 -62.04 0.07
N ASN E 474 25.49 -61.14 0.60
CA ASN E 474 24.15 -60.97 0.08
C ASN E 474 24.20 -60.30 -1.29
N GLN E 475 23.29 -60.69 -2.17
CA GLN E 475 23.30 -60.23 -3.57
C GLN E 475 22.86 -58.78 -3.60
N VAL E 476 23.79 -57.89 -3.27
CA VAL E 476 23.45 -56.51 -2.97
C VAL E 476 24.12 -55.57 -3.95
N ARG E 477 23.53 -54.39 -4.07
CA ARG E 477 24.11 -53.24 -4.72
C ARG E 477 24.04 -52.07 -3.76
N ILE E 478 25.10 -51.27 -3.71
CA ILE E 478 25.14 -50.09 -2.88
C ILE E 478 25.01 -48.87 -3.78
N TYR E 479 24.03 -48.03 -3.48
CA TYR E 479 23.85 -46.76 -4.15
C TYR E 479 24.07 -45.65 -3.14
N SER E 480 24.93 -44.69 -3.48
CA SER E 480 25.49 -43.77 -2.50
C SER E 480 24.99 -42.36 -2.71
N LYS E 481 25.39 -41.49 -1.77
CA LYS E 481 25.07 -40.07 -1.76
C LYS E 481 26.30 -39.27 -2.21
N ASN E 482 26.62 -39.42 -3.49
CA ASN E 482 27.76 -38.71 -4.11
C ASN E 482 29.04 -38.94 -3.33
N LYS E 483 29.34 -40.21 -3.05
CA LYS E 483 30.52 -40.52 -2.25
C LYS E 483 31.43 -41.50 -2.96
N PRO E 484 32.61 -41.08 -3.42
CA PRO E 484 33.61 -42.04 -3.92
C PRO E 484 34.49 -42.57 -2.79
N TYR E 485 35.58 -43.25 -3.14
CA TYR E 485 36.45 -43.90 -2.16
C TYR E 485 35.63 -44.80 -1.25
N ILE E 486 34.73 -45.56 -1.86
CA ILE E 486 33.91 -46.51 -1.13
C ILE E 486 34.61 -47.85 -1.21
N GLY E 487 34.78 -48.35 -2.43
CA GLY E 487 35.43 -49.64 -2.61
C GLY E 487 34.76 -50.75 -1.83
N ILE E 488 33.45 -50.64 -1.64
CA ILE E 488 32.69 -51.57 -0.80
C ILE E 488 31.76 -52.33 -1.72
N GLY E 489 31.94 -53.66 -1.78
CA GLY E 489 31.11 -54.54 -2.56
C GLY E 489 30.82 -54.02 -3.94
N ILE E 490 29.54 -53.85 -4.25
CA ILE E 490 29.13 -53.14 -5.48
C ILE E 490 29.01 -51.67 -5.10
N SER E 491 30.14 -50.99 -5.12
CA SER E 491 30.16 -49.56 -4.87
C SER E 491 29.73 -48.84 -6.15
N THR E 492 28.57 -48.21 -6.11
CA THR E 492 27.96 -47.60 -7.29
C THR E 492 27.66 -46.15 -6.92
N ASN E 493 28.62 -45.27 -7.17
CA ASN E 493 28.47 -43.90 -6.72
C ASN E 493 27.41 -43.24 -7.59
N LEU E 494 26.15 -43.46 -7.27
CA LEU E 494 25.06 -42.81 -7.96
C LEU E 494 25.00 -41.35 -7.54
N TRP E 495 24.67 -40.49 -8.49
CA TRP E 495 24.82 -39.06 -8.31
C TRP E 495 23.46 -38.44 -8.07
N MET E 496 23.29 -37.77 -6.93
CA MET E 496 22.03 -37.11 -6.63
C MET E 496 22.27 -36.01 -5.61
N CYS E 497 21.78 -34.81 -5.91
CA CYS E 497 22.15 -33.61 -5.17
C CYS E 497 21.24 -33.48 -3.97
N ASP E 498 21.73 -33.92 -2.81
CA ASP E 498 20.97 -33.87 -1.58
C ASP E 498 21.60 -32.80 -0.68
N TYR E 499 20.99 -31.62 -0.67
CA TYR E 499 21.38 -30.54 0.22
C TYR E 499 20.14 -29.99 0.91
N ASP E 500 20.26 -29.62 2.18
CA ASP E 500 19.17 -28.98 2.90
C ASP E 500 19.70 -28.15 4.06
N LEU E 526 7.62 -18.24 0.48
CA LEU E 526 8.51 -19.23 -0.10
C LEU E 526 8.98 -18.80 -1.48
N GLY E 527 10.09 -19.38 -1.91
CA GLY E 527 10.58 -19.21 -3.26
C GLY E 527 10.74 -20.54 -3.96
N VAL E 528 10.41 -20.57 -5.25
CA VAL E 528 10.58 -21.76 -6.09
C VAL E 528 11.20 -21.33 -7.40
N VAL E 529 12.17 -22.12 -7.88
CA VAL E 529 12.91 -21.79 -9.10
C VAL E 529 12.95 -23.00 -10.03
N ARG E 530 12.64 -22.77 -11.30
CA ARG E 530 12.72 -23.76 -12.35
C ARG E 530 13.61 -23.24 -13.46
N ALA E 531 14.50 -24.09 -13.98
CA ALA E 531 15.41 -23.68 -15.04
C ALA E 531 15.58 -24.79 -16.06
N ASP E 532 15.66 -24.38 -17.33
CA ASP E 532 15.91 -25.29 -18.45
C ASP E 532 17.05 -24.73 -19.29
N ILE E 533 17.96 -25.62 -19.69
CA ILE E 533 18.96 -25.24 -20.68
C ILE E 533 18.24 -24.96 -22.00
N ASP E 534 18.47 -23.76 -22.55
CA ASP E 534 17.78 -23.40 -23.78
C ASP E 534 18.32 -24.19 -24.98
N ASN E 535 19.64 -24.25 -25.11
CA ASN E 535 20.27 -24.98 -26.22
C ASN E 535 20.76 -26.36 -25.76
N LEU E 536 19.83 -27.23 -25.39
CA LEU E 536 20.22 -28.59 -25.02
C LEU E 536 19.76 -29.65 -26.00
N GLY E 537 18.59 -29.49 -26.62
CA GLY E 537 18.22 -30.42 -27.67
C GLY E 537 19.23 -30.44 -28.80
N ALA E 538 19.62 -29.25 -29.26
CA ALA E 538 20.64 -29.17 -30.31
C ALA E 538 21.97 -29.72 -29.81
N THR E 539 22.38 -29.34 -28.59
CA THR E 539 23.68 -29.76 -28.08
C THR E 539 23.77 -31.28 -27.99
N PHE E 540 22.78 -31.92 -27.36
CA PHE E 540 22.71 -33.37 -27.41
C PHE E 540 22.76 -33.87 -28.85
N ILE E 541 21.96 -33.27 -29.73
CA ILE E 541 21.76 -33.83 -31.06
C ILE E 541 22.75 -33.26 -32.06
N SER E 542 22.67 -31.96 -32.34
CA SER E 542 23.54 -31.38 -33.35
C SER E 542 25.00 -31.44 -32.94
N GLY E 543 25.29 -31.07 -31.69
CA GLY E 543 26.64 -31.14 -31.17
C GLY E 543 27.60 -30.27 -31.95
N ILE E 544 28.85 -30.72 -32.00
CA ILE E 544 29.91 -30.00 -32.68
C ILE E 544 29.95 -30.47 -34.13
N PRO E 545 29.82 -29.60 -35.10
CA PRO E 545 29.52 -30.07 -36.47
C PRO E 545 30.70 -30.69 -37.17
N GLU E 546 30.44 -31.84 -37.79
CA GLU E 546 31.18 -32.38 -38.91
C GLU E 546 32.55 -32.93 -38.56
N LYS E 547 33.03 -32.72 -37.35
CA LYS E 547 34.38 -33.19 -37.07
C LYS E 547 34.58 -33.79 -35.69
N TYR E 548 33.66 -33.60 -34.75
CA TYR E 548 33.85 -34.15 -33.41
C TYR E 548 32.67 -35.01 -33.00
N ASN E 549 31.95 -35.56 -33.98
CA ASN E 549 30.69 -36.25 -33.75
C ASN E 549 30.87 -37.76 -33.70
N SER E 550 31.66 -38.22 -32.74
CA SER E 550 31.81 -39.64 -32.48
C SER E 550 30.88 -40.03 -31.35
N ILE E 551 30.90 -41.31 -30.99
CA ILE E 551 30.27 -41.70 -29.75
C ILE E 551 31.05 -41.16 -28.57
N SER E 552 32.38 -41.15 -28.68
CA SER E 552 33.23 -40.77 -27.57
C SER E 552 32.98 -39.33 -27.14
N ARG E 553 32.91 -38.42 -28.11
CA ARG E 553 32.89 -37.02 -27.77
C ARG E 553 31.52 -36.56 -27.28
N THR E 554 30.44 -37.08 -27.86
CA THR E 554 29.13 -36.80 -27.28
C THR E 554 29.00 -37.44 -25.91
N ALA E 555 29.61 -38.61 -25.73
CA ALA E 555 29.57 -39.25 -24.41
C ALA E 555 30.26 -38.38 -23.37
N THR E 556 31.42 -37.82 -23.70
CA THR E 556 32.10 -36.99 -22.71
C THR E 556 31.33 -35.71 -22.44
N LEU E 557 30.70 -35.14 -23.46
CA LEU E 557 29.85 -33.97 -23.22
C LEU E 557 28.70 -34.31 -22.28
N SER E 558 28.07 -35.46 -22.48
CA SER E 558 26.98 -35.89 -21.61
C SER E 558 27.47 -36.04 -20.18
N ARG E 559 28.60 -36.71 -19.99
CA ARG E 559 29.14 -36.87 -18.65
C ARG E 559 29.43 -35.52 -18.01
N GLN E 560 29.95 -34.57 -18.78
CA GLN E 560 30.25 -33.27 -18.20
C GLN E 560 28.99 -32.56 -17.72
N LEU E 561 27.96 -32.52 -18.54
CA LEU E 561 26.72 -31.88 -18.08
C LEU E 561 26.15 -32.59 -16.86
N SER E 562 26.16 -33.92 -16.87
CA SER E 562 25.59 -34.67 -15.76
C SER E 562 26.33 -34.37 -14.47
N LEU E 563 27.65 -34.50 -14.48
CA LEU E 563 28.43 -34.21 -13.29
C LEU E 563 28.26 -32.78 -12.85
N PHE E 564 28.08 -31.85 -13.78
CA PHE E 564 27.85 -30.47 -13.36
C PHE E 564 26.58 -30.37 -12.54
N PHE E 565 25.48 -30.92 -13.06
CA PHE E 565 24.22 -30.81 -12.32
C PHE E 565 24.13 -31.75 -11.14
N LYS E 566 25.09 -32.65 -10.91
CA LYS E 566 24.96 -33.58 -9.81
C LYS E 566 26.04 -33.43 -8.74
N TYR E 567 27.12 -32.70 -8.99
CA TYR E 567 27.99 -32.19 -7.95
C TYR E 567 27.91 -30.69 -7.77
N GLU E 568 28.07 -29.92 -8.85
CA GLU E 568 28.28 -28.49 -8.70
C GLU E 568 27.13 -27.81 -8.00
N LEU E 569 25.89 -28.29 -8.17
CA LEU E 569 24.79 -27.69 -7.43
C LEU E 569 24.98 -27.86 -5.94
N ASN E 570 25.41 -29.05 -5.52
CA ASN E 570 25.60 -29.32 -4.09
C ASN E 570 26.57 -28.33 -3.49
N HIS E 571 27.68 -28.06 -4.18
CA HIS E 571 28.66 -27.13 -3.66
C HIS E 571 28.16 -25.69 -3.74
N LEU E 572 27.58 -25.31 -4.86
CA LEU E 572 27.18 -23.92 -5.05
C LEU E 572 26.11 -23.50 -4.06
N LEU E 573 25.25 -24.42 -3.65
CA LEU E 573 24.12 -24.05 -2.81
C LEU E 573 24.46 -23.94 -1.33
N GLU E 574 25.74 -24.06 -0.95
CA GLU E 574 26.07 -24.23 0.47
C GLU E 574 25.63 -23.03 1.31
N ASN E 575 25.97 -21.82 0.89
CA ASN E 575 25.71 -20.64 1.69
C ASN E 575 24.28 -20.17 1.61
N TYR E 576 23.35 -21.03 1.24
CA TYR E 576 21.99 -20.63 0.96
C TYR E 576 21.01 -21.51 1.71
N GLN E 577 19.91 -20.90 2.16
CA GLN E 577 18.92 -21.59 2.98
C GLN E 577 17.93 -22.33 2.09
N ILE E 578 18.45 -23.26 1.29
CA ILE E 578 17.67 -23.93 0.28
C ILE E 578 17.85 -25.43 0.41
N THR E 579 16.77 -26.18 0.17
CA THR E 579 16.84 -27.63 0.07
C THR E 579 16.62 -28.04 -1.39
N ALA E 580 17.41 -29.01 -1.84
CA ALA E 580 17.43 -29.41 -3.24
C ALA E 580 16.41 -30.51 -3.50
N ILE E 581 15.48 -30.25 -4.41
CA ILE E 581 14.34 -31.15 -4.61
C ILE E 581 14.60 -32.11 -5.75
N TYR E 582 14.75 -31.58 -6.97
CA TYR E 582 14.85 -32.44 -8.15
C TYR E 582 15.75 -31.73 -9.15
N SER E 583 16.97 -32.23 -9.30
CA SER E 583 17.98 -31.57 -10.10
C SER E 583 18.75 -32.61 -10.89
N GLY E 584 19.03 -32.30 -12.15
CA GLY E 584 19.66 -33.24 -13.06
C GLY E 584 19.15 -33.05 -14.47
N GLY E 585 19.84 -33.66 -15.45
CA GLY E 585 19.47 -33.45 -16.83
C GLY E 585 19.57 -31.98 -17.20
N ASP E 586 18.43 -31.33 -17.42
CA ASP E 586 18.40 -29.89 -17.60
C ASP E 586 17.33 -29.22 -16.75
N ASP E 587 16.86 -29.87 -15.69
CA ASP E 587 15.79 -29.36 -14.85
C ASP E 587 16.39 -28.95 -13.51
N LEU E 588 16.07 -27.74 -13.07
CA LEU E 588 16.56 -27.20 -11.82
C LEU E 588 15.37 -26.78 -10.98
N PHE E 589 15.13 -27.50 -9.88
CA PHE E 589 13.93 -27.29 -9.06
C PHE E 589 14.36 -27.13 -7.60
N LEU E 590 14.45 -25.88 -7.17
CA LEU E 590 14.90 -25.55 -5.83
C LEU E 590 13.85 -24.68 -5.16
N ILE E 591 13.66 -24.89 -3.86
CA ILE E 591 12.64 -24.20 -3.09
C ILE E 591 13.22 -23.74 -1.76
N GLY E 592 12.86 -22.53 -1.34
CA GLY E 592 13.38 -21.98 -0.11
C GLY E 592 12.83 -20.61 0.16
N ALA E 593 13.57 -19.83 0.95
CA ALA E 593 13.16 -18.47 1.28
C ALA E 593 13.21 -17.56 0.07
N TRP E 594 12.29 -16.58 0.04
CA TRP E 594 12.18 -15.64 -1.06
C TRP E 594 13.52 -15.00 -1.44
N ASP E 595 14.11 -14.23 -0.54
CA ASP E 595 15.34 -13.52 -0.87
C ASP E 595 16.44 -14.50 -1.28
N ASP E 596 16.52 -15.61 -0.55
CA ASP E 596 17.60 -16.55 -0.78
C ASP E 596 17.47 -17.19 -2.15
N ILE E 597 16.25 -17.48 -2.59
CA ILE E 597 16.08 -18.09 -3.90
C ILE E 597 16.60 -17.15 -4.99
N ILE E 598 16.29 -15.86 -4.88
CA ILE E 598 16.77 -14.92 -5.88
C ILE E 598 18.29 -14.87 -5.89
N GLU E 599 18.89 -14.76 -4.70
CA GLU E 599 20.35 -14.63 -4.65
C GLU E 599 21.02 -15.88 -5.19
N ALA E 600 20.52 -17.06 -4.81
CA ALA E 600 21.10 -18.30 -5.29
C ALA E 600 20.89 -18.48 -6.78
N SER E 601 19.74 -18.04 -7.30
CA SER E 601 19.50 -18.15 -8.73
C SER E 601 20.51 -17.33 -9.50
N ILE E 602 20.78 -16.11 -9.04
CA ILE E 602 21.78 -15.29 -9.72
C ILE E 602 23.14 -15.94 -9.66
N TYR E 603 23.51 -16.45 -8.48
CA TYR E 603 24.81 -17.09 -8.30
C TYR E 603 24.95 -18.30 -9.22
N ILE E 604 23.88 -19.09 -9.33
CA ILE E 604 23.94 -20.30 -10.15
C ILE E 604 24.03 -19.93 -11.63
N ASN E 605 23.28 -18.93 -12.07
CA ASN E 605 23.37 -18.53 -13.47
C ASN E 605 24.79 -18.11 -13.81
N ASP E 606 25.40 -17.28 -12.97
CA ASP E 606 26.76 -16.83 -13.26
C ASP E 606 27.73 -18.00 -13.24
N LYS E 607 27.65 -18.87 -12.23
CA LYS E 607 28.57 -19.99 -12.14
C LYS E 607 28.40 -20.96 -13.28
N PHE E 608 27.18 -21.08 -13.82
CA PHE E 608 26.97 -21.90 -15.00
C PHE E 608 27.61 -21.28 -16.22
N LYS E 609 27.37 -19.98 -16.44
CA LYS E 609 28.00 -19.33 -17.57
C LYS E 609 29.52 -19.45 -17.51
N GLU E 610 30.08 -19.55 -16.31
CA GLU E 610 31.50 -19.83 -16.19
C GLU E 610 31.83 -21.21 -16.76
N PHE E 611 31.09 -22.24 -16.36
CA PHE E 611 31.45 -23.61 -16.69
C PHE E 611 31.16 -23.96 -18.13
N THR E 612 30.18 -23.30 -18.74
CA THR E 612 29.87 -23.51 -20.15
C THR E 612 30.56 -22.48 -21.03
N LEU E 613 31.47 -21.71 -20.47
CA LEU E 613 32.28 -20.75 -21.22
C LEU E 613 31.40 -19.80 -22.03
N ASP E 614 30.22 -19.50 -21.50
CA ASP E 614 29.26 -18.57 -22.11
C ASP E 614 28.78 -19.10 -23.45
N LYS E 615 28.64 -20.42 -23.58
CA LYS E 615 28.08 -20.98 -24.80
C LYS E 615 26.61 -21.36 -24.68
N LEU E 616 26.18 -21.79 -23.50
CA LEU E 616 24.82 -22.25 -23.27
C LEU E 616 24.12 -21.32 -22.30
N THR E 617 22.84 -21.06 -22.56
CA THR E 617 22.06 -20.12 -21.74
C THR E 617 20.99 -20.85 -20.96
N LEU E 618 20.58 -20.24 -19.84
CA LEU E 618 19.53 -20.77 -18.99
C LEU E 618 18.37 -19.80 -18.93
N SER E 619 17.16 -20.35 -18.93
CA SER E 619 15.95 -19.59 -18.70
C SER E 619 15.33 -20.08 -17.41
N ALA E 620 14.96 -19.15 -16.53
CA ALA E 620 14.51 -19.54 -15.21
C ALA E 620 13.39 -18.63 -14.75
N GLY E 621 12.52 -19.17 -13.91
CA GLY E 621 11.44 -18.41 -13.32
C GLY E 621 11.37 -18.60 -11.83
N VAL E 622 11.22 -17.50 -11.09
CA VAL E 622 11.07 -17.52 -9.65
C VAL E 622 9.78 -16.80 -9.30
N GLY E 623 8.96 -17.41 -8.44
CA GLY E 623 7.76 -16.79 -7.95
C GLY E 623 7.67 -16.84 -6.44
N MET E 624 6.84 -15.96 -5.90
CA MET E 624 6.60 -15.89 -4.46
C MET E 624 5.34 -16.67 -4.17
N PHE E 625 5.47 -17.70 -3.32
CA PHE E 625 4.36 -18.56 -2.96
C PHE E 625 4.26 -18.63 -1.45
N SER E 626 3.05 -18.47 -0.94
CA SER E 626 2.81 -18.45 0.49
C SER E 626 3.04 -19.83 1.09
N GLY E 627 3.38 -19.85 2.37
CA GLY E 627 3.56 -21.12 3.05
C GLY E 627 2.26 -21.89 3.15
N LYS E 628 2.41 -23.21 3.27
CA LYS E 628 1.32 -24.17 3.46
C LYS E 628 0.41 -24.31 2.25
N TYR E 629 0.78 -23.77 1.10
CA TYR E 629 0.07 -24.13 -0.12
C TYR E 629 0.40 -25.57 -0.51
N PRO E 630 -0.55 -26.28 -1.11
CA PRO E 630 -0.22 -27.59 -1.66
C PRO E 630 0.86 -27.46 -2.72
N VAL E 631 2.00 -28.12 -2.47
CA VAL E 631 3.15 -27.88 -3.33
C VAL E 631 2.90 -28.39 -4.74
N SER E 632 1.97 -29.34 -4.89
CA SER E 632 1.58 -29.76 -6.23
C SER E 632 1.05 -28.58 -7.03
N LYS E 633 0.55 -27.54 -6.36
CA LYS E 633 -0.08 -26.44 -7.14
C LYS E 633 0.94 -25.35 -7.44
N MET E 634 1.91 -25.14 -6.53
CA MET E 634 2.93 -24.09 -6.73
C MET E 634 3.86 -24.49 -7.89
N ALA E 635 4.10 -25.79 -8.07
CA ALA E 635 4.99 -26.26 -9.12
C ALA E 635 4.40 -25.99 -10.50
N PHE E 636 3.09 -26.17 -10.65
CA PHE E 636 2.47 -25.93 -11.95
C PHE E 636 2.37 -24.46 -12.29
N GLU E 637 2.57 -23.56 -11.31
CA GLU E 637 2.64 -22.14 -11.63
C GLU E 637 3.97 -21.77 -12.25
N THR E 638 5.07 -22.28 -11.69
CA THR E 638 6.39 -21.90 -12.16
C THR E 638 6.68 -22.60 -13.48
N TRP E 664 19.34 -11.85 -17.80
CA TRP E 664 20.11 -12.19 -16.62
C TRP E 664 21.09 -11.10 -16.24
N ASP E 665 22.02 -10.79 -17.15
CA ASP E 665 22.91 -9.67 -16.93
C ASP E 665 22.12 -8.40 -16.65
N GLU E 666 20.98 -8.25 -17.34
CA GLU E 666 20.13 -7.07 -17.15
C GLU E 666 19.67 -6.98 -15.71
N PHE E 667 19.15 -8.08 -15.16
CA PHE E 667 18.58 -8.07 -13.82
C PHE E 667 19.65 -7.87 -12.77
N LYS E 668 20.83 -8.46 -12.98
CA LYS E 668 21.91 -8.34 -12.01
C LYS E 668 22.48 -6.93 -12.00
N LYS E 669 22.94 -6.46 -13.16
CA LYS E 669 23.63 -5.17 -13.20
C LYS E 669 22.67 -4.02 -12.96
N ASN E 670 21.54 -4.00 -13.68
CA ASN E 670 20.73 -2.79 -13.67
C ASN E 670 19.79 -2.72 -12.46
N ILE E 671 19.12 -3.82 -12.14
CA ILE E 671 18.09 -3.80 -11.09
C ILE E 671 18.70 -4.04 -9.72
N LEU E 672 19.34 -5.19 -9.54
CA LEU E 672 19.84 -5.55 -8.22
C LEU E 672 21.00 -4.67 -7.77
N GLU E 673 21.94 -4.41 -8.68
CA GLU E 673 23.19 -3.80 -8.23
C GLU E 673 23.06 -2.31 -8.02
N GLU E 674 22.40 -1.60 -8.93
CA GLU E 674 22.38 -0.13 -8.87
C GLU E 674 21.16 0.39 -8.14
N LYS E 675 19.97 0.15 -8.70
CA LYS E 675 18.77 0.74 -8.14
C LYS E 675 18.47 0.20 -6.75
N LEU E 676 18.57 -1.11 -6.57
CA LEU E 676 18.28 -1.70 -5.27
C LEU E 676 19.23 -1.17 -4.22
N LEU E 677 20.51 -1.05 -4.56
CA LEU E 677 21.48 -0.60 -3.57
C LEU E 677 21.22 0.84 -3.16
N VAL E 678 20.99 1.72 -4.14
CA VAL E 678 20.77 3.13 -3.78
C VAL E 678 19.48 3.25 -2.97
N LEU E 679 18.47 2.46 -3.32
CA LEU E 679 17.20 2.51 -2.59
C LEU E 679 17.37 2.02 -1.15
N GLN E 680 18.10 0.92 -0.96
CA GLN E 680 18.31 0.39 0.38
C GLN E 680 19.10 1.38 1.21
N GLN E 681 20.13 1.99 0.63
CA GLN E 681 20.86 3.02 1.36
C GLN E 681 19.95 4.19 1.72
N GLY E 682 19.09 4.60 0.78
CA GLY E 682 18.21 5.72 1.05
C GLY E 682 17.28 5.47 2.22
N PHE E 683 16.64 4.31 2.24
CA PHE E 683 15.77 4.01 3.38
C PHE E 683 16.57 3.78 4.65
N SER E 684 17.76 3.21 4.55
CA SER E 684 18.56 2.98 5.75
C SER E 684 18.97 4.30 6.40
N GLN E 685 19.27 5.31 5.58
CA GLN E 685 19.71 6.59 6.14
C GLN E 685 18.56 7.36 6.77
N THR E 686 17.36 7.28 6.18
CA THR E 686 16.22 8.08 6.60
C THR E 686 15.13 7.14 7.13
N ASP E 687 14.85 7.25 8.44
CA ASP E 687 13.83 6.43 9.06
C ASP E 687 12.43 6.96 8.75
N GLU E 688 11.44 6.31 9.36
CA GLU E 688 10.03 6.71 9.30
C GLU E 688 9.42 6.43 7.92
N HIS E 689 10.25 5.97 6.99
CA HIS E 689 9.77 5.56 5.66
C HIS E 689 9.36 4.09 5.73
N GLY E 690 8.22 3.86 6.39
CA GLY E 690 7.67 2.54 6.53
C GLY E 690 7.02 2.06 5.25
N LYS E 691 6.29 0.95 5.37
CA LYS E 691 5.59 0.41 4.22
C LYS E 691 4.55 1.39 3.70
N ALA E 692 4.10 2.33 4.54
CA ALA E 692 3.13 3.33 4.10
C ALA E 692 3.71 4.24 3.02
N PHE E 693 4.87 4.83 3.29
CA PHE E 693 5.49 5.72 2.30
C PHE E 693 5.81 4.97 1.00
N ILE E 694 6.39 3.78 1.13
CA ILE E 694 6.71 2.99 -0.05
C ILE E 694 5.44 2.65 -0.83
N TYR E 695 4.36 2.35 -0.11
CA TYR E 695 3.16 1.94 -0.81
C TYR E 695 2.47 3.12 -1.47
N LYS E 696 2.58 4.32 -0.89
CA LYS E 696 2.12 5.48 -1.62
C LYS E 696 2.96 5.70 -2.87
N MET E 697 4.26 5.45 -2.78
CA MET E 697 5.07 5.52 -3.98
C MET E 697 4.53 4.56 -5.04
N LEU E 698 4.24 3.32 -4.65
CA LEU E 698 3.61 2.37 -5.57
C LEU E 698 2.32 2.93 -6.15
N ALA E 699 1.45 3.44 -5.28
CA ALA E 699 0.16 3.92 -5.72
C ALA E 699 0.31 4.97 -6.81
N LEU E 700 1.28 5.87 -6.64
CA LEU E 700 1.54 6.84 -7.69
C LEU E 700 2.11 6.19 -8.94
N LEU E 701 3.05 5.25 -8.76
CA LEU E 701 3.80 4.74 -9.90
C LEU E 701 2.94 3.88 -10.81
N ARG E 702 2.20 2.93 -10.25
CA ARG E 702 1.50 1.96 -11.09
C ARG E 702 0.48 2.61 -12.00
N ASN E 703 -0.11 3.72 -11.58
CA ASN E 703 -0.95 4.52 -12.46
C ASN E 703 -0.02 5.46 -13.23
N ASN E 704 0.29 5.09 -14.47
CA ASN E 704 1.25 5.83 -15.29
C ASN E 704 0.57 7.06 -15.88
N GLU E 705 0.56 8.14 -15.10
CA GLU E 705 0.00 9.41 -15.52
C GLU E 705 0.89 10.55 -15.07
N ALA E 706 0.86 11.66 -15.82
CA ALA E 706 1.72 12.81 -15.54
C ALA E 706 1.28 13.54 -14.27
N ILE E 707 -0.04 13.67 -14.06
CA ILE E 707 -0.50 14.25 -12.80
C ILE E 707 0.02 13.43 -11.64
N ASN E 708 0.12 12.12 -11.82
CA ASN E 708 0.73 11.30 -10.79
C ASN E 708 2.22 11.59 -10.66
N ILE E 709 2.87 12.00 -11.74
CA ILE E 709 4.28 12.38 -11.64
C ILE E 709 4.43 13.63 -10.79
N ALA E 710 3.55 14.61 -10.98
CA ALA E 710 3.57 15.79 -10.12
C ALA E 710 3.30 15.40 -8.67
N ARG E 711 2.32 14.51 -8.44
CA ARG E 711 2.03 14.11 -7.07
C ARG E 711 3.23 13.40 -6.44
N LEU E 712 3.89 12.54 -7.19
CA LEU E 712 5.08 11.87 -6.68
C LEU E 712 6.18 12.88 -6.38
N ALA E 713 6.28 13.92 -7.20
CA ALA E 713 7.24 14.98 -6.90
C ALA E 713 6.91 15.62 -5.57
N TYR E 714 5.64 15.89 -5.32
CA TYR E 714 5.25 16.48 -4.04
C TYR E 714 5.61 15.54 -2.89
N LEU E 715 5.33 14.25 -3.05
CA LEU E 715 5.60 13.30 -1.98
C LEU E 715 7.09 13.24 -1.67
N LEU E 716 7.91 13.11 -2.71
CA LEU E 716 9.36 13.07 -2.50
C LEU E 716 9.84 14.38 -1.88
N ALA E 717 9.22 15.51 -2.24
CA ALA E 717 9.59 16.77 -1.62
C ALA E 717 9.27 16.76 -0.14
N ARG E 718 8.16 16.14 0.24
CA ARG E 718 7.79 16.10 1.65
C ARG E 718 8.62 15.10 2.43
N SER E 719 9.24 14.14 1.76
CA SER E 719 10.18 13.26 2.44
C SER E 719 11.43 14.05 2.83
N LYS E 720 12.28 13.40 3.64
CA LYS E 720 13.53 14.01 4.08
C LYS E 720 14.75 13.23 3.59
N MET E 721 14.70 12.70 2.37
CA MET E 721 15.88 12.07 1.81
C MET E 721 16.86 13.12 1.31
N ASN E 722 18.11 12.68 1.12
CA ASN E 722 19.14 13.55 0.57
C ASN E 722 18.76 13.94 -0.87
N GLU E 723 19.23 15.11 -1.28
CA GLU E 723 18.89 15.61 -2.61
C GLU E 723 19.29 14.62 -3.70
N ASP E 724 20.40 13.93 -3.53
CA ASP E 724 20.83 12.95 -4.53
C ASP E 724 19.80 11.84 -4.68
N PHE E 725 19.35 11.27 -3.56
CA PHE E 725 18.40 10.16 -3.63
C PHE E 725 17.10 10.59 -4.30
N THR E 726 16.52 11.71 -3.85
CA THR E 726 15.28 12.19 -4.43
C THR E 726 15.45 12.49 -5.91
N SER E 727 16.56 13.14 -6.27
CA SER E 727 16.78 13.48 -7.66
C SER E 727 16.87 12.24 -8.53
N LYS E 728 17.62 11.24 -8.07
CA LYS E 728 17.76 10.01 -8.84
C LYS E 728 16.40 9.32 -8.99
N ILE E 729 15.63 9.28 -7.91
CA ILE E 729 14.33 8.63 -7.99
C ILE E 729 13.44 9.35 -8.98
N PHE E 730 13.48 10.67 -9.00
CA PHE E 730 12.57 11.40 -9.87
C PHE E 730 12.99 11.26 -11.34
N ASN E 731 14.30 11.31 -11.59
CA ASN E 731 14.79 11.11 -12.94
C ASN E 731 14.45 9.71 -13.46
N TRP E 732 14.62 8.69 -12.62
CA TRP E 732 14.18 7.35 -13.01
C TRP E 732 12.68 7.32 -13.26
N ALA E 733 11.90 7.99 -12.42
CA ALA E 733 10.46 7.97 -12.56
C ALA E 733 10.01 8.58 -13.87
N GLN E 734 10.80 9.46 -14.45
CA GLN E 734 10.37 10.04 -15.72
C GLN E 734 10.46 9.08 -16.92
N ASN E 735 11.08 7.90 -16.78
CA ASN E 735 11.37 7.04 -17.92
C ASN E 735 10.74 5.68 -17.73
N ASP E 736 10.12 5.17 -18.80
CA ASP E 736 9.29 3.96 -18.71
C ASP E 736 10.11 2.75 -18.27
N LYS E 737 11.20 2.46 -18.98
CA LYS E 737 12.02 1.31 -18.62
C LYS E 737 12.55 1.46 -17.21
N ASP E 738 13.06 2.63 -16.89
CA ASP E 738 13.61 2.87 -15.57
C ASP E 738 12.52 2.75 -14.51
N LYS E 739 11.30 3.20 -14.80
CA LYS E 739 10.30 3.16 -13.75
C LYS E 739 9.79 1.75 -13.52
N ASN E 740 9.67 0.94 -14.57
CA ASN E 740 9.38 -0.46 -14.33
C ASN E 740 10.48 -1.13 -13.49
N GLN E 741 11.73 -0.85 -13.82
CA GLN E 741 12.82 -1.44 -13.05
C GLN E 741 12.78 -0.95 -11.61
N LEU E 742 12.43 0.32 -11.42
CA LEU E 742 12.33 0.89 -10.08
C LEU E 742 11.21 0.23 -9.30
N ILE E 743 10.07 -0.02 -9.96
CA ILE E 743 8.98 -0.73 -9.31
C ILE E 743 9.45 -2.08 -8.84
N THR E 744 10.11 -2.83 -9.73
CA THR E 744 10.58 -4.16 -9.35
C THR E 744 11.55 -4.08 -8.18
N ALA E 745 12.48 -3.12 -8.22
CA ALA E 745 13.49 -3.03 -7.18
C ALA E 745 12.88 -2.71 -5.83
N LEU E 746 11.96 -1.73 -5.79
CA LEU E 746 11.40 -1.37 -4.49
C LEU E 746 10.47 -2.46 -3.99
N GLU E 747 9.78 -3.15 -4.89
CA GLU E 747 9.00 -4.30 -4.47
C GLU E 747 9.92 -5.33 -3.83
N TYR E 748 11.11 -5.51 -4.38
CA TYR E 748 12.05 -6.43 -3.75
C TYR E 748 12.49 -5.90 -2.39
N TYR E 749 12.52 -4.58 -2.22
CA TYR E 749 12.93 -4.04 -0.92
C TYR E 749 12.02 -4.57 0.18
N ILE E 750 10.71 -4.57 -0.07
CA ILE E 750 9.75 -5.03 0.91
C ILE E 750 9.87 -6.54 1.14
N THR G 5 -26.78 -30.22 -37.40
CA THR G 5 -25.48 -30.23 -36.75
C THR G 5 -25.01 -28.83 -36.37
N LYS G 6 -25.56 -28.30 -35.29
CA LYS G 6 -25.19 -26.98 -34.79
C LYS G 6 -24.09 -27.08 -33.75
N VAL G 7 -23.44 -25.95 -33.52
CA VAL G 7 -22.42 -25.81 -32.50
C VAL G 7 -22.84 -24.69 -31.55
N PHE G 8 -22.43 -24.84 -30.29
CA PHE G 8 -22.79 -23.90 -29.24
C PHE G 8 -21.57 -23.14 -28.77
N LYS G 9 -21.72 -21.86 -28.51
CA LYS G 9 -20.67 -20.99 -28.06
C LYS G 9 -20.99 -20.55 -26.64
N LEU G 10 -20.02 -20.65 -25.73
CA LEU G 10 -20.26 -20.39 -24.32
C LEU G 10 -19.46 -19.18 -23.86
N SER G 11 -20.16 -18.17 -23.32
CA SER G 11 -19.56 -17.03 -22.66
C SER G 11 -19.91 -17.07 -21.18
N PHE G 12 -18.95 -16.73 -20.31
CA PHE G 12 -19.06 -16.99 -18.88
C PHE G 12 -19.25 -15.74 -18.02
N LYS G 13 -18.32 -14.80 -18.09
CA LYS G 13 -18.38 -13.54 -17.33
C LYS G 13 -18.24 -13.75 -15.83
N THR G 14 -18.11 -14.99 -15.38
CA THR G 14 -17.79 -15.32 -14.00
C THR G 14 -16.75 -16.42 -13.99
N PRO G 15 -15.74 -16.33 -13.15
CA PRO G 15 -14.67 -17.32 -13.16
C PRO G 15 -15.18 -18.71 -12.82
N VAL G 16 -14.55 -19.71 -13.42
CA VAL G 16 -15.02 -21.09 -13.36
C VAL G 16 -13.92 -21.99 -12.83
N HIS G 17 -14.31 -22.97 -12.02
CA HIS G 17 -13.44 -24.01 -11.51
C HIS G 17 -13.83 -25.32 -12.18
N PHE G 18 -12.87 -26.00 -12.76
CA PHE G 18 -13.25 -27.14 -13.58
C PHE G 18 -12.64 -28.44 -13.09
N GLY G 19 -11.42 -28.41 -12.57
CA GLY G 19 -10.92 -29.49 -11.73
C GLY G 19 -10.45 -30.75 -12.42
N LYS G 20 -9.29 -31.24 -11.98
CA LYS G 20 -8.81 -32.56 -12.37
C LYS G 20 -8.69 -33.50 -11.17
N LYS G 21 -7.98 -33.10 -10.13
CA LYS G 21 -7.87 -33.96 -8.97
C LYS G 21 -8.26 -33.29 -7.65
N ARG G 22 -7.88 -32.04 -7.43
CA ARG G 22 -8.07 -31.42 -6.14
C ARG G 22 -8.66 -30.03 -6.32
N LEU G 23 -9.39 -29.54 -5.32
CA LEU G 23 -10.12 -28.28 -5.49
C LEU G 23 -9.20 -27.13 -5.80
N SER G 24 -7.93 -27.24 -5.45
CA SER G 24 -6.96 -26.21 -5.80
C SER G 24 -6.39 -26.41 -7.19
N ASP G 25 -6.87 -27.42 -7.92
CA ASP G 25 -6.42 -27.59 -9.30
C ASP G 25 -7.30 -26.78 -10.23
N GLY G 26 -6.69 -26.31 -11.31
CA GLY G 26 -7.41 -25.54 -12.31
C GLY G 26 -7.18 -26.08 -13.69
N GLU G 27 -8.26 -26.21 -14.45
CA GLU G 27 -8.22 -26.71 -15.81
C GLU G 27 -9.03 -25.79 -16.69
N MET G 28 -8.65 -25.70 -17.95
CA MET G 28 -9.29 -24.74 -18.84
C MET G 28 -10.47 -25.34 -19.59
N THR G 29 -10.30 -26.53 -20.15
CA THR G 29 -11.36 -27.18 -20.90
C THR G 29 -11.78 -28.45 -20.19
N ILE G 30 -13.02 -28.86 -20.43
CA ILE G 30 -13.55 -30.10 -19.88
C ILE G 30 -14.01 -31.01 -21.00
N THR G 31 -14.27 -32.26 -20.62
CA THR G 31 -14.50 -33.32 -21.57
C THR G 31 -15.99 -33.64 -21.65
N ALA G 32 -16.32 -34.50 -22.62
CA ALA G 32 -17.71 -34.88 -22.79
C ALA G 32 -18.24 -35.66 -21.61
N ASP G 33 -17.37 -36.20 -20.76
CA ASP G 33 -17.84 -36.88 -19.56
C ASP G 33 -18.62 -35.92 -18.68
N THR G 34 -17.99 -34.83 -18.26
CA THR G 34 -18.64 -33.87 -17.40
C THR G 34 -19.80 -33.18 -18.10
N LEU G 35 -19.65 -32.89 -19.38
CA LEU G 35 -20.73 -32.23 -20.12
C LEU G 35 -21.97 -33.11 -20.16
N PHE G 36 -21.80 -34.36 -20.58
CA PHE G 36 -22.95 -35.27 -20.66
C PHE G 36 -23.54 -35.50 -19.28
N SER G 37 -22.69 -35.57 -18.25
CA SER G 37 -23.23 -35.69 -16.91
C SER G 37 -24.10 -34.51 -16.56
N ALA G 38 -23.66 -33.30 -16.90
CA ALA G 38 -24.44 -32.12 -16.58
C ALA G 38 -25.76 -32.11 -17.33
N LEU G 39 -25.74 -32.44 -18.62
CA LEU G 39 -26.99 -32.47 -19.37
C LEU G 39 -27.94 -33.49 -18.77
N PHE G 40 -27.41 -34.63 -18.35
CA PHE G 40 -28.25 -35.65 -17.74
C PHE G 40 -28.86 -35.15 -16.44
N ILE G 41 -28.06 -34.49 -15.59
CA ILE G 41 -28.58 -34.05 -14.30
C ILE G 41 -29.64 -32.97 -14.49
N GLU G 42 -29.45 -32.10 -15.48
CA GLU G 42 -30.45 -31.06 -15.70
C GLU G 42 -31.71 -31.63 -16.34
N THR G 43 -31.58 -32.64 -17.19
CA THR G 43 -32.75 -33.31 -17.71
C THR G 43 -33.58 -33.93 -16.59
N LEU G 44 -32.90 -34.61 -15.66
CA LEU G 44 -33.62 -35.19 -14.54
C LEU G 44 -34.25 -34.14 -13.63
N GLN G 45 -33.52 -33.05 -13.37
CA GLN G 45 -34.12 -32.00 -12.55
C GLN G 45 -35.35 -31.42 -13.21
N LEU G 46 -35.31 -31.22 -14.54
CA LEU G 46 -36.48 -30.76 -15.25
C LEU G 46 -37.61 -31.78 -15.21
N GLY G 47 -37.31 -33.03 -14.90
CA GLY G 47 -38.32 -34.06 -14.94
C GLY G 47 -38.72 -34.48 -16.33
N LYS G 48 -37.88 -34.25 -17.32
CA LYS G 48 -38.17 -34.66 -18.67
C LYS G 48 -37.81 -36.13 -18.87
N ASP G 49 -37.98 -36.61 -20.10
CA ASP G 49 -37.73 -38.00 -20.42
C ASP G 49 -36.29 -38.17 -20.90
N THR G 50 -35.62 -39.19 -20.40
CA THR G 50 -34.18 -39.32 -20.61
C THR G 50 -33.81 -40.25 -21.75
N ASP G 51 -34.71 -41.10 -22.22
CA ASP G 51 -34.33 -42.07 -23.24
C ASP G 51 -33.91 -41.38 -24.52
N TRP G 52 -34.64 -40.33 -24.92
CA TRP G 52 -34.36 -39.67 -26.19
C TRP G 52 -32.93 -39.13 -26.21
N LEU G 53 -32.51 -38.51 -25.13
CA LEU G 53 -31.22 -37.83 -25.08
C LEU G 53 -30.15 -38.69 -24.44
N LEU G 54 -30.37 -40.00 -24.38
CA LEU G 54 -29.38 -40.95 -23.91
C LEU G 54 -28.62 -41.59 -25.05
N ASN G 55 -29.34 -42.17 -26.01
CA ASN G 55 -28.78 -43.04 -27.02
C ASN G 55 -28.95 -42.48 -28.42
N ASP G 56 -28.96 -41.15 -28.56
CA ASP G 56 -29.02 -40.54 -29.88
C ASP G 56 -28.09 -39.35 -30.06
N LEU G 57 -27.54 -38.77 -28.99
CA LEU G 57 -26.80 -37.53 -29.05
C LEU G 57 -25.31 -37.80 -29.01
N ILE G 58 -24.57 -37.08 -29.86
CA ILE G 58 -23.11 -37.16 -29.88
C ILE G 58 -22.57 -35.77 -29.56
N ILE G 59 -21.70 -35.71 -28.55
CA ILE G 59 -21.15 -34.45 -28.05
C ILE G 59 -19.64 -34.50 -28.18
N SER G 60 -19.06 -33.41 -28.67
CA SER G 60 -17.61 -33.27 -28.65
C SER G 60 -17.18 -32.59 -27.36
N ASP G 61 -15.90 -32.68 -27.06
CA ASP G 61 -15.37 -32.03 -25.87
C ASP G 61 -15.48 -30.53 -26.02
N THR G 62 -15.09 -29.81 -24.97
CA THR G 62 -15.06 -28.36 -25.04
C THR G 62 -13.76 -27.91 -25.70
N PHE G 63 -13.84 -26.82 -26.45
CA PHE G 63 -12.65 -26.33 -27.10
C PHE G 63 -12.70 -24.81 -27.05
N PRO G 64 -11.61 -24.15 -26.69
CA PRO G 64 -11.66 -22.72 -26.42
C PRO G 64 -11.72 -21.88 -27.69
N TYR G 65 -12.13 -20.64 -27.51
CA TYR G 65 -12.09 -19.65 -28.58
C TYR G 65 -11.58 -18.32 -28.06
N GLU G 66 -11.23 -17.46 -29.02
CA GLU G 66 -10.82 -16.07 -28.69
C GLU G 66 -11.81 -15.16 -29.42
N ASN G 67 -11.41 -13.94 -29.78
CA ASN G 67 -12.33 -12.99 -30.40
C ASN G 67 -13.08 -13.53 -31.60
N GLU G 68 -12.36 -13.92 -32.65
CA GLU G 68 -12.99 -14.49 -33.83
C GLU G 68 -12.28 -15.75 -34.29
N LEU G 69 -11.44 -16.32 -33.45
CA LEU G 69 -10.68 -17.51 -33.77
C LEU G 69 -11.20 -18.68 -32.95
N TYR G 70 -11.35 -19.82 -33.61
CA TYR G 70 -11.87 -21.04 -33.02
C TYR G 70 -10.74 -22.06 -33.04
N TYR G 71 -10.78 -23.00 -32.10
CA TYR G 71 -9.60 -23.79 -31.83
C TYR G 71 -9.99 -25.26 -31.75
N LEU G 72 -9.12 -26.12 -32.24
CA LEU G 72 -9.30 -27.55 -32.07
C LEU G 72 -8.00 -28.15 -31.56
N PRO G 73 -8.02 -29.35 -31.00
CA PRO G 73 -6.80 -29.90 -30.42
C PRO G 73 -5.82 -30.35 -31.49
N LYS G 74 -4.59 -30.55 -31.05
CA LYS G 74 -3.53 -31.02 -31.91
C LYS G 74 -3.72 -32.48 -32.26
N PRO G 75 -3.77 -32.85 -33.53
CA PRO G 75 -3.75 -34.27 -33.87
C PRO G 75 -2.41 -34.85 -33.51
N LEU G 76 -2.44 -36.00 -32.82
CA LEU G 76 -1.22 -36.73 -32.54
C LEU G 76 -0.85 -37.53 -33.80
N ILE G 77 -0.41 -36.79 -34.80
CA ILE G 77 -0.01 -37.36 -36.08
C ILE G 77 1.50 -37.36 -36.15
N LYS G 78 2.05 -38.30 -36.92
CA LYS G 78 3.49 -38.54 -36.96
C LYS G 78 4.07 -37.65 -38.04
N ILE G 79 4.64 -36.52 -37.63
CA ILE G 79 5.29 -35.59 -38.55
C ILE G 79 6.79 -35.87 -38.56
N ASP G 80 7.36 -35.98 -39.77
CA ASP G 80 8.78 -36.27 -39.95
C ASP G 80 9.52 -35.01 -40.35
N SER G 81 10.29 -34.46 -39.42
CA SER G 81 11.21 -33.39 -39.74
C SER G 81 12.53 -33.97 -40.21
N ASN G 86 13.43 -30.10 -34.75
CA ASN G 86 13.25 -29.49 -33.44
C ASN G 86 12.65 -30.48 -32.46
N HIS G 87 11.44 -30.95 -32.74
CA HIS G 87 10.67 -31.81 -31.84
C HIS G 87 10.52 -31.14 -30.48
N LYS G 88 10.64 -29.81 -30.46
CA LYS G 88 10.48 -28.99 -29.26
C LYS G 88 9.31 -28.04 -29.40
N ALA G 89 9.29 -27.23 -30.46
CA ALA G 89 8.26 -26.21 -30.61
C ALA G 89 6.88 -26.82 -30.72
N PHE G 90 6.78 -27.97 -31.38
CA PHE G 90 5.48 -28.64 -31.48
C PHE G 90 5.07 -29.24 -30.15
N LYS G 91 6.03 -29.64 -29.31
CA LYS G 91 5.66 -30.25 -28.04
C LYS G 91 5.00 -29.25 -27.11
N LYS G 92 5.48 -28.01 -27.09
CA LYS G 92 4.90 -27.00 -26.22
C LYS G 92 3.54 -26.51 -26.70
N LEU G 93 3.07 -27.02 -27.83
CA LEU G 93 1.83 -26.56 -28.44
C LEU G 93 0.72 -27.53 -28.13
N LYS G 94 -0.45 -27.02 -27.82
CA LYS G 94 -1.60 -27.85 -27.54
C LYS G 94 -2.70 -27.72 -28.58
N TYR G 95 -3.01 -26.51 -29.02
CA TYR G 95 -4.18 -26.24 -29.86
C TYR G 95 -3.78 -25.50 -31.12
N VAL G 96 -4.51 -25.77 -32.21
CA VAL G 96 -4.24 -25.18 -33.51
C VAL G 96 -5.53 -24.61 -34.06
N PRO G 97 -5.61 -23.31 -34.32
CA PRO G 97 -6.88 -22.71 -34.74
C PRO G 97 -7.37 -23.29 -36.06
N VAL G 98 -8.63 -22.96 -36.38
CA VAL G 98 -9.29 -23.53 -37.55
C VAL G 98 -8.65 -23.05 -38.85
N HIS G 99 -8.11 -21.84 -38.88
CA HIS G 99 -7.51 -21.32 -40.10
C HIS G 99 -6.43 -22.24 -40.61
N HIS G 100 -5.50 -22.65 -39.74
CA HIS G 100 -4.28 -23.32 -40.13
C HIS G 100 -4.33 -24.82 -39.88
N TYR G 101 -5.52 -25.38 -39.68
CA TYR G 101 -5.59 -26.77 -39.26
C TYR G 101 -5.21 -27.72 -40.39
N ASN G 102 -5.77 -27.51 -41.58
CA ASN G 102 -5.38 -28.33 -42.72
C ASN G 102 -3.91 -28.13 -43.07
N GLN G 103 -3.40 -26.91 -42.84
CA GLN G 103 -1.97 -26.69 -43.00
C GLN G 103 -1.17 -27.58 -42.07
N TYR G 104 -1.59 -27.67 -40.81
CA TYR G 104 -0.90 -28.56 -39.87
C TYR G 104 -0.97 -29.99 -40.34
N LEU G 105 -2.14 -30.42 -40.77
CA LEU G 105 -2.28 -31.81 -41.19
C LEU G 105 -1.43 -32.15 -42.40
N ASN G 106 -1.03 -31.14 -43.18
CA ASN G 106 -0.26 -31.35 -44.39
C ASN G 106 1.11 -30.67 -44.33
N GLY G 107 1.64 -30.45 -43.15
CA GLY G 107 3.01 -29.98 -43.01
C GLY G 107 3.27 -28.57 -43.44
N GLU G 108 2.23 -27.77 -43.64
CA GLU G 108 2.41 -26.39 -44.07
C GLU G 108 2.65 -25.44 -42.90
N LEU G 109 3.00 -25.96 -41.72
CA LEU G 109 3.27 -25.15 -40.56
C LEU G 109 4.77 -25.17 -40.26
N SER G 110 5.34 -23.99 -40.07
CA SER G 110 6.77 -23.84 -39.85
C SER G 110 7.04 -23.48 -38.40
N ALA G 111 8.30 -23.68 -38.00
CA ALA G 111 8.66 -23.47 -36.60
C ALA G 111 8.40 -22.04 -36.16
N GLU G 112 8.74 -21.06 -36.98
CA GLU G 112 8.43 -19.68 -36.65
C GLU G 112 6.91 -19.48 -36.57
N ASP G 113 6.16 -20.16 -37.44
CA ASP G 113 4.72 -20.09 -37.36
C ASP G 113 4.22 -20.71 -36.07
N ALA G 114 4.87 -21.80 -35.62
CA ALA G 114 4.50 -22.41 -34.35
C ALA G 114 4.73 -21.46 -33.20
N THR G 115 5.87 -20.77 -33.22
CA THR G 115 6.15 -19.78 -32.19
C THR G 115 5.10 -18.67 -32.21
N ASP G 116 4.73 -18.20 -33.41
CA ASP G 116 3.75 -17.12 -33.49
C ASP G 116 2.39 -17.57 -32.97
N LEU G 117 1.93 -18.75 -33.41
CA LEU G 117 0.64 -19.24 -32.96
C LEU G 117 0.62 -19.41 -31.45
N ASN G 118 1.70 -19.96 -30.89
CA ASN G 118 1.78 -20.03 -29.43
C ASN G 118 1.73 -18.65 -28.81
N ASP G 119 2.40 -17.68 -29.44
CA ASP G 119 2.41 -16.33 -28.89
C ASP G 119 1.02 -15.72 -28.83
N ILE G 120 0.16 -16.04 -29.81
CA ILE G 120 -1.15 -15.42 -29.89
C ILE G 120 -2.17 -16.10 -28.97
N PHE G 121 -1.77 -17.15 -28.25
CA PHE G 121 -2.71 -18.07 -27.62
C PHE G 121 -3.11 -17.61 -26.22
N ASN G 122 -3.06 -16.32 -25.94
CA ASN G 122 -3.47 -15.80 -24.64
C ASN G 122 -4.98 -15.75 -24.59
N ILE G 123 -5.60 -16.77 -23.99
CA ILE G 123 -7.05 -16.89 -24.00
C ILE G 123 -7.60 -17.10 -22.59
N GLY G 124 -6.84 -16.73 -21.59
CA GLY G 124 -7.27 -16.83 -20.21
C GLY G 124 -6.09 -17.02 -19.29
N TYR G 125 -6.31 -16.77 -18.00
CA TYR G 125 -5.26 -16.88 -17.02
C TYR G 125 -5.78 -17.60 -15.79
N PHE G 126 -4.85 -18.13 -15.01
CA PHE G 126 -5.14 -19.02 -13.88
C PHE G 126 -4.97 -18.26 -12.57
N SER G 127 -5.60 -18.77 -11.52
CA SER G 127 -5.52 -18.10 -10.23
C SER G 127 -5.91 -19.06 -9.12
N LEU G 128 -5.39 -18.81 -7.92
CA LEU G 128 -5.81 -19.47 -6.71
C LEU G 128 -6.39 -18.43 -5.75
N GLN G 129 -7.67 -18.62 -5.40
CA GLN G 129 -8.34 -17.71 -4.45
C GLN G 129 -8.37 -18.39 -3.08
N THR G 130 -7.95 -17.69 -2.03
CA THR G 130 -7.91 -18.25 -0.70
C THR G 130 -9.26 -18.07 0.00
N LYS G 131 -9.59 -19.01 0.86
CA LYS G 131 -10.84 -18.98 1.60
C LYS G 131 -10.64 -19.62 2.96
N VAL G 132 -11.53 -19.28 3.90
CA VAL G 132 -11.48 -19.81 5.25
C VAL G 132 -12.83 -20.41 5.59
N SER G 133 -12.83 -21.31 6.56
CA SER G 133 -14.02 -22.07 6.93
C SER G 133 -14.21 -21.95 8.44
N LEU G 134 -15.17 -21.11 8.85
CA LEU G 134 -15.39 -20.84 10.26
C LEU G 134 -16.65 -21.50 10.79
N ILE G 135 -17.08 -22.60 10.17
CA ILE G 135 -18.12 -23.42 10.75
C ILE G 135 -17.62 -24.25 11.92
N ALA G 136 -16.31 -24.30 12.13
CA ALA G 136 -15.73 -25.16 13.14
C ALA G 136 -15.91 -24.54 14.53
N GLN G 137 -15.19 -25.09 15.50
CA GLN G 137 -15.31 -24.66 16.90
C GLN G 137 -15.00 -23.18 17.10
N GLU G 138 -14.55 -22.48 16.07
CA GLU G 138 -14.53 -21.02 16.17
C GLU G 138 -15.91 -20.49 16.48
N THR G 139 -16.95 -21.22 16.08
CA THR G 139 -18.28 -20.98 16.62
C THR G 139 -18.32 -21.22 18.12
N ASP G 140 -17.63 -22.27 18.59
CA ASP G 140 -17.76 -22.73 19.97
C ASP G 140 -16.73 -22.07 20.90
N SER G 141 -15.45 -22.27 20.62
CA SER G 141 -14.40 -21.83 21.54
C SER G 141 -13.11 -21.64 20.74
N SER G 142 -12.04 -21.30 21.45
CA SER G 142 -10.75 -21.06 20.80
C SER G 142 -10.39 -22.25 19.92
N ALA G 143 -10.37 -22.03 18.60
CA ALA G 143 -10.11 -23.08 17.65
C ALA G 143 -9.70 -22.43 16.33
N ASP G 144 -8.62 -22.93 15.75
CA ASP G 144 -8.05 -22.29 14.58
C ASP G 144 -9.02 -22.34 13.41
N SER G 145 -8.92 -21.34 12.55
CA SER G 145 -9.59 -21.42 11.27
C SER G 145 -8.86 -22.43 10.38
N GLU G 146 -9.56 -22.91 9.36
CA GLU G 146 -9.04 -23.95 8.47
C GLU G 146 -9.06 -23.42 7.06
N PRO G 147 -8.07 -22.62 6.67
CA PRO G 147 -8.06 -22.09 5.32
C PRO G 147 -7.97 -23.19 4.28
N TYR G 148 -8.69 -23.01 3.18
CA TYR G 148 -8.61 -23.90 2.04
C TYR G 148 -8.48 -23.07 0.78
N SER G 149 -8.15 -23.73 -0.31
CA SER G 149 -7.87 -23.05 -1.57
C SER G 149 -8.72 -23.62 -2.69
N VAL G 150 -9.05 -22.76 -3.64
CA VAL G 150 -9.78 -23.16 -4.84
C VAL G 150 -9.02 -22.67 -6.06
N GLY G 151 -9.15 -23.40 -7.15
CA GLY G 151 -8.48 -23.08 -8.39
C GLY G 151 -9.49 -22.62 -9.42
N THR G 152 -9.18 -21.49 -10.06
CA THR G 152 -10.14 -20.83 -10.92
C THR G 152 -9.48 -20.42 -12.22
N PHE G 153 -10.30 -20.21 -13.23
CA PHE G 153 -9.85 -19.71 -14.52
C PHE G 153 -10.77 -18.59 -14.95
N THR G 154 -10.20 -17.53 -15.50
CA THR G 154 -10.97 -16.40 -15.96
C THR G 154 -10.65 -16.10 -17.42
N PHE G 155 -11.68 -15.87 -18.22
CA PHE G 155 -11.49 -15.59 -19.63
C PHE G 155 -11.55 -14.09 -19.91
N GLU G 156 -10.75 -13.67 -20.88
CA GLU G 156 -10.78 -12.28 -21.32
C GLU G 156 -12.09 -12.00 -22.04
N PRO G 157 -12.48 -10.73 -22.15
CA PRO G 157 -13.88 -10.42 -22.51
C PRO G 157 -14.34 -11.00 -23.84
N GLU G 158 -13.49 -11.67 -24.59
CA GLU G 158 -13.93 -12.28 -25.85
C GLU G 158 -13.44 -13.72 -25.97
N ALA G 159 -13.41 -14.45 -24.87
CA ALA G 159 -13.04 -15.86 -24.88
C ALA G 159 -14.20 -16.71 -24.38
N GLY G 160 -13.98 -18.02 -24.33
CA GLY G 160 -14.99 -18.94 -23.87
C GLY G 160 -14.67 -20.35 -24.34
N LEU G 161 -15.71 -21.18 -24.36
CA LEU G 161 -15.61 -22.53 -24.88
C LEU G 161 -16.75 -22.79 -25.85
N TYR G 162 -16.55 -23.81 -26.68
CA TYR G 162 -17.59 -24.14 -27.69
C TYR G 162 -17.77 -25.65 -27.85
N PHE G 163 -18.96 -26.08 -28.25
CA PHE G 163 -19.33 -27.47 -28.39
C PHE G 163 -19.45 -27.79 -29.87
N ILE G 164 -19.52 -29.07 -30.19
CA ILE G 164 -20.01 -29.52 -31.49
C ILE G 164 -20.91 -30.72 -31.22
N ALA G 165 -22.15 -30.63 -31.66
CA ALA G 165 -23.14 -31.67 -31.38
C ALA G 165 -23.80 -32.08 -32.68
N LYS G 166 -24.22 -33.34 -32.75
CA LYS G 166 -24.90 -33.79 -33.94
C LYS G 166 -25.90 -34.88 -33.58
N GLY G 167 -26.90 -35.01 -34.44
CA GLY G 167 -27.99 -35.92 -34.19
C GLY G 167 -29.18 -35.51 -35.04
N SER G 168 -30.32 -36.12 -34.74
CA SER G 168 -31.53 -35.75 -35.45
C SER G 168 -31.91 -34.31 -35.09
N GLU G 169 -32.83 -33.75 -35.86
CA GLU G 169 -33.28 -32.40 -35.54
C GLU G 169 -34.03 -32.36 -34.23
N GLU G 170 -34.83 -33.38 -33.94
CA GLU G 170 -35.57 -33.41 -32.69
C GLU G 170 -34.62 -33.47 -31.49
N THR G 171 -33.57 -34.27 -31.61
CA THR G 171 -32.59 -34.35 -30.54
C THR G 171 -31.94 -33.00 -30.30
N LEU G 172 -31.69 -32.25 -31.37
CA LEU G 172 -31.06 -30.95 -31.20
C LEU G 172 -32.03 -29.92 -30.62
N ASP G 173 -33.32 -30.03 -30.94
CA ASP G 173 -34.29 -29.16 -30.29
C ASP G 173 -34.34 -29.42 -28.77
N HIS G 174 -34.37 -30.69 -28.39
CA HIS G 174 -34.32 -31.03 -26.96
C HIS G 174 -33.03 -30.51 -26.34
N LEU G 175 -31.91 -30.64 -27.04
CA LEU G 175 -30.65 -30.16 -26.50
C LEU G 175 -30.71 -28.65 -26.28
N ASN G 176 -31.37 -27.94 -27.19
CA ASN G 176 -31.53 -26.50 -27.00
C ASN G 176 -32.32 -26.21 -25.74
N ASN G 177 -33.43 -26.92 -25.52
CA ASN G 177 -34.22 -26.67 -24.33
C ASN G 177 -33.40 -26.93 -23.07
N ILE G 178 -32.67 -28.05 -23.04
CA ILE G 178 -31.90 -28.38 -21.85
C ILE G 178 -30.79 -27.36 -21.63
N MET G 179 -30.17 -26.89 -22.71
CA MET G 179 -29.11 -25.90 -22.57
C MET G 179 -29.65 -24.59 -22.01
N THR G 180 -30.84 -24.20 -22.46
CA THR G 180 -31.48 -23.04 -21.85
C THR G 180 -31.69 -23.26 -20.36
N ALA G 181 -32.06 -24.47 -19.97
CA ALA G 181 -32.20 -24.75 -18.55
C ALA G 181 -30.86 -24.62 -17.84
N LEU G 182 -29.80 -25.06 -18.49
CA LEU G 182 -28.48 -25.19 -17.88
C LEU G 182 -27.75 -23.87 -17.74
N GLN G 183 -28.04 -22.90 -18.60
CA GLN G 183 -27.25 -21.67 -18.57
C GLN G 183 -27.33 -20.95 -17.24
N TYR G 184 -28.37 -21.20 -16.45
CA TYR G 184 -28.51 -20.58 -15.14
C TYR G 184 -28.09 -21.49 -14.01
N SER G 185 -27.92 -22.77 -14.27
CA SER G 185 -27.11 -23.62 -13.41
C SER G 185 -25.65 -23.40 -13.82
N GLY G 186 -24.73 -24.19 -13.29
CA GLY G 186 -23.34 -24.08 -13.62
C GLY G 186 -22.86 -25.19 -14.53
N LEU G 187 -21.55 -25.15 -14.81
CA LEU G 187 -20.93 -26.23 -15.55
C LEU G 187 -19.60 -26.62 -14.94
N GLY G 188 -19.40 -26.38 -13.66
CA GLY G 188 -18.09 -26.63 -13.11
C GLY G 188 -18.09 -27.31 -11.75
N GLY G 189 -17.26 -26.78 -10.86
CA GLY G 189 -17.11 -27.31 -9.53
C GLY G 189 -17.96 -26.52 -8.57
N LYS G 190 -17.36 -25.59 -7.83
CA LYS G 190 -18.07 -24.92 -6.76
C LYS G 190 -19.13 -24.01 -7.35
N ARG G 191 -20.12 -24.59 -8.00
CA ARG G 191 -21.18 -23.81 -8.63
C ARG G 191 -21.94 -23.00 -7.60
N ASN G 192 -22.33 -23.65 -6.50
CA ASN G 192 -23.19 -23.00 -5.52
C ASN G 192 -22.48 -21.92 -4.74
N ALA G 193 -21.16 -21.85 -4.81
CA ALA G 193 -20.40 -20.84 -4.09
C ALA G 193 -20.08 -19.63 -4.95
N GLY G 194 -20.54 -19.59 -6.19
CA GLY G 194 -20.41 -18.41 -7.01
C GLY G 194 -19.55 -18.54 -8.24
N TYR G 195 -19.34 -19.74 -8.75
CA TYR G 195 -18.49 -19.96 -9.90
C TYR G 195 -19.26 -20.65 -11.01
N GLY G 196 -19.13 -20.14 -12.22
CA GLY G 196 -19.48 -20.91 -13.39
C GLY G 196 -20.89 -20.78 -13.94
N GLN G 197 -21.38 -19.57 -14.14
CA GLN G 197 -22.59 -19.39 -14.94
C GLN G 197 -22.22 -18.88 -16.33
N PHE G 198 -23.16 -19.00 -17.27
CA PHE G 198 -22.81 -18.72 -18.65
C PHE G 198 -24.04 -18.35 -19.47
N GLU G 199 -23.78 -17.65 -20.56
CA GLU G 199 -24.77 -17.36 -21.59
C GLU G 199 -24.25 -17.89 -22.92
N TYR G 200 -25.15 -18.51 -23.69
CA TYR G 200 -24.73 -19.26 -24.87
C TYR G 200 -25.38 -18.70 -26.11
N GLU G 201 -24.69 -18.86 -27.23
CA GLU G 201 -25.17 -18.43 -28.53
C GLU G 201 -24.84 -19.48 -29.57
N ILE G 202 -25.77 -19.71 -30.49
CA ILE G 202 -25.62 -20.71 -31.53
C ILE G 202 -25.27 -19.99 -32.82
N ILE G 203 -24.06 -20.20 -33.31
CA ILE G 203 -23.59 -19.58 -34.55
C ILE G 203 -23.08 -20.65 -35.48
N ASN G 204 -23.31 -20.45 -36.77
CA ASN G 204 -22.92 -21.38 -37.83
C ASN G 204 -21.72 -20.83 -38.60
N ASN G 205 -20.54 -21.39 -38.32
CA ASN G 205 -19.30 -20.95 -38.90
C ASN G 205 -18.98 -21.81 -40.11
N GLN G 206 -18.83 -21.16 -41.27
CA GLN G 206 -18.68 -21.89 -42.51
C GLN G 206 -17.45 -22.76 -42.49
N GLN G 207 -16.35 -22.24 -41.97
CA GLN G 207 -15.07 -22.94 -42.05
C GLN G 207 -15.08 -24.19 -41.20
N LEU G 208 -15.60 -24.10 -39.97
CA LEU G 208 -15.66 -25.28 -39.11
C LEU G 208 -16.55 -26.36 -39.73
N SER G 209 -17.64 -25.94 -40.36
CA SER G 209 -18.49 -26.90 -41.07
C SER G 209 -17.71 -27.60 -42.17
N LYS G 210 -16.96 -26.83 -42.97
CA LYS G 210 -16.16 -27.43 -44.02
C LYS G 210 -15.18 -28.45 -43.45
N LEU G 211 -14.50 -28.08 -42.37
CA LEU G 211 -13.55 -29.00 -41.74
C LEU G 211 -14.24 -30.27 -41.26
N LEU G 212 -15.43 -30.13 -40.69
CA LEU G 212 -16.13 -31.31 -40.17
C LEU G 212 -16.63 -32.21 -41.28
N ASN G 213 -16.91 -31.67 -42.47
CA ASN G 213 -17.55 -32.43 -43.53
C ASN G 213 -16.59 -32.81 -44.66
N GLN G 214 -15.37 -33.21 -44.32
CA GLN G 214 -14.45 -33.72 -45.33
C GLN G 214 -14.61 -35.23 -45.46
N ASN G 215 -13.71 -35.86 -46.20
CA ASN G 215 -13.63 -37.31 -46.33
C ASN G 215 -12.17 -37.69 -46.51
N GLY G 216 -11.69 -38.62 -45.69
CA GLY G 216 -10.29 -39.01 -45.74
C GLY G 216 -10.04 -40.45 -45.37
N LYS G 217 -8.80 -40.76 -44.99
CA LYS G 217 -8.40 -42.10 -44.59
C LYS G 217 -8.11 -42.23 -43.11
N HIS G 218 -7.54 -41.21 -42.49
CA HIS G 218 -7.30 -41.21 -41.06
C HIS G 218 -8.55 -40.73 -40.34
N SER G 219 -8.45 -40.61 -39.02
CA SER G 219 -9.52 -40.04 -38.22
C SER G 219 -8.91 -39.41 -36.98
N ILE G 220 -9.42 -38.24 -36.60
CA ILE G 220 -8.94 -37.51 -35.44
C ILE G 220 -10.05 -37.54 -34.41
N LEU G 221 -9.81 -38.18 -33.28
CA LEU G 221 -10.83 -38.32 -32.26
C LEU G 221 -10.93 -37.03 -31.46
N LEU G 222 -12.09 -36.37 -31.53
CA LEU G 222 -12.29 -35.06 -30.95
C LEU G 222 -12.92 -35.12 -29.57
N SER G 223 -13.31 -36.30 -29.12
CA SER G 223 -13.92 -36.43 -27.81
C SER G 223 -13.17 -37.50 -27.04
N THR G 224 -13.72 -37.95 -25.93
CA THR G 224 -13.11 -39.04 -25.17
C THR G 224 -13.99 -40.27 -25.37
N ALA G 225 -13.39 -41.33 -25.90
CA ALA G 225 -14.15 -42.52 -26.26
C ALA G 225 -13.43 -43.76 -25.72
N MET G 226 -14.17 -44.85 -25.69
CA MET G 226 -13.61 -46.17 -25.41
C MET G 226 -14.44 -47.19 -26.18
N ALA G 227 -13.78 -47.97 -27.03
CA ALA G 227 -14.49 -48.94 -27.84
C ALA G 227 -15.12 -50.01 -26.95
N LYS G 228 -16.21 -50.57 -27.43
CA LYS G 228 -16.84 -51.67 -26.71
C LYS G 228 -15.91 -52.89 -26.72
N LYS G 229 -16.32 -53.91 -25.98
CA LYS G 229 -15.46 -55.07 -25.79
C LYS G 229 -15.12 -55.74 -27.11
N GLU G 230 -16.09 -55.86 -28.00
CA GLU G 230 -15.96 -56.70 -29.17
C GLU G 230 -15.43 -55.96 -30.40
N GLU G 231 -14.96 -54.74 -30.27
CA GLU G 231 -14.40 -54.03 -31.40
C GLU G 231 -12.99 -53.51 -31.17
N ILE G 232 -12.49 -53.59 -29.94
CA ILE G 232 -11.22 -52.96 -29.62
C ILE G 232 -10.06 -53.61 -30.36
N GLU G 233 -10.12 -54.93 -30.57
CA GLU G 233 -9.00 -55.63 -31.18
C GLU G 233 -8.73 -55.11 -32.59
N SER G 234 -9.77 -54.90 -33.37
CA SER G 234 -9.61 -54.33 -34.70
C SER G 234 -9.57 -52.82 -34.68
N ALA G 235 -9.94 -52.20 -33.56
CA ALA G 235 -9.88 -50.75 -33.49
C ALA G 235 -8.46 -50.23 -33.33
N LEU G 236 -7.60 -50.99 -32.65
CA LEU G 236 -6.28 -50.50 -32.27
C LEU G 236 -5.19 -50.95 -33.24
N LYS G 237 -5.53 -51.16 -34.52
CA LYS G 237 -4.57 -51.73 -35.45
C LYS G 237 -3.39 -50.81 -35.69
N GLU G 238 -3.65 -49.55 -36.06
CA GLU G 238 -2.60 -48.56 -36.23
C GLU G 238 -3.09 -47.26 -35.64
N ALA G 239 -2.57 -46.87 -34.47
CA ALA G 239 -3.12 -45.74 -33.77
C ALA G 239 -2.04 -45.05 -32.94
N ARG G 240 -2.31 -43.79 -32.60
CA ARG G 240 -1.45 -42.99 -31.74
C ARG G 240 -2.35 -42.32 -30.72
N TYR G 241 -2.17 -42.64 -29.44
CA TYR G 241 -3.19 -42.30 -28.47
C TYR G 241 -2.62 -42.14 -27.07
N ILE G 242 -3.37 -41.42 -26.24
CA ILE G 242 -3.05 -41.21 -24.84
C ILE G 242 -4.27 -41.59 -24.02
N LEU G 243 -4.06 -42.39 -22.98
CA LEU G 243 -5.12 -42.78 -22.07
C LEU G 243 -5.11 -41.90 -20.83
N THR G 244 -6.28 -41.68 -20.25
CA THR G 244 -6.40 -40.82 -19.08
C THR G 244 -7.33 -41.48 -18.06
N LYS G 245 -6.80 -41.78 -16.87
CA LYS G 245 -7.65 -42.19 -15.77
C LYS G 245 -8.63 -41.09 -15.42
N ARG G 246 -9.91 -41.35 -15.71
CA ARG G 246 -10.98 -40.37 -15.40
C ARG G 246 -11.76 -40.86 -14.18
N SER G 247 -11.72 -40.11 -13.08
CA SER G 247 -12.39 -40.52 -11.85
C SER G 247 -13.31 -39.43 -11.32
N GLY G 248 -13.86 -39.63 -10.12
CA GLY G 248 -14.75 -38.66 -9.52
C GLY G 248 -15.87 -39.29 -8.70
N PHE G 249 -16.54 -38.49 -7.87
CA PHE G 249 -17.61 -39.00 -7.03
C PHE G 249 -18.94 -38.86 -7.77
N VAL G 250 -20.04 -39.14 -7.08
CA VAL G 250 -21.36 -39.12 -7.70
C VAL G 250 -22.30 -38.31 -6.83
N GLN G 251 -23.38 -37.81 -7.45
CA GLN G 251 -24.32 -36.92 -6.79
C GLN G 251 -25.65 -37.63 -6.54
N SER G 252 -25.98 -37.87 -5.26
CA SER G 252 -27.22 -38.50 -4.82
C SER G 252 -27.39 -39.92 -5.36
N THR G 253 -26.51 -40.80 -4.91
CA THR G 253 -26.61 -42.24 -5.16
C THR G 253 -26.88 -43.04 -3.89
N ASN G 254 -26.07 -42.86 -2.86
CA ASN G 254 -26.25 -43.59 -1.61
C ASN G 254 -26.12 -42.64 -0.43
N TYR G 255 -26.00 -43.18 0.78
CA TYR G 255 -26.05 -42.33 1.97
C TYR G 255 -24.82 -41.43 2.06
N SER G 256 -23.63 -42.01 2.03
CA SER G 256 -22.41 -41.24 2.21
C SER G 256 -21.83 -40.88 0.85
N GLU G 257 -21.64 -39.58 0.61
CA GLU G 257 -20.90 -39.15 -0.57
C GLU G 257 -19.47 -39.66 -0.51
N MET G 258 -18.83 -39.56 0.65
CA MET G 258 -17.45 -40.00 0.78
C MET G 258 -17.30 -41.49 0.53
N LEU G 259 -18.36 -42.26 0.80
CA LEU G 259 -18.31 -43.73 0.62
C LEU G 259 -18.70 -44.12 -0.82
N VAL G 260 -19.19 -43.17 -1.61
CA VAL G 260 -19.51 -43.44 -3.01
C VAL G 260 -18.53 -42.71 -3.91
N LYS G 261 -17.98 -43.44 -4.88
CA LYS G 261 -16.94 -42.96 -5.75
C LYS G 261 -16.93 -43.85 -6.98
N LYS G 262 -17.04 -43.26 -8.17
CA LYS G 262 -17.13 -44.06 -9.36
C LYS G 262 -15.87 -44.91 -9.51
N SER G 263 -16.05 -46.12 -10.02
CA SER G 263 -14.89 -46.90 -10.39
C SER G 263 -14.11 -46.16 -11.46
N ASP G 264 -12.79 -46.23 -11.39
CA ASP G 264 -11.97 -45.51 -12.32
C ASP G 264 -12.22 -46.01 -13.74
N PHE G 265 -12.20 -45.09 -14.70
CA PHE G 265 -12.39 -45.45 -16.09
C PHE G 265 -11.32 -44.81 -16.96
N TYR G 266 -10.80 -45.58 -17.88
CA TYR G 266 -9.81 -45.12 -18.84
C TYR G 266 -10.44 -44.97 -20.21
N SER G 267 -10.12 -43.88 -20.88
CA SER G 267 -10.60 -43.64 -22.22
C SER G 267 -9.53 -42.92 -23.02
N PHE G 268 -9.60 -43.06 -24.33
CA PHE G 268 -8.67 -42.35 -25.19
C PHE G 268 -8.89 -40.85 -25.07
N SER G 269 -7.84 -40.09 -25.32
CA SER G 269 -7.87 -38.65 -25.12
C SER G 269 -8.57 -37.99 -26.30
N SER G 270 -8.49 -36.67 -26.38
CA SER G 270 -9.22 -35.91 -27.38
C SER G 270 -8.34 -35.49 -28.55
N GLY G 271 -7.31 -36.27 -28.87
CA GLY G 271 -6.49 -35.98 -30.03
C GLY G 271 -6.01 -37.21 -30.78
N SER G 272 -6.44 -38.38 -30.33
CA SER G 272 -5.91 -39.63 -30.87
C SER G 272 -6.31 -39.82 -32.33
N VAL G 273 -5.50 -40.59 -33.05
CA VAL G 273 -5.69 -40.84 -34.48
C VAL G 273 -5.85 -42.34 -34.70
N PHE G 274 -6.82 -42.70 -35.54
CA PHE G 274 -7.18 -44.09 -35.75
C PHE G 274 -7.34 -44.37 -37.24
N LYS G 275 -7.20 -45.64 -37.62
CA LYS G 275 -7.50 -46.14 -38.96
C LYS G 275 -8.92 -46.66 -39.10
N ASN G 276 -9.35 -47.50 -38.17
CA ASN G 276 -10.66 -48.11 -38.22
C ASN G 276 -11.57 -47.48 -37.19
N ILE G 277 -12.70 -46.94 -37.64
CA ILE G 277 -13.64 -46.29 -36.74
C ILE G 277 -14.26 -47.32 -35.80
N PHE G 278 -14.57 -46.87 -34.59
CA PHE G 278 -15.38 -47.63 -33.65
C PHE G 278 -16.48 -46.75 -33.11
N ASN G 279 -17.67 -47.31 -32.95
CA ASN G 279 -18.70 -46.63 -32.20
C ASN G 279 -18.50 -46.91 -30.73
N GLY G 280 -18.99 -45.99 -29.90
CA GLY G 280 -18.76 -46.12 -28.48
C GLY G 280 -19.98 -46.63 -27.75
N ASP G 281 -20.07 -46.33 -26.46
CA ASP G 281 -21.22 -46.71 -25.65
C ASP G 281 -21.16 -45.92 -24.36
N ILE G 282 -22.33 -45.73 -23.75
CA ILE G 282 -22.43 -45.07 -22.45
C ILE G 282 -22.24 -46.14 -21.39
N PHE G 283 -21.08 -46.15 -20.77
CA PHE G 283 -20.67 -47.23 -19.91
C PHE G 283 -21.04 -46.94 -18.47
N ASN G 284 -21.57 -47.94 -17.78
CA ASN G 284 -21.82 -47.77 -16.36
C ASN G 284 -20.51 -47.83 -15.58
N VAL G 285 -20.39 -46.96 -14.59
CA VAL G 285 -19.30 -47.04 -13.64
C VAL G 285 -19.95 -47.33 -12.30
N GLY G 286 -21.09 -48.01 -12.36
CA GLY G 286 -21.95 -48.15 -11.20
C GLY G 286 -21.75 -49.44 -10.45
N HIS G 287 -21.94 -49.34 -9.14
CA HIS G 287 -21.94 -50.47 -8.21
C HIS G 287 -22.36 -49.93 -6.87
N ASN G 288 -23.02 -50.77 -6.06
CA ASN G 288 -23.39 -50.38 -4.70
C ASN G 288 -24.24 -49.12 -4.68
N GLY G 289 -25.18 -49.01 -5.62
CA GLY G 289 -25.98 -47.81 -5.76
C GLY G 289 -27.44 -48.12 -5.98
N LYS G 290 -28.25 -47.07 -5.88
CA LYS G 290 -29.69 -47.17 -6.09
C LYS G 290 -30.13 -46.87 -7.50
N HIS G 291 -29.30 -46.23 -8.31
CA HIS G 291 -29.59 -45.96 -9.69
C HIS G 291 -28.31 -46.10 -10.50
N PRO G 292 -28.42 -46.40 -11.79
CA PRO G 292 -27.21 -46.47 -12.62
C PRO G 292 -26.59 -45.10 -12.77
N VAL G 293 -25.26 -45.09 -12.81
CA VAL G 293 -24.49 -43.89 -13.03
C VAL G 293 -23.73 -44.05 -14.34
N TYR G 294 -23.89 -43.08 -15.23
CA TYR G 294 -23.41 -43.19 -16.60
C TYR G 294 -22.13 -42.41 -16.80
N ARG G 295 -21.22 -42.98 -17.58
CA ARG G 295 -20.08 -42.27 -18.14
C ARG G 295 -20.18 -42.30 -19.65
N TYR G 296 -19.68 -41.27 -20.29
CA TYR G 296 -19.85 -41.09 -21.73
C TYR G 296 -18.59 -41.50 -22.47
N ALA G 297 -18.77 -42.32 -23.50
CA ALA G 297 -17.67 -42.65 -24.40
C ALA G 297 -18.29 -42.89 -25.78
N LYS G 298 -18.30 -41.85 -26.59
CA LYS G 298 -18.78 -41.93 -27.96
C LYS G 298 -17.94 -40.91 -28.71
N PRO G 299 -17.38 -41.29 -29.84
CA PRO G 299 -16.47 -40.39 -30.54
C PRO G 299 -17.20 -39.43 -31.46
N LEU G 300 -16.62 -38.26 -31.63
CA LEU G 300 -16.97 -37.37 -32.73
C LEU G 300 -15.75 -37.31 -33.63
N TRP G 301 -15.86 -37.90 -34.81
CA TRP G 301 -14.72 -38.07 -35.69
C TRP G 301 -14.56 -36.90 -36.64
N LEU G 302 -13.31 -36.54 -36.90
CA LEU G 302 -12.97 -35.55 -37.91
C LEU G 302 -12.13 -36.25 -38.96
N GLU G 303 -12.65 -36.29 -40.19
CA GLU G 303 -12.17 -37.24 -41.19
C GLU G 303 -11.26 -36.52 -42.18
N VAL G 304 -9.98 -36.45 -41.82
CA VAL G 304 -8.93 -36.02 -42.74
C VAL G 304 -7.58 -36.28 -42.09
N MET H 1 -21.41 39.95 -10.99
CA MET H 1 -21.58 41.39 -11.16
C MET H 1 -20.23 42.01 -11.47
N THR H 2 -19.48 42.33 -10.41
CA THR H 2 -18.12 42.84 -10.52
C THR H 2 -18.04 44.06 -11.44
N PHE H 3 -19.03 44.94 -11.35
CA PHE H 3 -18.85 46.25 -11.95
C PHE H 3 -17.64 46.96 -11.40
N ALA H 4 -17.24 46.64 -10.17
CA ALA H 4 -16.01 47.16 -9.60
C ALA H 4 -14.83 46.95 -10.54
N HIS H 5 -14.78 45.79 -11.17
CA HIS H 5 -13.68 45.41 -12.02
C HIS H 5 -13.49 46.39 -13.17
N GLU H 6 -14.52 46.55 -13.98
CA GLU H 6 -14.42 47.41 -15.14
C GLU H 6 -14.47 48.89 -14.75
N VAL H 7 -15.11 49.21 -13.63
CA VAL H 7 -15.06 50.60 -13.15
C VAL H 7 -13.64 51.00 -12.77
N VAL H 8 -12.94 50.12 -12.05
CA VAL H 8 -11.58 50.44 -11.65
C VAL H 8 -10.69 50.62 -12.87
N LYS H 9 -10.87 49.77 -13.88
CA LYS H 9 -10.15 50.10 -15.12
C LYS H 9 -10.73 51.29 -15.88
N SER H 10 -11.96 51.72 -15.61
CA SER H 10 -12.43 52.94 -16.25
C SER H 10 -11.87 54.19 -15.59
N ASN H 11 -11.40 54.09 -14.35
CA ASN H 11 -10.92 55.26 -13.62
C ASN H 11 -9.41 55.42 -13.66
N VAL H 12 -8.71 54.73 -14.55
CA VAL H 12 -7.27 54.93 -14.71
C VAL H 12 -7.07 56.00 -15.78
N LYS H 13 -6.64 57.18 -15.35
CA LYS H 13 -6.50 58.33 -16.24
C LYS H 13 -5.04 58.80 -16.28
N ASN H 14 -4.82 59.90 -16.96
CA ASN H 14 -3.49 60.51 -17.06
C ASN H 14 -3.55 62.02 -16.83
N GLN H 24 -0.08 59.63 -14.14
CA GLN H 24 -1.26 58.82 -13.84
C GLN H 24 -1.84 59.16 -12.48
N VAL H 25 -3.16 59.34 -12.43
CA VAL H 25 -3.87 59.55 -11.18
C VAL H 25 -5.00 58.52 -11.09
N LEU H 26 -5.36 58.18 -9.85
CA LEU H 26 -6.43 57.22 -9.58
C LEU H 26 -7.55 57.96 -8.88
N PHE H 27 -8.70 58.05 -9.56
CA PHE H 27 -9.85 58.79 -9.03
C PHE H 27 -9.43 60.21 -8.68
N ASN H 28 -8.54 60.77 -9.49
CA ASN H 28 -7.83 62.01 -9.17
C ASN H 28 -7.09 61.86 -7.84
N GLY H 29 -6.25 60.83 -7.77
CA GLY H 29 -5.32 60.68 -6.67
C GLY H 29 -5.81 59.97 -5.43
N LEU H 30 -6.71 59.00 -5.57
CA LEU H 30 -7.16 58.25 -4.41
C LEU H 30 -6.07 57.28 -3.95
N THR H 31 -5.94 57.14 -2.63
CA THR H 31 -4.94 56.26 -2.04
C THR H 31 -5.58 55.43 -0.94
N THR H 32 -4.93 54.30 -0.63
CA THR H 32 -5.52 53.37 0.33
C THR H 32 -5.53 53.92 1.74
N SER H 33 -4.62 54.83 2.06
CA SER H 33 -4.62 55.45 3.39
C SER H 33 -5.87 56.28 3.61
N LYS H 34 -6.55 56.67 2.53
CA LYS H 34 -7.68 57.58 2.62
C LYS H 34 -9.00 56.88 2.87
N LEU H 35 -9.01 55.55 2.99
CA LEU H 35 -10.23 54.79 3.23
C LEU H 35 -10.15 53.94 4.49
N ARG H 36 -9.16 54.18 5.36
CA ARG H 36 -8.95 53.33 6.53
C ARG H 36 -10.17 53.34 7.44
N ASN H 37 -10.70 54.53 7.74
CA ASN H 37 -11.82 54.63 8.67
C ASN H 37 -13.04 53.92 8.13
N LEU H 38 -13.31 54.11 6.83
CA LEU H 38 -14.45 53.44 6.23
C LEU H 38 -14.28 51.94 6.28
N MET H 39 -13.07 51.45 6.01
CA MET H 39 -12.84 50.00 6.09
C MET H 39 -13.08 49.49 7.50
N GLU H 40 -12.59 50.22 8.50
CA GLU H 40 -12.79 49.79 9.88
C GLU H 40 -14.27 49.72 10.23
N GLN H 41 -15.02 50.76 9.89
CA GLN H 41 -16.44 50.78 10.23
C GLN H 41 -17.18 49.65 9.53
N VAL H 42 -16.88 49.42 8.25
CA VAL H 42 -17.53 48.35 7.52
C VAL H 42 -17.20 47.00 8.14
N ASN H 43 -15.95 46.82 8.57
CA ASN H 43 -15.56 45.54 9.18
C ASN H 43 -16.32 45.31 10.47
N ARG H 44 -16.45 46.35 11.30
CA ARG H 44 -17.16 46.17 12.56
C ARG H 44 -18.62 45.84 12.32
N LEU H 45 -19.26 46.53 11.36
CA LEU H 45 -20.64 46.19 11.04
C LEU H 45 -20.73 44.78 10.49
N TYR H 46 -19.73 44.37 9.72
CA TYR H 46 -19.66 42.99 9.23
C TYR H 46 -19.71 41.99 10.38
N THR H 47 -18.84 42.16 11.36
CA THR H 47 -18.78 41.17 12.44
C THR H 47 -20.04 41.21 13.29
N ILE H 48 -20.59 42.39 13.54
CA ILE H 48 -21.80 42.48 14.34
C ILE H 48 -22.96 41.78 13.62
N ALA H 49 -23.12 42.07 12.33
CA ALA H 49 -24.21 41.44 11.58
C ALA H 49 -24.01 39.94 11.47
N PHE H 50 -22.76 39.49 11.36
CA PHE H 50 -22.48 38.07 11.33
C PHE H 50 -22.91 37.41 12.63
N ASN H 51 -22.66 38.08 13.75
CA ASN H 51 -23.11 37.55 15.03
C ASN H 51 -24.63 37.38 15.09
N SER H 52 -25.37 38.16 14.31
CA SER H 52 -26.82 38.10 14.36
C SER H 52 -27.33 36.79 13.77
N ASN H 53 -28.46 36.32 14.28
CA ASN H 53 -29.05 35.07 13.80
C ASN H 53 -30.05 35.32 12.68
N GLU H 54 -31.07 36.14 12.95
CA GLU H 54 -32.18 36.32 12.03
C GLU H 54 -31.77 37.21 10.85
N ASP H 55 -32.59 37.15 9.80
CA ASP H 55 -32.36 38.00 8.63
C ASP H 55 -32.92 39.41 8.83
N GLN H 56 -34.00 39.54 9.59
CA GLN H 56 -34.55 40.85 9.89
C GLN H 56 -33.52 41.68 10.65
N LEU H 57 -33.28 42.89 10.18
CA LEU H 57 -32.28 43.75 10.80
C LEU H 57 -32.90 44.47 11.98
N ASN H 58 -32.25 44.38 13.14
CA ASN H 58 -32.73 45.07 14.32
C ASN H 58 -32.65 46.58 14.13
N GLU H 59 -33.51 47.30 14.84
CA GLU H 59 -33.50 48.76 14.72
C GLU H 59 -32.16 49.34 15.15
N GLU H 60 -31.47 48.68 16.08
CA GLU H 60 -30.13 49.14 16.44
C GLU H 60 -29.16 48.97 15.28
N PHE H 61 -29.26 47.87 14.54
CA PHE H 61 -28.39 47.74 13.38
C PHE H 61 -28.80 48.72 12.28
N ILE H 62 -30.08 49.06 12.20
CA ILE H 62 -30.51 50.12 11.29
C ILE H 62 -29.86 51.44 11.67
N ASP H 63 -29.80 51.73 12.97
CA ASP H 63 -29.12 52.95 13.39
C ASP H 63 -27.63 52.89 13.09
N GLU H 64 -27.05 51.69 13.16
CA GLU H 64 -25.66 51.54 12.75
C GLU H 64 -25.49 51.86 11.28
N LEU H 65 -26.42 51.42 10.45
CA LEU H 65 -26.37 51.75 9.02
C LEU H 65 -26.54 53.25 8.80
N GLU H 66 -27.41 53.88 9.58
CA GLU H 66 -27.58 55.33 9.47
C GLU H 66 -26.28 56.05 9.79
N TYR H 67 -25.61 55.65 10.87
CA TYR H 67 -24.35 56.30 11.22
C TYR H 67 -23.28 56.00 10.17
N LEU H 68 -23.34 54.82 9.55
CA LEU H 68 -22.41 54.50 8.47
C LEU H 68 -22.62 55.43 7.28
N LYS H 69 -23.88 55.68 6.92
CA LYS H 69 -24.17 56.67 5.89
C LYS H 69 -23.62 58.03 6.26
N ILE H 70 -23.84 58.43 7.52
CA ILE H 70 -23.31 59.74 8.00
C ILE H 70 -21.79 59.74 7.80
N LYS H 71 -21.11 58.62 8.08
CA LYS H 71 -19.65 58.62 7.98
C LYS H 71 -19.20 58.68 6.53
N PHE H 72 -19.89 58.00 5.61
CA PHE H 72 -19.54 58.20 4.20
C PHE H 72 -19.65 59.66 3.84
N TYR H 73 -20.75 60.30 4.23
CA TYR H 73 -20.93 61.69 3.85
C TYR H 73 -19.86 62.58 4.47
N TYR H 74 -19.50 62.32 5.72
CA TYR H 74 -18.42 63.12 6.37
C TYR H 74 -17.14 62.97 5.55
N GLU H 75 -16.70 61.73 5.27
CA GLU H 75 -15.44 61.55 4.59
C GLU H 75 -15.48 62.15 3.19
N ALA H 76 -16.63 62.04 2.52
CA ALA H 76 -16.75 62.60 1.18
C ALA H 76 -16.69 64.12 1.21
N GLY H 77 -17.16 64.73 2.30
CA GLY H 77 -16.99 66.17 2.45
C GLY H 77 -15.58 66.56 2.81
N ARG H 78 -14.84 65.64 3.43
CA ARG H 78 -13.46 65.96 3.89
C ARG H 78 -12.51 66.04 2.69
N GLU H 79 -12.62 65.11 1.74
CA GLU H 79 -11.70 65.03 0.61
C GLU H 79 -12.47 64.92 -0.69
N LYS H 80 -11.88 65.47 -1.75
CA LYS H 80 -12.55 65.51 -3.06
C LYS H 80 -12.44 64.18 -3.79
N SER H 81 -11.28 63.51 -3.72
CA SER H 81 -11.12 62.25 -4.44
C SER H 81 -12.05 61.18 -3.89
N VAL H 82 -12.15 61.10 -2.56
CA VAL H 82 -13.10 60.17 -1.96
C VAL H 82 -14.52 60.51 -2.41
N ASP H 83 -14.81 61.80 -2.56
CA ASP H 83 -16.14 62.20 -3.03
C ASP H 83 -16.39 61.66 -4.44
N GLU H 84 -15.40 61.78 -5.33
CA GLU H 84 -15.57 61.29 -6.69
C GLU H 84 -15.71 59.78 -6.72
N PHE H 85 -14.90 59.08 -5.93
CA PHE H 85 -15.02 57.63 -5.81
C PHE H 85 -16.41 57.22 -5.35
N LEU H 86 -16.87 57.80 -4.25
CA LEU H 86 -18.18 57.43 -3.73
C LEU H 86 -19.27 57.79 -4.72
N LYS H 87 -19.13 58.92 -5.41
CA LYS H 87 -20.15 59.37 -6.35
C LYS H 87 -20.26 58.42 -7.53
N LYS H 88 -19.14 58.07 -8.13
CA LYS H 88 -19.20 57.23 -9.32
C LYS H 88 -19.48 55.78 -9.00
N THR H 89 -19.02 55.29 -7.84
CA THR H 89 -19.28 53.91 -7.47
C THR H 89 -20.66 53.69 -6.87
N LEU H 90 -21.50 54.71 -6.84
CA LEU H 90 -22.90 54.58 -6.41
C LEU H 90 -23.01 54.08 -4.99
N MET H 91 -21.98 54.31 -4.18
CA MET H 91 -22.02 53.94 -2.78
C MET H 91 -23.25 54.51 -2.10
N PHE H 92 -23.53 55.78 -2.31
CA PHE H 92 -24.67 56.40 -1.64
C PHE H 92 -25.99 55.77 -2.07
N PRO H 93 -26.27 55.59 -3.38
CA PRO H 93 -27.51 54.90 -3.75
C PRO H 93 -27.59 53.49 -3.21
N ILE H 94 -26.47 52.78 -3.20
CA ILE H 94 -26.47 51.41 -2.70
C ILE H 94 -26.79 51.38 -1.22
N ILE H 95 -26.19 52.28 -0.44
CA ILE H 95 -26.48 52.33 0.99
C ILE H 95 -27.93 52.68 1.22
N ASP H 96 -28.47 53.62 0.45
CA ASP H 96 -29.89 53.97 0.60
C ASP H 96 -30.77 52.75 0.33
N ARG H 97 -30.45 51.99 -0.71
CA ARG H 97 -31.25 50.80 -1.01
C ARG H 97 -31.09 49.75 0.08
N VAL H 98 -29.88 49.59 0.62
CA VAL H 98 -29.65 48.64 1.69
C VAL H 98 -30.50 49.00 2.90
N ILE H 99 -30.51 50.28 3.26
CA ILE H 99 -31.33 50.74 4.39
C ILE H 99 -32.80 50.47 4.11
N LYS H 100 -33.23 50.69 2.87
CA LYS H 100 -34.63 50.42 2.51
C LYS H 100 -34.97 48.94 2.66
N LYS H 101 -34.05 48.06 2.27
CA LYS H 101 -34.38 46.64 2.20
C LYS H 101 -34.41 45.99 3.58
N GLU H 102 -33.50 46.40 4.47
CA GLU H 102 -33.42 45.87 5.83
C GLU H 102 -33.19 44.36 5.86
N SER H 103 -32.46 43.83 4.88
CA SER H 103 -32.14 42.42 4.82
C SER H 103 -30.65 42.22 5.03
N LYS H 104 -30.30 41.19 5.83
CA LYS H 104 -28.90 40.97 6.19
C LYS H 104 -28.10 40.48 4.99
N LYS H 105 -28.68 39.60 4.19
CA LYS H 105 -27.93 39.02 3.08
C LYS H 105 -27.51 40.09 2.07
N PHE H 106 -28.39 41.05 1.81
CA PHE H 106 -28.02 42.13 0.91
C PHE H 106 -26.89 42.97 1.52
N PHE H 107 -26.88 43.14 2.83
CA PHE H 107 -25.80 43.87 3.46
C PHE H 107 -24.47 43.14 3.31
N LEU H 108 -24.49 41.82 3.45
CA LEU H 108 -23.27 41.06 3.22
C LEU H 108 -22.83 41.13 1.77
N ASP H 109 -23.77 41.14 0.83
CA ASP H 109 -23.42 41.29 -0.57
C ASP H 109 -22.76 42.65 -0.82
N TYR H 110 -23.31 43.70 -0.22
CA TYR H 110 -22.66 45.00 -0.26
C TYR H 110 -21.25 44.93 0.30
N CYS H 111 -21.08 44.22 1.41
CA CYS H 111 -19.76 44.07 1.99
C CYS H 111 -18.79 43.46 0.99
N LYS H 112 -19.21 42.41 0.31
CA LYS H 112 -18.34 41.78 -0.66
C LYS H 112 -18.01 42.74 -1.80
N TYR H 113 -19.01 43.47 -2.30
CA TYR H 113 -18.77 44.43 -3.37
C TYR H 113 -17.71 45.45 -2.95
N PHE H 114 -17.91 46.05 -1.78
CA PHE H 114 -17.01 47.11 -1.33
C PHE H 114 -15.62 46.56 -1.09
N GLU H 115 -15.53 45.33 -0.60
CA GLU H 115 -14.22 44.71 -0.46
C GLU H 115 -13.54 44.56 -1.79
N ALA H 116 -14.29 44.16 -2.82
CA ALA H 116 -13.71 44.05 -4.16
C ALA H 116 -13.23 45.41 -4.65
N LEU H 117 -14.04 46.45 -4.45
CA LEU H 117 -13.63 47.79 -4.81
C LEU H 117 -12.30 48.14 -4.18
N VAL H 118 -12.20 47.93 -2.87
CA VAL H 118 -10.98 48.31 -2.16
C VAL H 118 -9.80 47.49 -2.66
N ALA H 119 -10.02 46.20 -2.91
CA ALA H 119 -8.92 45.36 -3.35
C ALA H 119 -8.39 45.82 -4.70
N TYR H 120 -9.28 46.16 -5.62
CA TYR H 120 -8.83 46.69 -6.91
C TYR H 120 -8.08 47.99 -6.71
N ALA H 121 -8.64 48.90 -5.92
CA ALA H 121 -7.98 50.18 -5.69
C ALA H 121 -6.58 49.99 -5.13
N LYS H 122 -6.41 48.97 -4.29
CA LYS H 122 -5.11 48.71 -3.68
C LYS H 122 -4.14 48.08 -4.68
N TYR H 123 -4.65 47.21 -5.56
CA TYR H 123 -3.76 46.53 -6.50
C TYR H 123 -3.24 47.50 -7.56
N TYR H 124 -3.98 48.56 -7.85
CA TYR H 124 -3.55 49.58 -8.80
C TYR H 124 -3.13 50.80 -7.98
N GLN H 125 -1.83 50.90 -7.68
CA GLN H 125 -1.38 52.04 -6.90
C GLN H 125 0.01 52.45 -7.33
N LYS H 126 0.30 53.73 -7.10
CA LYS H 126 1.60 54.34 -7.35
C LYS H 126 2.77 53.45 -6.96
N MET I 1 -2.01 24.77 -22.39
CA MET I 1 -2.07 25.40 -21.07
C MET I 1 -1.34 24.56 -20.02
N THR I 2 -0.87 23.37 -20.42
CA THR I 2 0.01 22.61 -19.55
C THR I 2 1.44 23.17 -19.58
N PHE I 3 1.83 23.83 -20.67
CA PHE I 3 3.07 24.59 -20.59
C PHE I 3 2.99 25.61 -19.45
N ALA I 4 1.78 26.04 -19.11
CA ALA I 4 1.59 26.89 -17.95
C ALA I 4 1.77 26.13 -16.63
N HIS I 5 1.76 24.80 -16.67
CA HIS I 5 1.92 24.00 -15.42
C HIS I 5 3.39 23.62 -15.25
N GLU I 6 4.11 23.44 -16.36
CA GLU I 6 5.55 23.18 -16.34
C GLU I 6 6.41 24.40 -16.57
N VAL I 7 5.81 25.60 -16.66
CA VAL I 7 6.60 26.80 -16.62
C VAL I 7 7.32 26.91 -15.29
N VAL I 8 6.82 26.20 -14.27
CA VAL I 8 7.40 26.30 -12.94
C VAL I 8 8.85 25.83 -12.96
N LYS I 9 9.15 24.77 -13.70
CA LYS I 9 10.55 24.39 -13.84
C LYS I 9 11.33 25.38 -14.69
N SER I 10 10.69 26.01 -15.67
CA SER I 10 11.41 27.00 -16.46
C SER I 10 11.70 28.25 -15.65
N ASN I 11 11.10 28.37 -14.47
CA ASN I 11 11.31 29.53 -13.62
C ASN I 11 12.14 29.23 -12.39
N VAL I 12 13.12 28.34 -12.49
CA VAL I 12 14.13 28.17 -11.45
C VAL I 12 15.38 28.95 -11.87
N LYS I 13 15.52 30.15 -11.33
CA LYS I 13 16.61 31.06 -11.67
C LYS I 13 17.68 31.01 -10.58
N ASN I 14 18.69 31.89 -10.69
CA ASN I 14 19.75 31.97 -9.69
C ASN I 14 19.96 33.39 -9.18
N GLN I 24 19.91 30.80 -4.98
CA GLN I 24 18.88 30.49 -5.97
C GLN I 24 17.49 30.69 -5.38
N VAL I 25 16.66 31.45 -6.09
CA VAL I 25 15.30 31.75 -5.64
C VAL I 25 14.33 31.28 -6.72
N LEU I 26 13.10 31.01 -6.30
CA LEU I 26 12.06 30.50 -7.19
C LEU I 26 10.98 31.57 -7.37
N PHE I 27 10.57 31.77 -8.62
CA PHE I 27 9.57 32.79 -8.97
C PHE I 27 9.95 34.15 -8.40
N ASN I 28 11.25 34.41 -8.29
CA ASN I 28 11.78 35.53 -7.53
C ASN I 28 11.24 35.48 -6.10
N GLY I 29 11.64 34.41 -5.39
CA GLY I 29 11.39 34.34 -3.97
C GLY I 29 9.99 33.96 -3.55
N LEU I 30 9.23 33.29 -4.43
CA LEU I 30 7.96 32.73 -3.99
C LEU I 30 8.18 31.61 -2.99
N THR I 31 7.32 31.57 -1.99
CA THR I 31 7.23 30.43 -1.09
C THR I 31 5.78 30.01 -1.02
N THR I 32 5.57 28.69 -0.91
CA THR I 32 4.22 28.17 -0.78
C THR I 32 3.54 28.75 0.46
N SER I 33 4.32 29.04 1.49
CA SER I 33 3.79 29.66 2.69
C SER I 33 3.01 30.92 2.36
N LYS I 34 3.42 31.67 1.34
CA LYS I 34 2.69 32.86 0.95
C LYS I 34 1.46 32.56 0.12
N LEU I 35 1.17 31.29 -0.15
CA LEU I 35 0.01 30.91 -0.95
C LEU I 35 -1.13 30.36 -0.09
N ARG I 36 -1.03 30.51 1.22
CA ARG I 36 -1.88 29.75 2.14
C ARG I 36 -3.35 30.15 2.02
N ASN I 37 -3.64 31.44 1.98
CA ASN I 37 -5.03 31.86 1.90
C ASN I 37 -5.67 31.36 0.61
N LEU I 38 -4.92 31.44 -0.49
CA LEU I 38 -5.42 30.95 -1.75
C LEU I 38 -5.68 29.46 -1.68
N MET I 39 -4.75 28.69 -1.12
CA MET I 39 -4.95 27.25 -1.01
C MET I 39 -6.17 26.93 -0.17
N GLU I 40 -6.36 27.63 0.94
CA GLU I 40 -7.52 27.37 1.78
C GLU I 40 -8.81 27.61 1.03
N GLN I 41 -8.92 28.76 0.36
CA GLN I 41 -10.16 29.06 -0.37
C GLN I 41 -10.40 28.03 -1.46
N VAL I 42 -9.34 27.65 -2.17
CA VAL I 42 -9.48 26.69 -3.25
C VAL I 42 -9.98 25.35 -2.71
N ASN I 43 -9.42 24.90 -1.59
CA ASN I 43 -9.89 23.64 -1.03
C ASN I 43 -11.35 23.74 -0.61
N ARG I 44 -11.72 24.85 0.03
CA ARG I 44 -13.12 25.04 0.44
C ARG I 44 -14.06 24.84 -0.74
N LEU I 45 -13.84 25.60 -1.80
CA LEU I 45 -14.80 25.52 -2.87
C LEU I 45 -14.62 24.29 -3.73
N TYR I 46 -13.47 23.62 -3.66
CA TYR I 46 -13.35 22.32 -4.29
C TYR I 46 -14.25 21.32 -3.60
N THR I 47 -14.24 21.29 -2.28
CA THR I 47 -15.15 20.40 -1.57
C THR I 47 -16.60 20.73 -1.89
N ILE I 48 -16.93 22.02 -1.84
CA ILE I 48 -18.33 22.41 -2.04
C ILE I 48 -18.79 22.03 -3.44
N ALA I 49 -17.95 22.27 -4.46
CA ALA I 49 -18.33 21.89 -5.81
C ALA I 49 -18.41 20.38 -5.95
N PHE I 50 -17.47 19.65 -5.34
CA PHE I 50 -17.44 18.20 -5.48
C PHE I 50 -18.72 17.57 -4.95
N ASN I 51 -19.25 18.08 -3.84
CA ASN I 51 -20.50 17.51 -3.35
C ASN I 51 -21.66 17.82 -4.28
N SER I 52 -21.57 18.88 -5.08
CA SER I 52 -22.68 19.29 -5.93
C SER I 52 -23.02 18.22 -6.96
N ASN I 53 -24.33 18.09 -7.23
CA ASN I 53 -24.82 17.11 -8.19
C ASN I 53 -24.60 17.54 -9.65
N GLU I 54 -25.22 18.64 -10.05
CA GLU I 54 -25.32 18.99 -11.46
C GLU I 54 -24.07 19.72 -11.95
N ASP I 55 -23.98 19.84 -13.28
CA ASP I 55 -22.91 20.60 -13.92
C ASP I 55 -23.14 22.10 -13.84
N GLN I 56 -24.38 22.55 -13.93
CA GLN I 56 -24.68 23.97 -13.83
C GLN I 56 -24.40 24.45 -12.42
N LEU I 57 -23.52 25.43 -12.28
CA LEU I 57 -23.14 25.91 -10.97
C LEU I 57 -24.21 26.85 -10.41
N ASN I 58 -24.25 26.92 -9.08
CA ASN I 58 -25.10 27.90 -8.41
C ASN I 58 -24.70 29.31 -8.79
N GLU I 59 -25.69 30.19 -8.88
CA GLU I 59 -25.40 31.61 -9.06
C GLU I 59 -24.62 32.14 -7.86
N GLU I 60 -24.98 31.67 -6.66
CA GLU I 60 -24.14 31.97 -5.50
C GLU I 60 -22.74 31.42 -5.68
N PHE I 61 -22.61 30.27 -6.35
CA PHE I 61 -21.28 29.77 -6.64
C PHE I 61 -20.57 30.66 -7.66
N ILE I 62 -21.32 31.25 -8.57
CA ILE I 62 -20.72 32.23 -9.48
C ILE I 62 -20.18 33.41 -8.69
N ASP I 63 -20.96 33.89 -7.73
CA ASP I 63 -20.47 34.96 -6.85
C ASP I 63 -19.26 34.50 -6.06
N GLU I 64 -19.23 33.23 -5.68
CA GLU I 64 -18.07 32.70 -4.99
C GLU I 64 -16.84 32.78 -5.87
N LEU I 65 -16.98 32.40 -7.14
CA LEU I 65 -15.85 32.52 -8.07
C LEU I 65 -15.42 33.97 -8.22
N GLU I 66 -16.39 34.89 -8.24
CA GLU I 66 -16.04 36.31 -8.21
C GLU I 66 -15.19 36.62 -6.98
N TYR I 67 -15.54 36.02 -5.85
CA TYR I 67 -14.74 36.24 -4.64
C TYR I 67 -13.35 35.63 -4.79
N LEU I 68 -13.25 34.52 -5.52
CA LEU I 68 -11.92 34.00 -5.84
C LEU I 68 -11.10 35.03 -6.61
N LYS I 69 -11.66 35.65 -7.65
CA LYS I 69 -10.84 36.58 -8.40
C LYS I 69 -10.43 37.73 -7.49
N ILE I 70 -11.36 38.17 -6.64
CA ILE I 70 -11.05 39.25 -5.72
C ILE I 70 -9.83 38.89 -4.88
N LYS I 71 -9.85 37.68 -4.31
CA LYS I 71 -8.76 37.30 -3.43
C LYS I 71 -7.46 37.14 -4.20
N PHE I 72 -7.53 36.63 -5.43
CA PHE I 72 -6.33 36.50 -6.25
C PHE I 72 -5.69 37.85 -6.51
N TYR I 73 -6.50 38.83 -6.90
CA TYR I 73 -5.97 40.17 -7.12
C TYR I 73 -5.38 40.74 -5.84
N TYR I 74 -6.05 40.53 -4.71
CA TYR I 74 -5.53 41.08 -3.46
C TYR I 74 -4.18 40.48 -3.13
N GLU I 75 -4.05 39.16 -3.27
CA GLU I 75 -2.78 38.51 -2.98
C GLU I 75 -1.71 38.97 -3.96
N ALA I 76 -2.06 39.13 -5.24
CA ALA I 76 -1.10 39.65 -6.19
C ALA I 76 -0.66 41.05 -5.82
N GLY I 77 -1.55 41.81 -5.18
CA GLY I 77 -1.18 43.14 -4.72
C GLY I 77 -0.25 43.09 -3.53
N ARG I 78 -0.46 42.14 -2.63
CA ARG I 78 0.34 42.11 -1.41
C ARG I 78 1.79 41.71 -1.70
N GLU I 79 2.00 40.70 -2.52
CA GLU I 79 3.34 40.17 -2.76
C GLU I 79 3.65 40.17 -4.23
N LYS I 80 4.89 40.53 -4.57
CA LYS I 80 5.30 40.61 -5.97
C LYS I 80 5.56 39.22 -6.57
N SER I 81 6.12 38.30 -5.79
CA SER I 81 6.37 36.96 -6.32
C SER I 81 5.05 36.27 -6.66
N VAL I 82 4.06 36.40 -5.78
CA VAL I 82 2.72 35.89 -6.09
C VAL I 82 2.19 36.57 -7.34
N ASP I 83 2.47 37.87 -7.49
CA ASP I 83 2.01 38.59 -8.67
C ASP I 83 2.59 37.98 -9.93
N GLU I 84 3.90 37.71 -9.95
CA GLU I 84 4.52 37.11 -11.13
C GLU I 84 3.94 35.73 -11.40
N PHE I 85 3.85 34.91 -10.36
CA PHE I 85 3.26 33.58 -10.48
C PHE I 85 1.88 33.65 -11.13
N LEU I 86 1.02 34.51 -10.62
CA LEU I 86 -0.34 34.59 -11.14
C LEU I 86 -0.35 35.12 -12.57
N LYS I 87 0.43 36.16 -12.84
CA LYS I 87 0.34 36.84 -14.12
C LYS I 87 0.85 35.96 -15.25
N LYS I 88 2.02 35.36 -15.09
CA LYS I 88 2.64 34.69 -16.23
C LYS I 88 2.08 33.30 -16.47
N THR I 89 1.51 32.66 -15.46
CA THR I 89 0.95 31.32 -15.62
C THR I 89 -0.48 31.34 -16.14
N LEU I 90 -1.00 32.52 -16.49
CA LEU I 90 -2.32 32.68 -17.07
C LEU I 90 -3.43 32.36 -16.07
N MET I 91 -3.19 32.62 -14.78
CA MET I 91 -4.20 32.35 -13.77
C MET I 91 -5.45 33.20 -13.99
N PHE I 92 -5.26 34.50 -14.19
CA PHE I 92 -6.43 35.37 -14.33
C PHE I 92 -7.30 34.99 -15.53
N PRO I 93 -6.75 34.79 -16.74
CA PRO I 93 -7.64 34.41 -17.85
C PRO I 93 -8.35 33.10 -17.63
N ILE I 94 -7.68 32.12 -17.00
CA ILE I 94 -8.35 30.84 -16.79
C ILE I 94 -9.43 30.97 -15.74
N ILE I 95 -9.22 31.81 -14.72
CA ILE I 95 -10.29 32.06 -13.75
C ILE I 95 -11.49 32.66 -14.45
N ASP I 96 -11.26 33.66 -15.31
CA ASP I 96 -12.37 34.27 -16.03
C ASP I 96 -13.08 33.25 -16.89
N ARG I 97 -12.31 32.41 -17.59
CA ARG I 97 -12.88 31.41 -18.48
C ARG I 97 -13.72 30.39 -17.71
N VAL I 98 -13.22 29.92 -16.57
CA VAL I 98 -13.99 29.00 -15.73
C VAL I 98 -15.28 29.66 -15.27
N ILE I 99 -15.20 30.94 -14.92
CA ILE I 99 -16.41 31.67 -14.58
C ILE I 99 -17.34 31.74 -15.79
N LYS I 100 -16.77 31.77 -16.99
CA LYS I 100 -17.59 31.90 -18.19
C LYS I 100 -18.34 30.62 -18.52
N LYS I 101 -17.73 29.45 -18.36
CA LYS I 101 -18.44 28.24 -18.76
C LYS I 101 -19.36 27.70 -17.65
N GLU I 102 -19.04 27.96 -16.39
CA GLU I 102 -19.92 27.64 -15.26
C GLU I 102 -20.20 26.15 -15.12
N SER I 103 -19.38 25.29 -15.73
CA SER I 103 -19.57 23.86 -15.69
C SER I 103 -18.68 23.27 -14.59
N LYS I 104 -19.20 22.24 -13.91
CA LYS I 104 -18.46 21.68 -12.78
C LYS I 104 -17.14 21.08 -13.26
N LYS I 105 -17.19 20.25 -14.31
CA LYS I 105 -16.00 19.52 -14.73
C LYS I 105 -14.85 20.46 -15.08
N PHE I 106 -15.15 21.60 -15.69
CA PHE I 106 -14.09 22.55 -15.96
C PHE I 106 -13.56 23.17 -14.67
N PHE I 107 -14.42 23.37 -13.68
CA PHE I 107 -13.92 23.91 -12.42
C PHE I 107 -12.99 22.90 -11.76
N LEU I 108 -13.34 21.62 -11.81
CA LEU I 108 -12.42 20.59 -11.32
C LEU I 108 -11.15 20.57 -12.15
N ASP I 109 -11.25 20.81 -13.44
CA ASP I 109 -10.03 20.83 -14.26
C ASP I 109 -9.10 21.94 -13.79
N TYR I 110 -9.65 23.11 -13.52
CA TYR I 110 -8.84 24.19 -12.95
C TYR I 110 -8.28 23.79 -11.60
N CYS I 111 -9.08 23.10 -10.79
CA CYS I 111 -8.60 22.68 -9.48
C CYS I 111 -7.41 21.75 -9.59
N LYS I 112 -7.48 20.78 -10.50
CA LYS I 112 -6.34 19.89 -10.70
C LYS I 112 -5.13 20.64 -11.22
N TYR I 113 -5.32 21.59 -12.14
CA TYR I 113 -4.19 22.37 -12.61
C TYR I 113 -3.55 23.15 -11.47
N PHE I 114 -4.39 23.80 -10.66
CA PHE I 114 -3.87 24.64 -9.58
C PHE I 114 -3.17 23.80 -8.52
N GLU I 115 -3.74 22.64 -8.19
CA GLU I 115 -3.11 21.77 -7.21
C GLU I 115 -1.79 21.22 -7.73
N ALA I 116 -1.74 20.88 -9.02
CA ALA I 116 -0.48 20.44 -9.61
C ALA I 116 0.56 21.54 -9.52
N LEU I 117 0.16 22.77 -9.85
CA LEU I 117 1.05 23.90 -9.68
C LEU I 117 1.59 23.97 -8.27
N VAL I 118 0.68 23.93 -7.30
CA VAL I 118 1.08 24.14 -5.90
C VAL I 118 2.04 23.05 -5.47
N ALA I 119 1.70 21.79 -5.74
CA ALA I 119 2.56 20.70 -5.29
C ALA I 119 3.92 20.78 -5.96
N TYR I 120 3.94 21.01 -7.28
CA TYR I 120 5.22 21.00 -7.98
C TYR I 120 6.08 22.15 -7.50
N ALA I 121 5.48 23.31 -7.27
CA ALA I 121 6.24 24.42 -6.70
C ALA I 121 6.76 24.06 -5.33
N LYS I 122 5.93 23.39 -4.52
CA LYS I 122 6.35 23.01 -3.18
C LYS I 122 7.52 22.04 -3.23
N TYR I 123 7.69 21.34 -4.34
CA TYR I 123 8.84 20.45 -4.46
C TYR I 123 10.15 21.21 -4.27
N TYR I 124 10.25 22.43 -4.84
CA TYR I 124 11.43 23.26 -4.71
C TYR I 124 11.15 24.45 -3.80
N GLN I 125 11.86 24.51 -2.68
CA GLN I 125 11.74 25.65 -1.78
C GLN I 125 13.02 25.78 -0.97
N LYS I 126 13.80 26.83 -1.23
CA LYS I 126 15.01 27.20 -0.49
C LYS I 126 15.72 26.05 0.22
#